data_1FSK
#
_entry.id   1FSK
#
_cell.length_a   91.653
_cell.length_b   99.145
_cell.length_c   108.905
_cell.angle_alpha   105.70
_cell.angle_beta   98.32
_cell.angle_gamma   97.62
#
_symmetry.space_group_name_H-M   'P 1'
#
loop_
_entity.id
_entity.type
_entity.pdbx_description
1 polymer 'MAJOR POLLEN ALLERGEN BET V 1-A'
2 polymer 'IMMUNOGLOBULIN KAPPA LIGHT CHAIN'
3 polymer 'ANTIBODY HEAVY CHAIN FAB'
#
loop_
_entity_poly.entity_id
_entity_poly.type
_entity_poly.pdbx_seq_one_letter_code
_entity_poly.pdbx_strand_id
1 'polypeptide(L)'
;GVFNYETETTSVIPAARLFKAFILDGDNLFPKVAPQAISSVENIEGNGGPGTIKKISFPEGLPFKYVKDRVDEVDHTNFK
YNYSVIEGGPIGDTLEKISNEIKIVATPDGGSILKISNKYHTKGDHEVKAEQVKASKEMGETLLRAVESYLLAHSDAYN
;
A,D,G,J
2 'polypeptide(L)'
;NIVLTQSPKSMSVSVGERVTLSCKASENVDTYVFWFQQKPDQSPKLLLYGPSNRYTGVPDRFTGSGSTTDFTLTISSVQA
EDLADYHCGQSYSYPYTFGGGTKLEIKRADAAPTVSIFPPSSEQLTSGGASVVCFLNNFYPKDINVKWKIDGSERQNGVL
NSWTDQDSKDSTYSMSSTLTLTKDEYERHNSYTCEATHKTSTSPIVKSFNRNEC
;
B,E,H,K
3 'polypeptide(L)'
;QVQLQQPGTELVRPGASVILSCKASGYTFTSYWINWVKQRPGQGLEWVGNIFPSDSYTNYNQKFKDKATLTVDKSSSTAY
MQVNSPTSEDSAVYYCTRGARDTWFAYWGQGTLVTVSVAKTTPPSVFPLAPGSAAQTNSMVTLGCLVKGYFPEPVTVTWN
SGSLSSGVHTFPAVLQSDLYTLSSSVTVPSSTWPSETVTCNVAHPASSTKVDKKIVPRDC
;
C,F,I,L
#
# COMPACT_ATOMS: atom_id res chain seq x y z
N GLY A 1 -2.98 35.86 35.00
CA GLY A 1 -2.49 36.98 34.16
C GLY A 1 -3.30 37.08 32.89
N VAL A 2 -3.27 38.24 32.25
CA VAL A 2 -4.01 38.48 31.00
C VAL A 2 -3.23 39.44 30.12
N PHE A 3 -2.23 38.91 29.42
CA PHE A 3 -1.37 39.71 28.54
C PHE A 3 -1.77 39.71 27.06
N ASN A 4 -2.18 40.87 26.55
CA ASN A 4 -2.54 40.98 25.15
C ASN A 4 -1.27 41.04 24.27
N TYR A 5 -1.41 40.82 22.98
CA TYR A 5 -0.28 40.86 22.06
C TYR A 5 -0.76 41.06 20.63
N GLU A 6 -1.25 42.26 20.31
CA GLU A 6 -1.75 42.52 18.96
C GLU A 6 -0.73 42.26 17.83
N THR A 7 -1.22 42.33 16.59
CA THR A 7 -0.41 42.09 15.40
C THR A 7 -1.14 42.65 14.19
N GLU A 8 -0.43 42.75 13.08
CA GLU A 8 -1.00 43.25 11.83
C GLU A 8 -0.26 42.72 10.62
N THR A 9 -0.92 42.82 9.48
CA THR A 9 -0.35 42.35 8.24
C THR A 9 -1.27 42.74 7.11
N THR A 10 -0.71 42.74 5.90
CA THR A 10 -1.47 43.13 4.71
C THR A 10 -1.63 42.00 3.73
N SER A 11 -2.56 42.23 2.81
CA SER A 11 -2.83 41.26 1.76
C SER A 11 -3.49 41.96 0.61
N VAL A 12 -3.33 41.35 -0.55
CA VAL A 12 -3.88 41.86 -1.79
C VAL A 12 -5.38 41.59 -1.87
N ILE A 13 -5.78 40.38 -1.45
CA ILE A 13 -7.16 39.92 -1.46
C ILE A 13 -8.09 40.89 -0.75
N PRO A 14 -9.18 41.32 -1.41
CA PRO A 14 -10.08 42.25 -0.72
C PRO A 14 -10.60 41.59 0.56
N ALA A 15 -10.72 42.38 1.63
CA ALA A 15 -11.20 41.87 2.92
C ALA A 15 -12.34 40.87 2.72
N ALA A 16 -13.43 41.38 2.15
CA ALA A 16 -14.61 40.57 1.86
C ALA A 16 -14.21 39.13 1.58
N ARG A 17 -13.69 38.90 0.39
CA ARG A 17 -13.26 37.57 -0.03
C ARG A 17 -12.31 36.87 0.95
N LEU A 18 -11.21 37.53 1.31
CA LEU A 18 -10.26 36.92 2.21
C LEU A 18 -10.95 36.42 3.48
N PHE A 19 -11.96 37.15 3.94
CA PHE A 19 -12.67 36.76 5.14
C PHE A 19 -13.34 35.43 4.94
N LYS A 20 -14.20 35.38 3.93
CA LYS A 20 -14.90 34.16 3.60
C LYS A 20 -13.87 33.05 3.55
N ALA A 21 -12.91 33.23 2.67
CA ALA A 21 -11.86 32.24 2.50
C ALA A 21 -11.13 31.82 3.78
N PHE A 22 -10.20 32.66 4.23
CA PHE A 22 -9.36 32.42 5.40
C PHE A 22 -10.05 32.06 6.71
N ILE A 23 -11.21 32.67 6.96
CA ILE A 23 -11.93 32.41 8.20
C ILE A 23 -13.07 31.44 8.05
N LEU A 24 -14.16 31.93 7.46
CA LEU A 24 -15.36 31.12 7.28
C LEU A 24 -15.08 29.70 6.82
N ASP A 25 -14.48 29.51 5.65
CA ASP A 25 -14.22 28.15 5.19
C ASP A 25 -12.81 27.68 5.45
N GLY A 26 -12.00 28.59 5.98
CA GLY A 26 -10.63 28.28 6.25
C GLY A 26 -10.31 26.96 6.91
N ASP A 27 -11.09 26.59 7.90
CA ASP A 27 -10.80 25.37 8.65
C ASP A 27 -10.87 24.04 7.92
N ASN A 28 -11.03 24.07 6.60
CA ASN A 28 -11.06 22.84 5.79
C ASN A 28 -10.14 23.06 4.61
N LEU A 29 -9.80 24.33 4.44
CA LEU A 29 -8.93 24.81 3.40
C LEU A 29 -7.49 24.61 3.85
N PHE A 30 -7.26 24.81 5.13
CA PHE A 30 -5.93 24.68 5.69
C PHE A 30 -5.25 23.33 5.48
N PRO A 31 -5.94 22.23 5.77
CA PRO A 31 -5.22 20.96 5.56
C PRO A 31 -4.91 20.77 4.07
N LYS A 32 -5.63 21.52 3.24
CA LYS A 32 -5.43 21.44 1.79
C LYS A 32 -4.18 22.22 1.40
N VAL A 33 -4.19 23.53 1.67
CA VAL A 33 -3.06 24.39 1.33
C VAL A 33 -1.85 24.39 2.27
N ALA A 34 -2.04 24.12 3.55
CA ALA A 34 -0.89 24.13 4.47
C ALA A 34 -0.64 22.84 5.26
N PRO A 35 -0.65 21.69 4.55
CA PRO A 35 -0.45 20.32 5.02
C PRO A 35 0.58 20.04 6.10
N GLN A 36 1.62 20.87 6.16
CA GLN A 36 2.70 20.67 7.13
C GLN A 36 2.40 21.36 8.46
N ALA A 37 1.38 22.21 8.46
CA ALA A 37 0.99 22.94 9.66
C ALA A 37 -0.21 22.25 10.31
N ILE A 38 -1.29 22.18 9.53
CA ILE A 38 -2.54 21.58 9.95
C ILE A 38 -2.83 20.29 9.21
N SER A 39 -2.93 19.21 9.98
CA SER A 39 -3.23 17.91 9.45
C SER A 39 -4.72 17.84 9.07
N SER A 40 -5.59 18.00 10.07
CA SER A 40 -7.04 17.94 9.87
C SER A 40 -7.79 18.69 10.97
N VAL A 41 -8.98 19.18 10.64
CA VAL A 41 -9.82 19.90 11.61
C VAL A 41 -11.20 19.23 11.70
N GLU A 42 -11.72 19.04 12.92
CA GLU A 42 -13.03 18.43 13.04
C GLU A 42 -13.91 19.07 14.11
N ASN A 43 -15.23 19.13 13.87
CA ASN A 43 -16.19 19.72 14.79
C ASN A 43 -16.64 18.81 15.93
N ILE A 44 -15.86 18.80 17.01
CA ILE A 44 -16.15 18.03 18.21
C ILE A 44 -17.59 18.21 18.73
N GLU A 45 -18.12 19.42 18.62
CA GLU A 45 -19.50 19.75 19.01
C GLU A 45 -20.00 20.93 18.18
N GLY A 46 -21.20 20.84 17.65
CA GLY A 46 -21.70 21.96 16.88
C GLY A 46 -21.55 21.72 15.40
N ASN A 47 -22.28 22.50 14.62
CA ASN A 47 -22.25 22.35 13.19
C ASN A 47 -21.40 23.39 12.47
N GLY A 48 -20.43 23.97 13.17
CA GLY A 48 -19.59 24.95 12.51
C GLY A 48 -19.99 26.42 12.64
N GLY A 49 -21.17 26.71 13.15
CA GLY A 49 -21.54 28.10 13.33
C GLY A 49 -21.03 28.57 14.68
N PRO A 50 -21.45 29.75 15.15
CA PRO A 50 -21.02 30.29 16.44
C PRO A 50 -21.11 29.24 17.54
N GLY A 51 -20.11 29.21 18.41
CA GLY A 51 -20.10 28.25 19.49
C GLY A 51 -19.41 26.95 19.14
N THR A 52 -19.38 26.59 17.86
CA THR A 52 -18.75 25.33 17.46
C THR A 52 -17.38 25.07 18.11
N ILE A 53 -17.15 23.84 18.55
CA ILE A 53 -15.87 23.43 19.17
C ILE A 53 -15.11 22.53 18.19
N LYS A 54 -13.93 23.00 17.76
CA LYS A 54 -13.08 22.28 16.78
C LYS A 54 -11.82 21.65 17.37
N LYS A 55 -11.49 20.46 16.88
CA LYS A 55 -10.28 19.78 17.30
C LYS A 55 -9.36 19.85 16.08
N ILE A 56 -8.35 20.70 16.17
CA ILE A 56 -7.37 20.89 15.11
C ILE A 56 -6.18 19.96 15.33
N SER A 57 -5.93 19.08 14.36
CA SER A 57 -4.85 18.12 14.44
C SER A 57 -3.61 18.53 13.64
N PHE A 58 -2.44 18.18 14.19
CA PHE A 58 -1.15 18.52 13.60
C PHE A 58 -0.38 17.34 13.04
N PRO A 59 0.37 17.56 11.94
CA PRO A 59 1.17 16.50 11.31
C PRO A 59 2.19 15.99 12.33
N GLU A 60 2.32 14.68 12.41
CA GLU A 60 3.25 14.06 13.34
C GLU A 60 4.63 14.69 13.17
N GLY A 61 5.19 15.15 14.28
CA GLY A 61 6.49 15.78 14.22
C GLY A 61 6.50 17.15 14.89
N LEU A 62 5.50 17.98 14.56
CA LEU A 62 5.40 19.32 15.16
C LEU A 62 5.39 19.21 16.68
N PRO A 63 5.43 20.36 17.38
CA PRO A 63 5.42 20.33 18.85
C PRO A 63 4.21 19.68 19.49
N PHE A 64 3.01 20.07 19.04
CA PHE A 64 1.77 19.55 19.57
C PHE A 64 1.03 18.63 18.61
N LYS A 65 0.24 17.74 19.18
CA LYS A 65 -0.54 16.82 18.38
C LYS A 65 -1.88 17.46 17.94
N TYR A 66 -2.59 18.08 18.88
CA TYR A 66 -3.88 18.70 18.60
C TYR A 66 -4.11 19.94 19.46
N VAL A 67 -5.24 20.60 19.22
CA VAL A 67 -5.64 21.77 19.98
C VAL A 67 -7.11 22.04 19.71
N LYS A 68 -7.86 22.43 20.74
CA LYS A 68 -9.28 22.70 20.56
C LYS A 68 -9.58 24.17 20.75
N ASP A 69 -10.16 24.79 19.74
CA ASP A 69 -10.53 26.20 19.81
C ASP A 69 -12.05 26.22 19.90
N ARG A 70 -12.62 27.39 20.09
CA ARG A 70 -14.05 27.50 20.22
C ARG A 70 -14.57 28.78 19.60
N VAL A 71 -15.26 28.66 18.48
CA VAL A 71 -15.80 29.85 17.82
C VAL A 71 -16.59 30.58 18.87
N ASP A 72 -16.30 31.87 19.07
CA ASP A 72 -17.01 32.63 20.09
C ASP A 72 -17.98 33.64 19.54
N GLU A 73 -17.58 34.30 18.47
CA GLU A 73 -18.47 35.28 17.89
C GLU A 73 -18.04 35.42 16.44
N VAL A 74 -19.01 35.71 15.57
CA VAL A 74 -18.69 35.86 14.16
C VAL A 74 -19.49 36.97 13.51
N ASP A 75 -18.92 38.17 13.39
CA ASP A 75 -19.64 39.24 12.73
C ASP A 75 -19.41 39.08 11.26
N HIS A 76 -20.48 38.87 10.52
CA HIS A 76 -20.36 38.68 9.10
C HIS A 76 -20.12 39.95 8.33
N THR A 77 -20.93 40.97 8.57
CA THR A 77 -20.77 42.23 7.85
C THR A 77 -19.40 42.90 8.06
N ASN A 78 -18.91 42.91 9.30
CA ASN A 78 -17.64 43.55 9.61
C ASN A 78 -16.41 42.67 9.57
N PHE A 79 -16.57 41.41 9.19
CA PHE A 79 -15.44 40.49 9.12
C PHE A 79 -14.67 40.36 10.42
N LYS A 80 -15.36 40.45 11.55
CA LYS A 80 -14.73 40.28 12.85
C LYS A 80 -15.01 38.84 13.29
N TYR A 81 -14.01 38.17 13.82
CA TYR A 81 -14.19 36.80 14.22
C TYR A 81 -13.35 36.48 15.45
N ASN A 82 -14.02 36.04 16.51
CA ASN A 82 -13.33 35.74 17.75
C ASN A 82 -13.42 34.27 18.05
N TYR A 83 -12.44 33.75 18.77
CA TYR A 83 -12.43 32.35 19.15
C TYR A 83 -11.44 32.14 20.28
N SER A 84 -11.43 30.95 20.87
CA SER A 84 -10.56 30.70 22.02
C SER A 84 -9.88 29.35 22.02
N VAL A 85 -8.58 29.36 22.27
CA VAL A 85 -7.88 28.09 22.35
C VAL A 85 -8.24 27.64 23.74
N ILE A 86 -8.64 26.38 23.91
CA ILE A 86 -9.06 25.95 25.24
C ILE A 86 -8.55 24.61 25.72
N GLU A 87 -7.93 23.84 24.85
CA GLU A 87 -7.41 22.56 25.31
C GLU A 87 -6.30 22.09 24.38
N GLY A 88 -5.33 21.39 24.97
CA GLY A 88 -4.21 20.86 24.22
C GLY A 88 -3.29 21.91 23.64
N GLY A 89 -2.00 21.59 23.54
CA GLY A 89 -1.04 22.52 22.99
C GLY A 89 -0.50 23.51 24.01
N PRO A 90 -0.47 24.81 23.68
CA PRO A 90 0.01 25.86 24.58
C PRO A 90 -0.74 25.87 25.90
N ILE A 91 -1.92 25.28 25.90
CA ILE A 91 -2.74 25.24 27.09
C ILE A 91 -2.22 24.24 28.12
N GLY A 92 -2.23 24.66 29.37
CA GLY A 92 -1.77 23.80 30.45
C GLY A 92 -0.81 24.48 31.41
N ASP A 93 -1.01 24.22 32.70
CA ASP A 93 -0.15 24.78 33.76
C ASP A 93 -0.10 26.30 33.73
N THR A 94 0.92 26.79 33.02
CA THR A 94 1.15 28.22 32.88
C THR A 94 0.00 28.95 32.15
N LEU A 95 -0.53 28.32 31.12
CA LEU A 95 -1.61 28.91 30.33
C LEU A 95 -2.96 28.25 30.58
N GLU A 96 -4.00 29.07 30.72
CA GLU A 96 -5.37 28.60 30.95
C GLU A 96 -6.09 28.49 29.60
N LYS A 97 -6.25 29.63 28.93
CA LYS A 97 -6.92 29.68 27.63
C LYS A 97 -6.46 30.94 26.90
N ILE A 98 -6.48 30.89 25.57
CA ILE A 98 -6.09 32.05 24.76
C ILE A 98 -7.28 32.58 23.98
N SER A 99 -7.63 33.82 24.22
CA SER A 99 -8.73 34.41 23.49
C SER A 99 -8.09 35.05 22.30
N ASN A 100 -8.76 35.04 21.16
CA ASN A 100 -8.21 35.64 19.97
C ASN A 100 -9.27 36.38 19.23
N GLU A 101 -8.85 37.39 18.49
CA GLU A 101 -9.78 38.15 17.71
C GLU A 101 -9.11 38.56 16.42
N ILE A 102 -9.78 38.29 15.30
CA ILE A 102 -9.23 38.62 14.01
C ILE A 102 -10.23 39.50 13.27
N LYS A 103 -9.76 40.68 12.90
CA LYS A 103 -10.62 41.60 12.19
C LYS A 103 -9.94 41.88 10.84
N ILE A 104 -10.72 41.95 9.78
CA ILE A 104 -10.19 42.21 8.45
C ILE A 104 -10.81 43.46 7.85
N VAL A 105 -9.93 44.42 7.55
CA VAL A 105 -10.29 45.74 7.00
C VAL A 105 -9.85 45.95 5.55
N ALA A 106 -10.77 46.44 4.73
CA ALA A 106 -10.48 46.68 3.33
C ALA A 106 -9.80 48.02 3.08
N THR A 107 -8.54 47.96 2.66
CA THR A 107 -7.76 49.16 2.36
C THR A 107 -8.24 49.74 1.02
N PRO A 108 -8.15 51.07 0.84
CA PRO A 108 -8.57 51.80 -0.37
C PRO A 108 -8.03 51.26 -1.70
N ASP A 109 -6.83 50.70 -1.65
CA ASP A 109 -6.20 50.14 -2.83
C ASP A 109 -6.79 48.79 -3.25
N GLY A 110 -7.82 48.34 -2.53
CA GLY A 110 -8.45 47.07 -2.86
C GLY A 110 -8.01 45.93 -1.95
N GLY A 111 -6.73 45.93 -1.54
CA GLY A 111 -6.21 44.89 -0.66
C GLY A 111 -6.86 44.85 0.71
N SER A 112 -6.09 44.50 1.73
CA SER A 112 -6.65 44.42 3.07
C SER A 112 -5.62 44.25 4.18
N ILE A 113 -6.10 44.38 5.43
CA ILE A 113 -5.28 44.25 6.62
C ILE A 113 -5.92 43.36 7.68
N LEU A 114 -5.11 42.54 8.33
CA LEU A 114 -5.59 41.63 9.36
C LEU A 114 -5.06 41.96 10.73
N LYS A 115 -5.87 42.58 11.57
CA LYS A 115 -5.45 42.88 12.94
C LYS A 115 -5.65 41.58 13.75
N ILE A 116 -4.86 41.36 14.80
CA ILE A 116 -4.96 40.10 15.56
C ILE A 116 -4.57 40.12 17.06
N SER A 117 -5.57 40.07 17.95
CA SER A 117 -5.29 40.07 19.40
C SER A 117 -4.89 38.69 19.91
N ASN A 118 -4.47 38.62 21.16
CA ASN A 118 -4.06 37.34 21.72
C ASN A 118 -3.97 37.32 23.24
N LYS A 119 -5.05 37.65 23.92
CA LYS A 119 -5.02 37.67 25.37
C LYS A 119 -4.70 36.27 25.89
N TYR A 120 -3.54 36.12 26.51
CA TYR A 120 -3.16 34.83 27.06
C TYR A 120 -3.52 34.82 28.54
N HIS A 121 -4.62 34.15 28.89
CA HIS A 121 -5.04 34.05 30.27
C HIS A 121 -4.07 33.06 30.93
N THR A 122 -3.20 33.61 31.77
CA THR A 122 -2.20 32.81 32.45
C THR A 122 -2.63 32.52 33.88
N LYS A 123 -2.01 31.48 34.45
CA LYS A 123 -2.32 31.08 35.81
C LYS A 123 -1.74 32.07 36.81
N GLY A 124 -2.65 32.78 37.48
CA GLY A 124 -2.25 33.77 38.47
C GLY A 124 -1.43 34.85 37.82
N ASP A 125 -0.15 34.58 37.61
CA ASP A 125 0.71 35.57 36.97
C ASP A 125 2.01 35.04 36.38
N HIS A 126 2.07 33.75 36.04
CA HIS A 126 3.29 33.24 35.42
C HIS A 126 3.38 34.01 34.09
N GLU A 127 4.53 33.99 33.43
CA GLU A 127 4.71 34.73 32.18
C GLU A 127 4.50 33.98 30.86
N VAL A 128 4.31 34.77 29.81
CA VAL A 128 4.10 34.31 28.45
C VAL A 128 5.45 34.04 27.80
N LYS A 129 5.89 32.80 27.80
CA LYS A 129 7.18 32.48 27.20
C LYS A 129 7.21 32.99 25.77
N ALA A 130 8.07 33.99 25.51
CA ALA A 130 8.22 34.58 24.18
C ALA A 130 8.19 33.50 23.11
N GLU A 131 8.40 32.28 23.55
CA GLU A 131 8.37 31.11 22.68
C GLU A 131 7.08 31.12 21.90
N GLN A 132 5.98 31.04 22.64
CA GLN A 132 4.66 31.03 22.06
C GLN A 132 4.38 32.25 21.20
N VAL A 133 4.46 33.43 21.79
CA VAL A 133 4.16 34.63 21.04
C VAL A 133 4.84 34.59 19.68
N LYS A 134 5.94 33.83 19.62
CA LYS A 134 6.74 33.66 18.40
C LYS A 134 6.02 32.74 17.40
N ALA A 135 5.76 31.51 17.82
CA ALA A 135 5.08 30.53 16.96
C ALA A 135 3.72 31.04 16.49
N SER A 136 2.90 31.49 17.41
CA SER A 136 1.57 32.01 17.09
C SER A 136 1.61 32.98 15.92
N LYS A 137 2.71 33.72 15.81
CA LYS A 137 2.91 34.69 14.75
C LYS A 137 3.26 34.06 13.41
N GLU A 138 4.10 33.03 13.47
CA GLU A 138 4.54 32.31 12.27
C GLU A 138 3.46 31.35 11.81
N MET A 139 2.86 30.65 12.78
CA MET A 139 1.77 29.72 12.50
C MET A 139 0.78 30.49 11.63
N GLY A 140 0.12 31.47 12.24
CA GLY A 140 -0.84 32.26 11.50
C GLY A 140 -0.24 32.98 10.30
N GLU A 141 1.07 33.14 10.31
CA GLU A 141 1.74 33.83 9.21
C GLU A 141 1.67 33.01 7.93
N THR A 142 2.30 31.84 7.99
CA THR A 142 2.33 30.95 6.84
C THR A 142 0.91 30.76 6.30
N LEU A 143 -0.03 30.43 7.20
CA LEU A 143 -1.42 30.20 6.82
C LEU A 143 -1.99 31.32 5.98
N LEU A 144 -1.92 32.55 6.46
CA LEU A 144 -2.45 33.63 5.66
C LEU A 144 -1.76 33.59 4.30
N ARG A 145 -0.47 33.27 4.30
CA ARG A 145 0.27 33.20 3.05
C ARG A 145 -0.26 32.07 2.15
N ALA A 146 -0.25 30.83 2.66
CA ALA A 146 -0.73 29.68 1.91
C ALA A 146 -2.09 29.93 1.26
N VAL A 147 -2.93 30.70 1.93
CA VAL A 147 -4.25 31.00 1.40
C VAL A 147 -4.17 32.10 0.34
N GLU A 148 -3.34 33.11 0.57
CA GLU A 148 -3.19 34.20 -0.39
C GLU A 148 -2.82 33.61 -1.75
N SER A 149 -1.81 32.75 -1.74
CA SER A 149 -1.33 32.10 -2.94
C SER A 149 -2.50 31.37 -3.61
N TYR A 150 -3.03 30.36 -2.92
CA TYR A 150 -4.15 29.58 -3.42
C TYR A 150 -5.23 30.50 -3.97
N LEU A 151 -5.69 31.42 -3.13
CA LEU A 151 -6.72 32.35 -3.57
C LEU A 151 -6.37 33.00 -4.89
N LEU A 152 -5.09 33.33 -5.06
CA LEU A 152 -4.61 33.97 -6.28
C LEU A 152 -4.69 33.05 -7.49
N ALA A 153 -4.10 31.87 -7.35
CA ALA A 153 -4.07 30.87 -8.41
C ALA A 153 -5.46 30.40 -8.83
N HIS A 154 -6.46 30.57 -7.97
CA HIS A 154 -7.81 30.13 -8.28
C HIS A 154 -8.81 31.26 -8.21
N SER A 155 -8.55 32.28 -9.02
CA SER A 155 -9.34 33.48 -9.12
C SER A 155 -10.87 33.40 -9.10
N ASP A 156 -11.44 32.26 -9.49
CA ASP A 156 -12.91 32.10 -9.52
C ASP A 156 -13.49 31.61 -8.19
N ALA A 157 -12.60 31.22 -7.28
CA ALA A 157 -12.95 30.73 -5.96
C ALA A 157 -13.56 31.81 -5.07
N TYR A 158 -14.09 31.35 -3.94
CA TYR A 158 -14.72 32.20 -2.93
C TYR A 158 -15.26 33.52 -3.43
N ASN A 159 -16.17 33.42 -4.41
CA ASN A 159 -16.80 34.57 -5.04
C ASN A 159 -15.93 35.04 -6.20
N ASN B 1 -30.60 38.14 14.64
CA ASN B 1 -31.88 37.44 14.94
C ASN B 1 -32.61 37.00 13.66
N ILE B 2 -32.48 35.72 13.30
CA ILE B 2 -33.12 35.18 12.10
C ILE B 2 -34.50 34.62 12.38
N VAL B 3 -35.27 34.37 11.32
CA VAL B 3 -36.62 33.80 11.47
C VAL B 3 -36.85 32.63 10.54
N LEU B 4 -37.02 31.45 11.13
CA LEU B 4 -37.26 30.24 10.35
C LEU B 4 -38.75 30.07 10.19
N THR B 5 -39.22 30.08 8.95
CA THR B 5 -40.64 29.94 8.69
C THR B 5 -41.04 28.58 8.11
N GLN B 6 -41.90 27.89 8.85
CA GLN B 6 -42.37 26.57 8.45
C GLN B 6 -43.78 26.60 7.89
N SER B 7 -43.99 25.81 6.84
CA SER B 7 -45.30 25.72 6.18
C SER B 7 -45.51 24.40 5.49
N PRO B 8 -46.75 23.89 5.52
CA PRO B 8 -47.93 24.49 6.17
C PRO B 8 -47.94 24.34 7.68
N LYS B 9 -48.95 24.86 8.34
CA LYS B 9 -48.99 24.73 9.77
C LYS B 9 -49.16 23.26 10.12
N SER B 10 -49.78 22.49 9.21
CA SER B 10 -49.99 21.05 9.42
C SER B 10 -50.20 20.29 8.11
N MET B 11 -49.95 18.98 8.14
CA MET B 11 -50.10 18.13 6.97
C MET B 11 -50.81 16.84 7.33
N SER B 12 -51.67 16.40 6.41
CA SER B 12 -52.41 15.16 6.61
C SER B 12 -52.23 14.26 5.41
N VAL B 13 -51.62 13.10 5.64
CA VAL B 13 -51.38 12.15 4.57
C VAL B 13 -51.61 10.75 5.09
N SER B 14 -51.72 9.81 4.17
CA SER B 14 -51.98 8.44 4.57
C SER B 14 -50.72 7.66 4.70
N VAL B 15 -50.76 6.68 5.58
CA VAL B 15 -49.57 5.88 5.81
C VAL B 15 -49.12 5.10 4.56
N GLY B 16 -47.94 5.49 4.08
CA GLY B 16 -47.32 4.89 2.90
C GLY B 16 -46.95 6.04 1.99
N GLU B 17 -47.74 7.11 2.10
CA GLU B 17 -47.58 8.34 1.31
C GLU B 17 -46.22 8.99 1.42
N ARG B 18 -46.02 10.02 0.62
CA ARG B 18 -44.77 10.75 0.63
C ARG B 18 -45.07 12.18 1.03
N VAL B 19 -44.17 12.76 1.81
CA VAL B 19 -44.38 14.12 2.29
C VAL B 19 -43.09 14.89 2.31
N THR B 20 -43.23 16.20 2.21
CA THR B 20 -42.11 17.10 2.26
C THR B 20 -42.50 18.35 3.01
N LEU B 21 -41.71 18.66 4.05
CA LEU B 21 -41.91 19.83 4.91
C LEU B 21 -40.94 20.91 4.45
N SER B 22 -41.31 22.16 4.70
CA SER B 22 -40.46 23.28 4.31
C SER B 22 -40.07 24.21 5.45
N CYS B 23 -38.85 24.72 5.38
CA CYS B 23 -38.35 25.68 6.35
C CYS B 23 -37.66 26.75 5.53
N LYS B 24 -38.11 28.00 5.71
CA LYS B 24 -37.55 29.14 4.98
C LYS B 24 -37.06 30.20 5.97
N ALA B 25 -35.78 30.55 5.88
CA ALA B 25 -35.18 31.55 6.76
C ALA B 25 -35.19 32.94 6.16
N SER B 26 -35.16 33.96 7.01
CA SER B 26 -35.18 35.34 6.57
C SER B 26 -33.84 35.81 5.98
N GLU B 27 -32.84 34.93 5.96
CA GLU B 27 -31.53 35.27 5.42
C GLU B 27 -30.81 34.00 5.02
N ASN B 28 -29.56 34.14 4.66
CA ASN B 28 -28.78 32.98 4.30
C ASN B 28 -28.28 32.45 5.62
N VAL B 29 -28.27 31.13 5.75
CA VAL B 29 -27.79 30.49 6.97
C VAL B 29 -26.87 29.39 6.51
N ASP B 30 -26.64 29.36 5.21
CA ASP B 30 -25.75 28.39 4.61
C ASP B 30 -26.18 26.97 4.84
N THR B 31 -25.62 26.30 5.84
CA THR B 31 -25.99 24.92 6.09
C THR B 31 -26.18 24.63 7.57
N TYR B 32 -26.25 25.70 8.35
CA TYR B 32 -26.40 25.60 9.78
C TYR B 32 -27.85 25.39 10.19
N VAL B 33 -28.46 24.44 9.50
CA VAL B 33 -29.84 24.10 9.75
C VAL B 33 -29.94 22.64 10.14
N PHE B 34 -30.98 22.31 10.91
CA PHE B 34 -31.19 20.95 11.40
C PHE B 34 -32.67 20.75 11.78
N TRP B 35 -33.09 19.48 11.76
CA TRP B 35 -34.47 19.12 12.05
C TRP B 35 -34.71 18.27 13.27
N PHE B 36 -35.83 18.55 13.94
CA PHE B 36 -36.24 17.82 15.12
C PHE B 36 -37.57 17.14 14.89
N GLN B 37 -37.75 15.98 15.52
CA GLN B 37 -39.01 15.24 15.43
C GLN B 37 -39.54 15.09 16.85
N GLN B 38 -40.61 15.80 17.18
CA GLN B 38 -41.15 15.71 18.52
C GLN B 38 -42.52 15.03 18.58
N LYS B 39 -42.54 13.79 19.04
CA LYS B 39 -43.77 13.01 19.16
C LYS B 39 -44.53 13.52 20.38
N PRO B 40 -45.81 13.13 20.52
CA PRO B 40 -46.61 13.58 21.67
C PRO B 40 -46.04 13.06 22.99
N ASP B 41 -45.85 13.98 23.94
CA ASP B 41 -45.29 13.69 25.27
C ASP B 41 -43.87 13.18 25.23
N GLN B 42 -43.00 13.89 24.50
CA GLN B 42 -41.60 13.53 24.39
C GLN B 42 -40.75 14.75 24.10
N SER B 43 -39.55 14.79 24.65
CA SER B 43 -38.68 15.91 24.38
C SER B 43 -38.33 15.81 22.90
N PRO B 44 -37.98 16.94 22.24
CA PRO B 44 -37.65 16.83 20.82
C PRO B 44 -36.50 15.85 20.62
N LYS B 45 -36.39 15.32 19.41
CA LYS B 45 -35.33 14.38 19.08
C LYS B 45 -34.67 14.92 17.83
N LEU B 46 -33.34 14.81 17.80
CA LEU B 46 -32.58 15.29 16.66
C LEU B 46 -32.83 14.36 15.48
N LEU B 47 -33.49 14.87 14.47
CA LEU B 47 -33.81 14.07 13.29
C LEU B 47 -32.70 14.21 12.25
N LEU B 48 -32.67 15.37 11.61
CA LEU B 48 -31.67 15.68 10.62
C LEU B 48 -30.74 16.75 11.18
N TYR B 49 -29.51 16.37 11.50
CA TYR B 49 -28.52 17.30 12.02
C TYR B 49 -27.90 17.85 10.74
N GLY B 50 -27.90 19.16 10.53
CA GLY B 50 -27.39 19.66 9.25
C GLY B 50 -28.33 19.16 8.14
N PRO B 51 -28.73 20.01 7.16
CA PRO B 51 -29.64 19.51 6.12
C PRO B 51 -29.19 18.20 5.48
N SER B 52 -30.13 17.45 4.93
CA SER B 52 -29.82 16.18 4.28
C SER B 52 -28.86 15.25 5.04
N ASN B 53 -28.97 15.17 6.36
CA ASN B 53 -28.09 14.28 7.12
C ASN B 53 -28.78 13.57 8.29
N ARG B 54 -29.07 12.29 8.12
CA ARG B 54 -29.76 11.55 9.17
C ARG B 54 -28.91 11.32 10.41
N TYR B 55 -29.37 11.81 11.54
CA TYR B 55 -28.65 11.63 12.79
C TYR B 55 -28.72 10.15 13.18
N THR B 56 -27.86 9.72 14.09
CA THR B 56 -27.83 8.34 14.54
C THR B 56 -29.23 7.81 14.78
N GLY B 57 -29.55 6.69 14.11
CA GLY B 57 -30.86 6.07 14.26
C GLY B 57 -31.74 6.30 13.06
N VAL B 58 -32.35 7.49 12.99
CA VAL B 58 -33.22 7.89 11.90
C VAL B 58 -33.20 6.99 10.64
N PRO B 59 -34.35 6.37 10.31
CA PRO B 59 -34.50 5.49 9.14
C PRO B 59 -34.41 6.24 7.81
N ASP B 60 -33.86 5.56 6.80
CA ASP B 60 -33.66 6.16 5.48
C ASP B 60 -34.89 6.70 4.79
N ARG B 61 -36.02 6.63 5.48
CA ARG B 61 -37.28 7.13 4.93
C ARG B 61 -37.21 8.66 5.04
N PHE B 62 -36.28 9.10 5.89
CA PHE B 62 -36.04 10.51 6.17
C PHE B 62 -34.85 11.08 5.37
N THR B 63 -35.04 12.27 4.82
CA THR B 63 -33.99 12.91 4.05
C THR B 63 -34.34 14.38 3.95
N GLY B 64 -33.37 15.19 3.53
CA GLY B 64 -33.64 16.60 3.42
C GLY B 64 -32.64 17.30 2.53
N SER B 65 -32.81 18.60 2.37
CA SER B 65 -31.90 19.35 1.54
C SER B 65 -32.12 20.87 1.55
N GLY B 66 -31.12 21.56 1.02
CA GLY B 66 -31.17 22.99 0.94
C GLY B 66 -29.89 23.62 1.43
N SER B 67 -29.90 24.94 1.38
CA SER B 67 -28.80 25.75 1.80
C SER B 67 -29.26 27.16 1.44
N THR B 68 -28.50 28.14 1.87
CA THR B 68 -28.86 29.52 1.58
C THR B 68 -30.09 29.94 2.38
N THR B 69 -31.27 29.68 1.84
CA THR B 69 -32.46 30.12 2.54
C THR B 69 -33.65 29.15 2.58
N ASP B 70 -33.73 28.19 1.65
CA ASP B 70 -34.85 27.25 1.63
C ASP B 70 -34.42 25.80 1.87
N PHE B 71 -35.10 25.15 2.82
CA PHE B 71 -34.78 23.76 3.18
C PHE B 71 -36.02 22.89 3.29
N THR B 72 -35.82 21.57 3.20
CA THR B 72 -36.93 20.64 3.27
C THR B 72 -36.62 19.26 3.82
N LEU B 73 -37.56 18.78 4.63
CA LEU B 73 -37.47 17.45 5.20
C LEU B 73 -38.48 16.64 4.40
N THR B 74 -38.12 15.42 4.03
CA THR B 74 -39.05 14.61 3.26
C THR B 74 -39.07 13.17 3.71
N ILE B 75 -40.28 12.63 3.82
CA ILE B 75 -40.40 11.24 4.18
C ILE B 75 -40.97 10.60 2.93
N SER B 76 -40.24 9.60 2.45
CA SER B 76 -40.59 8.87 1.26
C SER B 76 -41.99 8.28 1.42
N SER B 77 -42.15 7.45 2.45
CA SER B 77 -43.41 6.80 2.74
C SER B 77 -43.74 6.79 4.25
N VAL B 78 -44.46 7.84 4.68
CA VAL B 78 -44.88 8.04 6.07
C VAL B 78 -45.38 6.77 6.78
N GLN B 79 -45.08 6.63 8.06
CA GLN B 79 -45.56 5.47 8.82
C GLN B 79 -46.51 5.98 9.86
N ALA B 80 -47.10 5.09 10.64
CA ALA B 80 -48.01 5.54 11.67
C ALA B 80 -47.26 6.15 12.85
N GLU B 81 -45.97 5.84 12.95
CA GLU B 81 -45.10 6.29 14.04
C GLU B 81 -44.70 7.73 13.77
N ASP B 82 -44.29 7.97 12.54
CA ASP B 82 -43.83 9.27 12.08
C ASP B 82 -44.80 10.39 12.35
N LEU B 83 -45.86 10.04 13.05
CA LEU B 83 -46.83 11.03 13.44
C LEU B 83 -46.09 11.87 14.47
N ALA B 84 -45.91 13.16 14.19
CA ALA B 84 -45.19 14.01 15.14
C ALA B 84 -45.23 15.47 14.75
N ASP B 85 -44.55 16.28 15.56
CA ASP B 85 -44.46 17.70 15.25
C ASP B 85 -42.99 17.86 14.85
N TYR B 86 -42.79 18.30 13.61
CA TYR B 86 -41.44 18.46 13.08
C TYR B 86 -40.91 19.89 13.15
N HIS B 87 -39.69 20.02 13.65
CA HIS B 87 -39.07 21.33 13.87
C HIS B 87 -37.81 21.71 13.12
N CYS B 88 -37.59 23.03 13.08
CA CYS B 88 -36.45 23.65 12.43
C CYS B 88 -35.61 24.56 13.30
N GLY B 89 -34.29 24.45 13.11
CA GLY B 89 -33.39 25.29 13.87
C GLY B 89 -32.14 25.66 13.10
N GLN B 90 -31.63 26.86 13.36
CA GLN B 90 -30.42 27.36 12.74
C GLN B 90 -29.46 27.81 13.82
N SER B 91 -28.18 27.71 13.52
CA SER B 91 -27.15 28.13 14.46
C SER B 91 -26.11 28.86 13.64
N TYR B 92 -26.62 29.63 12.70
CA TYR B 92 -25.79 30.43 11.84
C TYR B 92 -25.43 31.63 12.68
N SER B 93 -26.44 32.39 13.08
CA SER B 93 -26.22 33.57 13.93
C SER B 93 -26.72 33.26 15.34
N TYR B 94 -26.28 34.02 16.33
CA TYR B 94 -26.84 33.86 17.67
C TYR B 94 -27.86 35.01 17.54
N PRO B 95 -29.06 34.88 18.09
CA PRO B 95 -29.58 33.77 18.85
C PRO B 95 -30.02 32.71 17.88
N TYR B 96 -29.83 31.50 18.34
CA TYR B 96 -30.27 30.36 17.60
C TYR B 96 -31.79 30.50 17.63
N THR B 97 -32.43 30.23 16.52
CA THR B 97 -33.87 30.33 16.48
C THR B 97 -34.48 29.06 15.90
N PHE B 98 -35.80 28.91 16.04
CA PHE B 98 -36.49 27.73 15.51
C PHE B 98 -37.69 28.01 14.61
N GLY B 99 -38.06 27.02 13.81
CA GLY B 99 -39.24 27.15 12.97
C GLY B 99 -40.44 26.99 13.91
N GLY B 100 -41.60 27.48 13.49
CA GLY B 100 -42.75 27.34 14.35
C GLY B 100 -43.21 25.90 14.53
N GLY B 101 -42.72 25.01 13.68
CA GLY B 101 -43.13 23.62 13.75
C GLY B 101 -44.26 23.37 12.77
N THR B 102 -44.35 22.15 12.26
CA THR B 102 -45.40 21.78 11.31
C THR B 102 -45.84 20.35 11.68
N LYS B 103 -47.05 20.24 12.19
CA LYS B 103 -47.59 18.97 12.66
C LYS B 103 -47.99 17.98 11.56
N LEU B 104 -47.43 16.79 11.62
CA LEU B 104 -47.74 15.74 10.66
C LEU B 104 -48.88 14.87 11.21
N GLU B 105 -49.99 14.79 10.47
CA GLU B 105 -51.16 14.01 10.88
C GLU B 105 -51.55 12.94 9.87
N ILE B 106 -51.67 11.70 10.33
CA ILE B 106 -52.05 10.59 9.45
C ILE B 106 -53.56 10.43 9.19
N LYS B 107 -53.90 10.13 7.93
CA LYS B 107 -55.27 9.90 7.52
C LYS B 107 -55.49 8.40 7.33
N ARG B 108 -56.65 7.91 7.78
CA ARG B 108 -56.96 6.48 7.68
C ARG B 108 -58.45 6.20 7.43
N ALA B 109 -58.80 4.91 7.42
CA ALA B 109 -60.18 4.48 7.20
C ALA B 109 -61.01 4.85 8.43
N ASP B 110 -62.24 5.35 8.24
CA ASP B 110 -63.06 5.70 9.40
C ASP B 110 -63.29 4.48 10.31
N ALA B 111 -63.59 4.76 11.58
CA ALA B 111 -63.86 3.71 12.54
C ALA B 111 -64.78 4.31 13.60
N ALA B 112 -65.66 3.47 14.14
CA ALA B 112 -66.58 3.96 15.15
C ALA B 112 -65.99 3.67 16.52
N PRO B 113 -66.27 4.56 17.48
CA PRO B 113 -65.75 4.41 18.85
C PRO B 113 -66.10 3.08 19.47
N THR B 114 -65.54 2.85 20.65
CA THR B 114 -65.79 1.64 21.39
C THR B 114 -66.07 2.19 22.77
N VAL B 115 -67.37 2.38 23.04
CA VAL B 115 -67.84 2.95 24.29
C VAL B 115 -67.87 2.03 25.48
N SER B 116 -67.68 2.62 26.66
CA SER B 116 -67.67 1.88 27.89
C SER B 116 -68.01 2.87 28.97
N ILE B 117 -69.05 2.58 29.73
CA ILE B 117 -69.45 3.49 30.78
C ILE B 117 -69.09 2.85 32.10
N PHE B 118 -68.71 3.69 33.06
CA PHE B 118 -68.32 3.22 34.39
C PHE B 118 -69.00 4.02 35.49
N PRO B 119 -69.66 3.30 36.40
CA PRO B 119 -70.36 3.88 37.55
C PRO B 119 -69.36 4.17 38.66
N PRO B 120 -69.55 5.28 39.38
CA PRO B 120 -68.65 5.68 40.47
C PRO B 120 -68.15 4.48 41.26
N SER B 121 -66.85 4.44 41.56
CA SER B 121 -66.34 3.32 42.32
C SER B 121 -66.74 3.50 43.77
N SER B 122 -66.96 2.39 44.44
CA SER B 122 -67.33 2.39 45.85
C SER B 122 -66.49 3.39 46.61
N GLU B 123 -65.17 3.27 46.48
CA GLU B 123 -64.25 4.15 47.15
C GLU B 123 -64.64 5.61 47.01
N GLN B 124 -64.70 6.08 45.77
CA GLN B 124 -65.02 7.47 45.54
C GLN B 124 -66.24 7.91 46.33
N LEU B 125 -67.20 7.00 46.47
CA LEU B 125 -68.45 7.28 47.18
C LEU B 125 -68.25 7.49 48.68
N THR B 126 -67.36 6.72 49.25
CA THR B 126 -67.06 6.80 50.66
C THR B 126 -66.53 8.18 51.03
N SER B 127 -66.37 9.06 50.05
CA SER B 127 -65.86 10.41 50.32
C SER B 127 -66.88 11.46 49.90
N GLY B 128 -68.07 10.99 49.57
CA GLY B 128 -69.13 11.90 49.16
C GLY B 128 -68.99 12.30 47.71
N GLY B 129 -68.07 11.66 47.00
CA GLY B 129 -67.87 11.98 45.60
C GLY B 129 -68.58 11.01 44.68
N ALA B 130 -68.89 11.44 43.46
CA ALA B 130 -69.57 10.58 42.49
C ALA B 130 -69.23 10.86 41.01
N SER B 131 -68.34 10.05 40.44
CA SER B 131 -67.98 10.25 39.05
C SER B 131 -68.26 9.07 38.12
N VAL B 132 -68.98 9.38 37.04
CA VAL B 132 -69.31 8.38 36.06
C VAL B 132 -68.49 8.74 34.85
N VAL B 133 -67.68 7.81 34.39
CA VAL B 133 -66.83 8.07 33.24
C VAL B 133 -67.30 7.25 32.07
N CYS B 134 -66.81 7.60 30.90
CA CYS B 134 -67.17 6.86 29.71
C CYS B 134 -66.08 7.07 28.67
N PHE B 135 -65.57 5.97 28.13
CA PHE B 135 -64.53 6.03 27.11
C PHE B 135 -65.06 5.69 25.74
N LEU B 136 -64.75 6.54 24.77
CA LEU B 136 -65.13 6.34 23.39
C LEU B 136 -63.75 6.18 22.80
N ASN B 137 -63.35 4.94 22.58
CA ASN B 137 -62.01 4.68 22.10
C ASN B 137 -61.80 4.18 20.70
N ASN B 138 -60.73 4.67 20.10
CA ASN B 138 -60.32 4.26 18.79
C ASN B 138 -61.27 4.57 17.65
N PHE B 139 -61.60 5.83 17.47
CA PHE B 139 -62.47 6.19 16.37
C PHE B 139 -61.67 6.90 15.27
N TYR B 140 -62.39 7.62 14.41
CA TYR B 140 -61.82 8.39 13.30
C TYR B 140 -62.94 8.71 12.33
N PRO B 141 -63.13 10.00 12.00
CA PRO B 141 -62.43 11.23 12.39
C PRO B 141 -62.38 11.57 13.87
N LYS B 142 -61.65 12.64 14.17
CA LYS B 142 -61.47 13.13 15.53
C LYS B 142 -62.79 13.69 16.05
N ASP B 143 -63.61 14.19 15.13
CA ASP B 143 -64.88 14.75 15.53
C ASP B 143 -65.90 13.73 16.02
N ILE B 144 -66.35 13.93 17.25
CA ILE B 144 -67.33 13.07 17.87
C ILE B 144 -68.00 13.86 18.98
N ASN B 145 -69.24 13.48 19.27
CA ASN B 145 -70.02 14.15 20.31
C ASN B 145 -70.54 13.20 21.37
N VAL B 146 -70.61 13.71 22.59
CA VAL B 146 -71.06 12.95 23.73
C VAL B 146 -72.20 13.64 24.45
N LYS B 147 -73.23 12.87 24.77
CA LYS B 147 -74.38 13.38 25.48
C LYS B 147 -74.62 12.48 26.68
N TRP B 148 -75.02 13.08 27.80
CA TRP B 148 -75.31 12.29 28.98
C TRP B 148 -76.79 12.45 29.32
N LYS B 149 -77.40 11.35 29.77
CA LYS B 149 -78.81 11.35 30.16
C LYS B 149 -79.03 10.63 31.48
N ILE B 150 -79.39 11.39 32.50
CA ILE B 150 -79.68 10.85 33.83
C ILE B 150 -81.19 10.59 33.83
N ASP B 151 -81.58 9.36 33.53
CA ASP B 151 -83.00 9.00 33.46
C ASP B 151 -83.62 9.70 32.26
N GLY B 152 -83.09 9.42 31.07
CA GLY B 152 -83.62 10.00 29.85
C GLY B 152 -83.60 11.51 29.62
N SER B 153 -83.18 12.29 30.62
CA SER B 153 -83.13 13.74 30.43
C SER B 153 -81.67 14.17 30.25
N GLU B 154 -81.46 15.20 29.44
CA GLU B 154 -80.10 15.69 29.20
C GLU B 154 -79.37 16.16 30.45
N ARG B 155 -78.06 16.26 30.31
CA ARG B 155 -77.22 16.71 31.40
C ARG B 155 -75.99 17.35 30.79
N GLN B 156 -75.81 18.64 31.06
CA GLN B 156 -74.69 19.43 30.57
C GLN B 156 -73.73 19.80 31.68
N ASN B 157 -74.22 19.77 32.90
CA ASN B 157 -73.44 20.15 34.07
C ASN B 157 -72.51 19.05 34.59
N GLY B 158 -71.37 19.46 35.13
CA GLY B 158 -70.41 18.52 35.71
C GLY B 158 -69.75 17.49 34.80
N VAL B 159 -69.92 17.65 33.49
CA VAL B 159 -69.33 16.73 32.53
C VAL B 159 -68.06 17.35 31.94
N LEU B 160 -67.01 16.52 31.83
CA LEU B 160 -65.73 16.99 31.30
C LEU B 160 -65.13 16.00 30.33
N ASN B 161 -64.58 16.53 29.25
CA ASN B 161 -63.98 15.71 28.21
C ASN B 161 -62.52 15.99 27.91
N SER B 162 -61.95 15.13 27.07
CA SER B 162 -60.57 15.29 26.64
C SER B 162 -60.23 14.14 25.70
N TRP B 163 -59.54 14.48 24.60
CA TRP B 163 -59.13 13.51 23.60
C TRP B 163 -57.63 13.29 23.72
N THR B 164 -57.17 12.17 23.15
CA THR B 164 -55.75 11.87 23.15
C THR B 164 -55.24 12.45 21.84
N ASP B 165 -54.15 11.90 21.33
CA ASP B 165 -53.60 12.36 20.06
C ASP B 165 -53.57 11.11 19.23
N GLN B 166 -53.89 11.27 17.95
CA GLN B 166 -53.89 10.17 17.01
C GLN B 166 -52.76 9.28 17.50
N ASP B 167 -53.03 8.03 17.87
CA ASP B 167 -51.92 7.23 18.36
C ASP B 167 -51.05 6.68 17.23
N SER B 168 -49.94 6.07 17.60
CA SER B 168 -48.99 5.59 16.61
C SER B 168 -49.18 4.22 16.03
N LYS B 169 -50.12 3.46 16.56
CA LYS B 169 -50.31 2.12 16.04
C LYS B 169 -51.41 2.00 15.01
N ASP B 170 -52.44 2.84 15.13
CA ASP B 170 -53.56 2.77 14.21
C ASP B 170 -54.09 4.13 13.82
N SER B 171 -53.39 5.17 14.23
CA SER B 171 -53.81 6.52 13.90
C SER B 171 -55.23 6.88 14.32
N THR B 172 -55.82 6.16 15.28
CA THR B 172 -57.18 6.48 15.75
C THR B 172 -57.10 7.47 16.90
N TYR B 173 -58.26 7.89 17.39
CA TYR B 173 -58.30 8.81 18.52
C TYR B 173 -59.09 8.14 19.64
N SER B 174 -59.23 8.87 20.74
CA SER B 174 -59.98 8.36 21.87
C SER B 174 -60.35 9.57 22.69
N MET B 175 -61.49 9.50 23.33
CA MET B 175 -61.96 10.60 24.13
C MET B 175 -62.57 10.05 25.39
N SER B 176 -62.63 10.88 26.41
CA SER B 176 -63.22 10.44 27.65
C SER B 176 -63.96 11.59 28.29
N SER B 177 -65.26 11.40 28.41
CA SER B 177 -66.09 12.40 29.06
C SER B 177 -66.41 11.73 30.38
N THR B 178 -66.47 12.53 31.41
CA THR B 178 -66.74 11.97 32.71
C THR B 178 -67.67 12.89 33.46
N LEU B 179 -68.78 12.30 33.92
CA LEU B 179 -69.81 12.98 34.67
C LEU B 179 -69.52 12.90 36.15
N THR B 180 -69.42 14.06 36.77
CA THR B 180 -69.11 14.12 38.19
C THR B 180 -70.16 14.92 38.93
N LEU B 181 -70.60 14.38 40.08
CA LEU B 181 -71.59 15.04 40.92
C LEU B 181 -71.62 14.55 42.38
N THR B 182 -72.54 15.12 43.17
CA THR B 182 -72.67 14.78 44.60
C THR B 182 -73.26 13.42 44.81
N LYS B 183 -72.68 12.67 45.74
CA LYS B 183 -73.15 11.34 46.07
C LYS B 183 -74.68 11.34 46.13
N ASP B 184 -75.20 12.30 46.90
CA ASP B 184 -76.65 12.43 47.07
C ASP B 184 -77.32 12.55 45.72
N GLU B 185 -76.90 13.55 44.94
CA GLU B 185 -77.46 13.78 43.62
C GLU B 185 -77.32 12.54 42.75
N TYR B 186 -76.25 11.79 43.00
CA TYR B 186 -76.02 10.58 42.23
C TYR B 186 -77.15 9.58 42.47
N GLU B 187 -77.49 9.38 43.74
CA GLU B 187 -78.53 8.44 44.09
C GLU B 187 -79.96 8.93 43.84
N ARG B 188 -80.15 10.24 43.71
CA ARG B 188 -81.50 10.74 43.45
C ARG B 188 -81.92 10.30 42.05
N HIS B 189 -81.07 9.50 41.42
CA HIS B 189 -81.37 9.03 40.08
C HIS B 189 -81.04 7.57 39.84
N ASN B 190 -81.68 7.02 38.81
CA ASN B 190 -81.59 5.61 38.46
C ASN B 190 -80.66 5.19 37.36
N SER B 191 -81.09 5.40 36.13
CA SER B 191 -80.31 5.01 34.96
C SER B 191 -79.39 6.10 34.43
N TYR B 192 -78.13 5.74 34.25
CA TYR B 192 -77.12 6.64 33.73
C TYR B 192 -76.76 6.13 32.37
N THR B 193 -76.84 7.00 31.38
CA THR B 193 -76.52 6.59 30.02
C THR B 193 -75.52 7.50 29.30
N CYS B 194 -74.77 6.90 28.37
CA CYS B 194 -73.75 7.62 27.61
C CYS B 194 -74.03 7.64 26.11
N GLU B 195 -74.19 8.85 25.56
CA GLU B 195 -74.53 9.06 24.15
C GLU B 195 -73.36 9.40 23.21
N ALA B 196 -73.08 8.52 22.26
CA ALA B 196 -71.97 8.74 21.32
C ALA B 196 -72.40 8.94 19.87
N THR B 197 -72.53 10.19 19.47
CA THR B 197 -72.92 10.51 18.11
C THR B 197 -71.71 10.81 17.25
N HIS B 198 -71.24 9.81 16.52
CA HIS B 198 -70.06 10.01 15.69
C HIS B 198 -70.41 10.49 14.28
N LYS B 199 -69.94 9.78 13.28
CA LYS B 199 -70.15 10.14 11.89
C LYS B 199 -70.09 8.86 11.04
N THR B 200 -70.05 7.71 11.72
CA THR B 200 -70.02 6.42 11.04
C THR B 200 -71.38 5.70 11.10
N SER B 201 -72.37 6.38 11.68
CA SER B 201 -73.75 5.87 11.78
C SER B 201 -74.68 7.00 12.25
N THR B 202 -75.82 7.17 11.58
CA THR B 202 -76.77 8.21 11.95
C THR B 202 -77.44 7.78 13.25
N SER B 203 -77.25 6.51 13.56
CA SER B 203 -77.78 5.87 14.76
C SER B 203 -76.65 5.74 15.79
N PRO B 204 -76.60 6.68 16.75
CA PRO B 204 -75.61 6.75 17.83
C PRO B 204 -75.40 5.52 18.67
N ILE B 205 -74.14 5.35 19.10
CA ILE B 205 -73.76 4.24 19.95
C ILE B 205 -74.10 4.67 21.37
N VAL B 206 -74.78 3.80 22.09
CA VAL B 206 -75.19 4.08 23.45
C VAL B 206 -74.75 3.01 24.45
N LYS B 207 -74.42 3.45 25.66
CA LYS B 207 -74.02 2.56 26.73
C LYS B 207 -74.51 3.17 28.02
N SER B 208 -75.07 2.33 28.88
CA SER B 208 -75.57 2.81 30.15
C SER B 208 -75.79 1.71 31.18
N PHE B 209 -75.97 2.11 32.42
CA PHE B 209 -76.20 1.18 33.50
C PHE B 209 -77.34 1.74 34.32
N ASN B 210 -77.89 0.89 35.20
CA ASN B 210 -79.00 1.28 36.07
C ASN B 210 -78.52 1.18 37.51
N ARG B 211 -78.33 2.33 38.14
CA ARG B 211 -77.85 2.41 39.53
C ARG B 211 -78.56 1.43 40.43
N ASN B 212 -79.84 1.21 40.15
CA ASN B 212 -80.69 0.32 40.93
C ASN B 212 -80.46 -1.15 40.65
N GLU B 213 -80.27 -1.48 39.38
CA GLU B 213 -80.06 -2.85 38.93
C GLU B 213 -78.72 -3.41 39.40
N CYS B 214 -78.01 -2.60 40.18
CA CYS B 214 -76.70 -2.98 40.72
C CYS B 214 -76.64 -4.37 41.32
N GLN C 1 -23.49 5.58 27.73
CA GLN C 1 -24.04 6.69 28.53
C GLN C 1 -23.47 8.05 28.22
N VAL C 2 -24.33 9.04 28.43
CA VAL C 2 -24.04 10.46 28.27
C VAL C 2 -25.43 10.96 28.55
N GLN C 3 -25.65 11.46 29.76
CA GLN C 3 -26.97 11.90 30.18
C GLN C 3 -27.10 13.26 30.87
N LEU C 4 -28.27 13.86 30.69
CA LEU C 4 -28.58 15.15 31.28
C LEU C 4 -29.78 14.96 32.21
N GLN C 5 -29.50 14.83 33.49
CA GLN C 5 -30.54 14.61 34.47
C GLN C 5 -31.16 15.88 35.08
N GLN C 6 -32.48 15.99 34.97
CA GLN C 6 -33.18 17.13 35.54
C GLN C 6 -34.58 16.83 36.11
N PRO C 7 -34.89 17.36 37.30
CA PRO C 7 -36.16 17.19 37.97
C PRO C 7 -37.34 17.27 37.03
N GLY C 8 -38.38 16.50 37.32
CA GLY C 8 -39.54 16.52 36.46
C GLY C 8 -40.43 17.73 36.64
N THR C 9 -40.53 18.21 37.88
CA THR C 9 -41.40 19.34 38.16
C THR C 9 -40.85 20.34 39.16
N GLU C 10 -41.36 21.56 39.07
CA GLU C 10 -40.99 22.65 39.96
C GLU C 10 -42.22 23.52 40.12
N LEU C 11 -42.65 23.75 41.35
CA LEU C 11 -43.80 24.59 41.61
C LEU C 11 -43.25 25.81 42.31
N VAL C 12 -43.68 26.98 41.90
CA VAL C 12 -43.17 28.17 42.53
C VAL C 12 -44.20 29.28 42.61
N ARG C 13 -44.18 29.98 43.74
CA ARG C 13 -45.09 31.08 43.96
C ARG C 13 -44.66 32.22 43.06
N PRO C 14 -45.63 32.84 42.34
CA PRO C 14 -45.24 33.94 41.48
C PRO C 14 -44.26 34.87 42.20
N GLY C 15 -43.24 35.30 41.47
CA GLY C 15 -42.26 36.19 42.05
C GLY C 15 -41.35 35.51 43.05
N ALA C 16 -41.05 34.24 42.83
CA ALA C 16 -40.15 33.50 43.71
C ALA C 16 -39.01 33.06 42.81
N SER C 17 -37.84 32.82 43.37
CA SER C 17 -36.73 32.42 42.52
C SER C 17 -36.84 30.93 42.20
N VAL C 18 -36.66 30.62 40.92
CA VAL C 18 -36.73 29.26 40.43
C VAL C 18 -35.40 28.77 39.96
N ILE C 19 -34.94 27.64 40.49
CA ILE C 19 -33.67 27.11 40.03
C ILE C 19 -33.83 25.79 39.31
N LEU C 20 -33.30 25.76 38.10
CA LEU C 20 -33.37 24.56 37.30
C LEU C 20 -32.00 23.93 37.29
N SER C 21 -31.90 22.73 37.83
CA SER C 21 -30.63 22.04 37.86
C SER C 21 -30.61 21.03 36.72
N CYS C 22 -29.41 20.77 36.20
CA CYS C 22 -29.23 19.82 35.12
C CYS C 22 -27.89 19.18 35.39
N LYS C 23 -27.89 17.90 35.72
CA LYS C 23 -26.63 17.23 36.04
C LYS C 23 -26.12 16.30 34.95
N ALA C 24 -24.93 16.62 34.45
CA ALA C 24 -24.28 15.84 33.40
C ALA C 24 -23.68 14.56 33.93
N SER C 25 -23.31 13.67 33.01
CA SER C 25 -22.70 12.38 33.32
C SER C 25 -22.40 11.68 32.01
N GLY C 26 -21.40 10.82 32.01
CA GLY C 26 -21.08 10.08 30.79
C GLY C 26 -20.13 10.79 29.85
N TYR C 27 -19.76 12.03 30.16
CA TYR C 27 -18.84 12.78 29.30
C TYR C 27 -18.09 13.82 30.14
N THR C 28 -17.07 14.44 29.54
CA THR C 28 -16.31 15.45 30.26
C THR C 28 -17.05 16.78 30.26
N PHE C 29 -17.76 17.02 31.36
CA PHE C 29 -18.58 18.22 31.56
C PHE C 29 -18.06 19.53 31.00
N THR C 30 -16.81 19.84 31.29
CA THR C 30 -16.16 21.09 30.87
C THR C 30 -15.74 21.17 29.43
N SER C 31 -15.95 20.09 28.68
CA SER C 31 -15.56 20.09 27.28
C SER C 31 -16.74 20.40 26.38
N TYR C 32 -17.94 20.50 26.95
CA TYR C 32 -19.12 20.75 26.13
C TYR C 32 -20.07 21.83 26.58
N TRP C 33 -20.71 22.47 25.60
CA TRP C 33 -21.71 23.50 25.85
C TRP C 33 -22.98 22.88 26.42
N ILE C 34 -23.83 23.73 26.98
CA ILE C 34 -25.14 23.35 27.50
C ILE C 34 -26.11 24.38 26.97
N ASN C 35 -27.06 23.93 26.15
CA ASN C 35 -28.01 24.85 25.58
C ASN C 35 -29.34 24.66 26.20
N TRP C 36 -29.90 25.76 26.70
CA TRP C 36 -31.19 25.69 27.34
C TRP C 36 -32.28 26.18 26.42
N VAL C 37 -33.29 25.33 26.22
CA VAL C 37 -34.41 25.70 25.41
C VAL C 37 -35.67 25.51 26.25
N LYS C 38 -36.56 26.50 26.14
CA LYS C 38 -37.82 26.52 26.87
C LYS C 38 -38.98 26.29 25.92
N GLN C 39 -40.01 25.60 26.39
CA GLN C 39 -41.16 25.31 25.55
C GLN C 39 -42.45 25.31 26.36
N ARG C 40 -43.41 26.11 25.89
CA ARG C 40 -44.70 26.21 26.56
C ARG C 40 -45.67 25.23 25.93
N PRO C 41 -46.63 24.72 26.73
CA PRO C 41 -47.64 23.75 26.27
C PRO C 41 -48.09 24.00 24.83
N GLY C 42 -47.85 23.01 23.97
CA GLY C 42 -48.23 23.12 22.57
C GLY C 42 -47.75 24.43 21.96
N GLN C 43 -46.43 24.61 21.94
CA GLN C 43 -45.84 25.83 21.41
C GLN C 43 -44.48 25.49 20.80
N GLY C 44 -43.97 26.43 20.01
CA GLY C 44 -42.67 26.23 19.40
C GLY C 44 -41.60 26.27 20.47
N LEU C 45 -40.40 25.89 20.09
CA LEU C 45 -39.27 25.88 21.01
C LEU C 45 -38.68 27.27 21.06
N GLU C 46 -37.91 27.55 22.09
CA GLU C 46 -37.29 28.85 22.23
C GLU C 46 -35.89 28.73 22.78
N TRP C 47 -34.88 29.13 22.00
CA TRP C 47 -33.53 29.02 22.51
C TRP C 47 -33.40 30.02 23.65
N VAL C 48 -32.97 29.55 24.80
CA VAL C 48 -32.83 30.45 25.93
C VAL C 48 -31.44 31.10 25.93
N GLY C 49 -30.41 30.27 25.88
CA GLY C 49 -29.05 30.80 25.89
C GLY C 49 -28.15 29.61 26.10
N ASN C 50 -26.86 29.79 26.03
CA ASN C 50 -25.94 28.68 26.23
C ASN C 50 -24.85 29.03 27.20
N ILE C 51 -24.10 28.04 27.63
CA ILE C 51 -23.04 28.31 28.57
C ILE C 51 -22.04 27.18 28.49
N PHE C 52 -20.80 27.56 28.27
CA PHE C 52 -19.74 26.58 28.19
C PHE C 52 -19.20 26.52 29.60
N PRO C 53 -19.16 25.34 30.21
CA PRO C 53 -18.62 25.29 31.58
C PRO C 53 -17.14 25.62 31.48
N SER C 54 -16.32 25.23 32.45
CA SER C 54 -14.89 25.53 32.38
C SER C 54 -14.61 27.03 32.56
N ASP C 55 -14.94 27.86 31.57
CA ASP C 55 -14.70 29.28 31.69
C ASP C 55 -16.04 30.01 31.82
N SER C 56 -17.09 29.24 32.00
CA SER C 56 -18.45 29.77 32.14
C SER C 56 -18.85 30.87 31.15
N TYR C 57 -18.37 30.77 29.91
CA TYR C 57 -18.70 31.73 28.86
C TYR C 57 -20.20 31.54 28.53
N THR C 58 -20.93 32.63 28.28
CA THR C 58 -22.37 32.48 28.01
C THR C 58 -22.92 33.43 26.96
N ASN C 59 -24.02 33.02 26.34
CA ASN C 59 -24.71 33.83 25.34
C ASN C 59 -26.18 33.73 25.68
N TYR C 60 -26.87 34.87 25.77
CA TYR C 60 -28.29 34.84 26.10
C TYR C 60 -29.14 35.31 24.95
N ASN C 61 -30.30 34.69 24.80
CA ASN C 61 -31.24 35.09 23.77
C ASN C 61 -31.70 36.41 24.37
N GLN C 62 -32.01 37.39 23.55
CA GLN C 62 -32.43 38.67 24.11
C GLN C 62 -33.60 38.57 25.08
N LYS C 63 -34.70 37.96 24.63
CA LYS C 63 -35.91 37.80 25.42
C LYS C 63 -35.71 37.47 26.89
N PHE C 64 -34.60 36.81 27.21
CA PHE C 64 -34.34 36.41 28.59
C PHE C 64 -33.22 37.15 29.25
N LYS C 65 -32.52 37.96 28.46
CA LYS C 65 -31.38 38.72 28.96
C LYS C 65 -31.34 38.87 30.47
N ASP C 66 -32.34 39.58 31.00
CA ASP C 66 -32.39 39.86 32.42
C ASP C 66 -33.37 39.02 33.27
N LYS C 67 -34.06 38.07 32.65
CA LYS C 67 -34.95 37.20 33.41
C LYS C 67 -34.16 36.00 33.94
N ALA C 68 -33.48 35.35 32.99
CA ALA C 68 -32.70 34.15 33.25
C ALA C 68 -31.22 34.36 33.56
N THR C 69 -30.62 33.32 34.16
CA THR C 69 -29.22 33.35 34.53
C THR C 69 -28.59 31.96 34.62
N LEU C 70 -27.82 31.63 33.59
CA LEU C 70 -27.16 30.33 33.51
C LEU C 70 -25.88 30.37 34.32
N THR C 71 -25.53 29.23 34.90
CA THR C 71 -24.31 29.11 35.69
C THR C 71 -24.02 27.63 35.80
N VAL C 72 -22.86 27.28 36.34
CA VAL C 72 -22.50 25.88 36.47
C VAL C 72 -21.66 25.63 37.70
N ASP C 73 -21.57 24.38 38.10
CA ASP C 73 -20.74 24.04 39.25
C ASP C 73 -19.84 22.91 38.85
N LYS C 74 -18.72 23.27 38.24
CA LYS C 74 -17.75 22.31 37.76
C LYS C 74 -17.53 21.11 38.69
N SER C 75 -17.43 21.34 39.99
CA SER C 75 -17.19 20.24 40.92
C SER C 75 -18.20 19.10 40.77
N SER C 76 -19.48 19.42 40.96
CA SER C 76 -20.56 18.43 40.86
C SER C 76 -21.03 18.31 39.41
N SER C 77 -20.23 18.86 38.51
CA SER C 77 -20.52 18.81 37.08
C SER C 77 -22.01 18.91 36.75
N THR C 78 -22.61 20.04 37.09
CA THR C 78 -24.00 20.25 36.76
C THR C 78 -24.24 21.74 36.47
N ALA C 79 -25.21 22.04 35.62
CA ALA C 79 -25.51 23.41 35.24
C ALA C 79 -26.86 23.84 35.74
N TYR C 80 -26.99 25.14 35.99
CA TYR C 80 -28.25 25.66 36.48
C TYR C 80 -28.75 26.84 35.71
N MET C 81 -30.05 26.82 35.44
CA MET C 81 -30.69 27.94 34.78
C MET C 81 -31.55 28.52 35.88
N GLN C 82 -31.43 29.81 36.11
CA GLN C 82 -32.19 30.46 37.17
C GLN C 82 -33.14 31.48 36.63
N VAL C 83 -34.40 31.38 37.01
CA VAL C 83 -35.37 32.35 36.54
C VAL C 83 -35.75 33.26 37.68
N ASN C 84 -35.86 34.54 37.36
CA ASN C 84 -36.17 35.53 38.37
C ASN C 84 -37.56 36.09 38.16
N SER C 85 -38.24 36.33 39.28
CA SER C 85 -39.59 36.87 39.30
C SER C 85 -40.50 36.22 38.27
N PRO C 86 -40.78 34.93 38.48
CA PRO C 86 -41.62 34.07 37.65
C PRO C 86 -43.04 34.62 37.52
N THR C 87 -43.74 34.17 36.49
CA THR C 87 -45.11 34.56 36.23
C THR C 87 -45.68 33.47 35.32
N SER C 88 -46.99 33.45 35.12
CA SER C 88 -47.60 32.44 34.28
C SER C 88 -46.92 32.32 32.91
N GLU C 89 -46.37 33.43 32.41
CA GLU C 89 -45.69 33.44 31.11
C GLU C 89 -44.48 32.51 31.23
N ASP C 90 -44.05 32.26 32.46
CA ASP C 90 -42.91 31.40 32.71
C ASP C 90 -43.21 29.92 32.93
N SER C 91 -44.43 29.60 33.32
CA SER C 91 -44.75 28.19 33.48
C SER C 91 -44.54 27.55 32.12
N ALA C 92 -43.66 26.56 32.09
CA ALA C 92 -43.33 25.83 30.87
C ALA C 92 -42.34 24.72 31.21
N VAL C 93 -41.87 24.02 30.19
CA VAL C 93 -40.89 22.97 30.41
C VAL C 93 -39.54 23.44 29.86
N TYR C 94 -38.50 23.17 30.61
CA TYR C 94 -37.15 23.60 30.28
C TYR C 94 -36.17 22.45 30.08
N TYR C 95 -35.64 22.34 28.87
CA TYR C 95 -34.68 21.29 28.60
C TYR C 95 -33.28 21.85 28.54
N CYS C 96 -32.34 21.09 29.11
CA CYS C 96 -30.96 21.49 29.02
C CYS C 96 -30.49 20.49 27.97
N THR C 97 -29.61 20.91 27.07
CA THR C 97 -29.16 20.01 26.01
C THR C 97 -27.69 20.09 25.79
N ARG C 98 -27.18 19.10 25.08
CA ARG C 98 -25.78 19.00 24.75
C ARG C 98 -25.74 18.52 23.33
N GLY C 99 -24.82 19.07 22.54
CA GLY C 99 -24.74 18.66 21.15
C GLY C 99 -23.77 17.51 21.01
N ALA C 100 -23.16 17.43 19.83
CA ALA C 100 -22.18 16.39 19.56
C ALA C 100 -21.60 16.60 18.18
N ARG C 101 -20.67 15.72 17.83
CA ARG C 101 -19.96 15.73 16.55
C ARG C 101 -20.79 16.23 15.39
N ASP C 102 -20.64 17.51 15.07
CA ASP C 102 -21.32 18.16 13.96
C ASP C 102 -22.70 18.73 14.14
N THR C 103 -23.16 18.85 15.38
CA THR C 103 -24.46 19.47 15.68
C THR C 103 -24.62 19.86 17.09
N TRP C 104 -25.81 20.38 17.30
CA TRP C 104 -26.24 20.83 18.58
C TRP C 104 -27.48 20.00 18.88
N PHE C 105 -27.90 19.98 20.14
CA PHE C 105 -29.14 19.28 20.47
C PHE C 105 -29.18 17.80 20.13
N ALA C 106 -28.06 17.12 20.33
CA ALA C 106 -28.02 15.71 20.06
C ALA C 106 -28.58 15.02 21.29
N TYR C 107 -28.34 15.59 22.46
CA TYR C 107 -28.84 14.98 23.68
C TYR C 107 -29.74 15.92 24.43
N TRP C 108 -30.82 15.39 24.99
CA TRP C 108 -31.76 16.23 25.72
C TRP C 108 -32.02 15.79 27.13
N GLY C 109 -32.18 16.76 28.03
CA GLY C 109 -32.49 16.42 29.40
C GLY C 109 -33.95 15.99 29.36
N GLN C 110 -34.40 15.41 30.46
CA GLN C 110 -35.78 14.96 30.54
C GLN C 110 -36.77 16.13 30.31
N GLY C 111 -36.43 17.30 30.85
CA GLY C 111 -37.27 18.48 30.76
C GLY C 111 -37.89 18.70 32.13
N THR C 112 -37.91 19.93 32.62
CA THR C 112 -38.53 20.18 33.92
C THR C 112 -39.78 21.01 33.73
N LEU C 113 -40.85 20.64 34.40
CA LEU C 113 -42.08 21.38 34.26
C LEU C 113 -42.21 22.35 35.41
N VAL C 114 -42.11 23.64 35.10
CA VAL C 114 -42.28 24.63 36.13
C VAL C 114 -43.71 25.10 36.05
N THR C 115 -44.29 25.22 37.23
CA THR C 115 -45.66 25.66 37.40
C THR C 115 -45.49 26.81 38.40
N VAL C 116 -45.93 28.01 37.98
CA VAL C 116 -45.87 29.20 38.84
C VAL C 116 -47.30 29.40 39.34
N SER C 117 -47.51 29.18 40.63
CA SER C 117 -48.84 29.32 41.20
C SER C 117 -48.83 29.38 42.71
N VAL C 118 -49.90 29.95 43.24
CA VAL C 118 -50.09 30.08 44.67
C VAL C 118 -50.71 28.79 45.17
N ALA C 119 -51.40 28.11 44.25
CA ALA C 119 -52.05 26.84 44.53
C ALA C 119 -51.12 25.91 45.29
N LYS C 120 -51.70 25.16 46.22
CA LYS C 120 -50.91 24.25 47.03
C LYS C 120 -50.85 22.87 46.42
N THR C 121 -49.69 22.26 46.50
CA THR C 121 -49.51 20.94 45.96
C THR C 121 -50.34 19.91 46.76
N THR C 122 -51.16 19.14 46.05
CA THR C 122 -52.00 18.14 46.70
C THR C 122 -51.92 16.82 45.94
N PRO C 123 -51.77 15.70 46.66
CA PRO C 123 -51.68 14.39 46.03
C PRO C 123 -52.99 13.95 45.42
N PRO C 124 -52.94 13.02 44.47
CA PRO C 124 -54.11 12.51 43.77
C PRO C 124 -54.85 11.43 44.57
N SER C 125 -56.10 11.21 44.18
CA SER C 125 -56.93 10.17 44.77
C SER C 125 -57.21 9.30 43.58
N VAL C 126 -56.82 8.05 43.66
CA VAL C 126 -57.04 7.18 42.53
C VAL C 126 -58.13 6.13 42.80
N PHE C 127 -59.20 6.23 42.02
CA PHE C 127 -60.33 5.34 42.15
C PHE C 127 -60.35 4.39 40.95
N PRO C 128 -60.38 3.07 41.22
CA PRO C 128 -60.38 2.06 40.16
C PRO C 128 -61.71 2.02 39.43
N LEU C 129 -61.67 1.67 38.15
CA LEU C 129 -62.89 1.58 37.35
C LEU C 129 -63.01 0.21 36.71
N ALA C 130 -63.86 -0.63 37.29
CA ALA C 130 -64.12 -1.97 36.80
C ALA C 130 -65.49 -1.96 36.12
N PRO C 131 -65.78 -2.94 35.25
CA PRO C 131 -67.09 -2.94 34.60
C PRO C 131 -68.14 -3.28 35.64
N GLY C 132 -69.30 -2.63 35.57
CA GLY C 132 -70.34 -2.94 36.55
C GLY C 132 -70.82 -4.38 36.53
N SER C 133 -71.49 -4.80 37.62
CA SER C 133 -72.03 -6.17 37.69
C SER C 133 -73.05 -6.22 36.56
N ALA C 134 -73.79 -5.13 36.46
CA ALA C 134 -74.81 -4.95 35.42
C ALA C 134 -74.08 -4.75 34.08
N ALA C 135 -73.10 -5.61 33.80
CA ALA C 135 -72.33 -5.54 32.56
C ALA C 135 -72.30 -6.89 31.84
N GLN C 136 -72.22 -6.84 30.51
CA GLN C 136 -72.20 -8.06 29.72
C GLN C 136 -70.96 -8.31 28.88
N THR C 137 -70.67 -9.60 28.76
CA THR C 137 -69.54 -10.13 28.02
C THR C 137 -69.33 -9.53 26.62
N ASN C 138 -68.06 -9.44 26.23
CA ASN C 138 -67.62 -8.96 24.90
C ASN C 138 -66.43 -9.83 24.53
N SER C 139 -65.84 -9.58 23.38
CA SER C 139 -64.68 -10.37 22.99
C SER C 139 -63.50 -9.88 23.81
N MET C 140 -63.48 -8.58 24.03
CA MET C 140 -62.45 -7.90 24.77
C MET C 140 -63.07 -7.30 26.03
N VAL C 141 -62.21 -6.83 26.91
CA VAL C 141 -62.67 -6.21 28.14
C VAL C 141 -61.84 -4.97 28.41
N THR C 142 -62.48 -3.89 28.84
CA THR C 142 -61.73 -2.68 29.12
C THR C 142 -61.95 -2.19 30.55
N LEU C 143 -60.83 -1.88 31.21
CA LEU C 143 -60.86 -1.38 32.57
C LEU C 143 -60.31 0.04 32.57
N GLY C 144 -59.59 0.38 33.62
CA GLY C 144 -59.03 1.71 33.70
C GLY C 144 -59.40 2.28 35.04
N CYS C 145 -58.66 3.29 35.48
CA CYS C 145 -58.97 3.91 36.75
C CYS C 145 -58.82 5.40 36.56
N LEU C 146 -59.29 6.18 37.52
CA LEU C 146 -59.19 7.61 37.36
C LEU C 146 -58.46 8.29 38.51
N VAL C 147 -57.58 9.23 38.14
CA VAL C 147 -56.81 10.00 39.09
C VAL C 147 -57.46 11.35 39.25
N LYS C 148 -57.89 11.66 40.47
CA LYS C 148 -58.59 12.90 40.69
C LYS C 148 -58.02 13.84 41.75
N GLY C 149 -58.29 15.13 41.56
CA GLY C 149 -57.89 16.19 42.48
C GLY C 149 -56.48 16.33 43.01
N TYR C 150 -55.50 16.38 42.11
CA TYR C 150 -54.10 16.53 42.52
C TYR C 150 -53.52 17.80 41.91
N PHE C 151 -52.35 18.15 42.44
CA PHE C 151 -51.66 19.32 41.97
C PHE C 151 -50.22 19.31 42.51
N PRO C 152 -49.26 19.73 41.66
CA PRO C 152 -49.47 20.20 40.30
C PRO C 152 -49.26 19.10 39.30
N GLU C 153 -49.19 19.50 38.03
CA GLU C 153 -48.90 18.56 36.97
C GLU C 153 -47.41 18.22 37.18
N PRO C 154 -46.97 17.04 36.73
CA PRO C 154 -47.70 15.99 36.03
C PRO C 154 -47.86 14.76 36.90
N VAL C 155 -48.47 13.76 36.29
CA VAL C 155 -48.68 12.47 36.91
C VAL C 155 -48.45 11.41 35.84
N THR C 156 -47.80 10.34 36.25
CA THR C 156 -47.52 9.26 35.31
C THR C 156 -48.25 8.03 35.79
N VAL C 157 -48.82 7.32 34.84
CA VAL C 157 -49.54 6.11 35.17
C VAL C 157 -49.16 4.97 34.23
N THR C 158 -49.09 3.78 34.78
CA THR C 158 -48.76 2.61 33.99
C THR C 158 -49.57 1.45 34.50
N TRP C 159 -49.74 0.44 33.64
CA TRP C 159 -50.50 -0.73 34.04
C TRP C 159 -49.61 -1.93 34.23
N ASN C 160 -49.77 -2.58 35.39
CA ASN C 160 -48.99 -3.75 35.74
C ASN C 160 -47.55 -3.35 35.60
N SER C 161 -47.21 -2.24 36.25
CA SER C 161 -45.84 -1.74 36.24
C SER C 161 -45.23 -1.64 34.85
N GLY C 162 -46.00 -1.23 33.85
CA GLY C 162 -45.44 -1.09 32.52
C GLY C 162 -45.56 -2.30 31.60
N SER C 163 -45.83 -3.48 32.14
CA SER C 163 -45.98 -4.68 31.32
C SER C 163 -47.02 -4.43 30.24
N LEU C 164 -48.15 -3.88 30.65
CA LEU C 164 -49.22 -3.54 29.74
C LEU C 164 -48.99 -2.18 29.12
N SER C 165 -48.70 -2.16 27.83
CA SER C 165 -48.45 -0.90 27.13
C SER C 165 -49.36 -0.76 25.92
N SER C 166 -49.75 -1.90 25.37
CA SER C 166 -50.63 -1.93 24.20
C SER C 166 -52.07 -1.95 24.69
N GLY C 167 -52.88 -1.04 24.17
CA GLY C 167 -54.28 -0.98 24.56
C GLY C 167 -54.59 -0.06 25.71
N VAL C 168 -53.60 0.73 26.11
CA VAL C 168 -53.78 1.68 27.21
C VAL C 168 -53.97 3.04 26.60
N HIS C 169 -54.87 3.82 27.18
CA HIS C 169 -55.10 5.17 26.71
C HIS C 169 -55.18 6.03 27.94
N THR C 170 -54.21 6.93 28.10
CA THR C 170 -54.24 7.82 29.25
C THR C 170 -54.63 9.18 28.72
N PHE C 171 -55.60 9.80 29.37
CA PHE C 171 -56.06 11.06 28.86
C PHE C 171 -55.45 12.28 29.49
N PRO C 172 -55.29 13.33 28.68
CA PRO C 172 -54.71 14.59 29.16
C PRO C 172 -55.54 15.13 30.31
N ALA C 173 -54.88 15.54 31.37
CA ALA C 173 -55.56 16.06 32.54
C ALA C 173 -56.35 17.34 32.25
N VAL C 174 -57.26 17.65 33.17
CA VAL C 174 -58.09 18.85 33.09
C VAL C 174 -57.97 19.54 34.44
N LEU C 175 -57.92 20.87 34.39
CA LEU C 175 -57.77 21.64 35.61
C LEU C 175 -59.11 22.10 36.16
N GLN C 176 -59.49 21.52 37.29
CA GLN C 176 -60.74 21.88 37.96
C GLN C 176 -60.37 22.74 39.16
N SER C 177 -60.73 24.02 39.08
CA SER C 177 -60.43 24.96 40.14
C SER C 177 -59.20 24.56 40.94
N ASP C 178 -58.03 24.73 40.34
CA ASP C 178 -56.76 24.42 40.98
C ASP C 178 -56.49 22.97 41.33
N LEU C 179 -57.14 22.05 40.65
CA LEU C 179 -56.92 20.63 40.88
C LEU C 179 -57.09 19.85 39.63
N TYR C 180 -56.03 19.19 39.21
CA TYR C 180 -56.08 18.40 37.99
C TYR C 180 -56.74 17.06 38.24
N THR C 181 -57.16 16.45 37.16
CA THR C 181 -57.80 15.16 37.25
C THR C 181 -57.78 14.53 35.86
N LEU C 182 -57.28 13.29 35.80
CA LEU C 182 -57.22 12.58 34.51
C LEU C 182 -57.57 11.13 34.73
N SER C 183 -57.73 10.42 33.62
CA SER C 183 -58.13 9.03 33.66
C SER C 183 -57.41 8.21 32.61
N SER C 184 -57.16 6.94 32.91
CA SER C 184 -56.51 6.06 31.95
C SER C 184 -57.26 4.74 31.87
N SER C 185 -57.40 4.22 30.66
CA SER C 185 -58.11 2.98 30.44
C SER C 185 -57.22 1.92 29.83
N VAL C 186 -57.64 0.66 29.92
CA VAL C 186 -56.89 -0.43 29.33
C VAL C 186 -57.90 -1.28 28.60
N THR C 187 -57.45 -2.36 27.98
CA THR C 187 -58.33 -3.25 27.26
C THR C 187 -57.56 -4.51 27.03
N VAL C 188 -58.20 -5.65 27.30
CA VAL C 188 -57.56 -6.97 27.16
C VAL C 188 -58.51 -8.10 26.83
N PRO C 189 -57.95 -9.29 26.55
CA PRO C 189 -58.77 -10.47 26.23
C PRO C 189 -59.65 -10.79 27.44
N SER C 190 -60.96 -10.91 27.20
CA SER C 190 -61.90 -11.20 28.27
C SER C 190 -61.39 -12.39 29.06
N SER C 191 -60.61 -13.23 28.40
CA SER C 191 -60.02 -14.40 29.01
C SER C 191 -59.12 -13.97 30.18
N THR C 192 -58.05 -13.25 29.82
CA THR C 192 -57.04 -12.74 30.74
C THR C 192 -57.52 -12.07 32.04
N TRP C 193 -58.73 -11.54 32.05
CA TRP C 193 -59.24 -10.90 33.26
C TRP C 193 -60.63 -11.40 33.60
N PRO C 194 -60.92 -11.59 34.90
CA PRO C 194 -60.00 -11.35 36.01
C PRO C 194 -59.24 -12.61 36.36
N SER C 195 -59.18 -13.53 35.40
CA SER C 195 -58.44 -14.76 35.63
C SER C 195 -57.03 -14.34 36.05
N GLU C 196 -56.46 -13.41 35.29
CA GLU C 196 -55.15 -12.90 35.62
C GLU C 196 -55.41 -11.59 36.33
N THR C 197 -54.35 -10.98 36.85
CA THR C 197 -54.53 -9.74 37.58
C THR C 197 -54.04 -8.49 36.86
N VAL C 198 -54.80 -7.42 37.00
CA VAL C 198 -54.49 -6.14 36.40
C VAL C 198 -54.49 -5.04 37.45
N THR C 199 -53.55 -4.12 37.33
CA THR C 199 -53.46 -3.05 38.29
C THR C 199 -52.74 -1.82 37.71
N CYS C 200 -53.28 -0.64 37.99
CA CYS C 200 -52.66 0.60 37.49
C CYS C 200 -51.75 1.18 38.56
N ASN C 201 -50.57 1.61 38.10
CA ASN C 201 -49.57 2.19 38.98
C ASN C 201 -49.50 3.67 38.66
N VAL C 202 -50.08 4.48 39.53
CA VAL C 202 -50.07 5.90 39.31
C VAL C 202 -49.03 6.55 40.20
N ALA C 203 -48.22 7.43 39.61
CA ALA C 203 -47.18 8.13 40.34
C ALA C 203 -47.27 9.63 40.16
N HIS C 204 -47.15 10.33 41.28
CA HIS C 204 -47.18 11.80 41.34
C HIS C 204 -45.96 12.19 42.15
N PRO C 205 -44.81 12.32 41.47
CA PRO C 205 -43.52 12.68 42.06
C PRO C 205 -43.69 13.95 42.88
N ALA C 206 -44.36 14.92 42.27
CA ALA C 206 -44.62 16.21 42.89
C ALA C 206 -44.98 16.08 44.40
N SER C 207 -45.88 15.16 44.74
CA SER C 207 -46.29 14.98 46.14
C SER C 207 -45.58 13.78 46.76
N SER C 208 -44.57 13.27 46.06
CA SER C 208 -43.80 12.12 46.54
C SER C 208 -44.75 10.99 46.92
N THR C 209 -45.71 10.74 46.04
CA THR C 209 -46.71 9.70 46.25
C THR C 209 -46.75 8.73 45.09
N LYS C 210 -47.06 7.48 45.40
CA LYS C 210 -47.19 6.45 44.38
C LYS C 210 -48.30 5.55 44.87
N VAL C 211 -49.25 5.28 43.99
CA VAL C 211 -50.37 4.44 44.34
C VAL C 211 -50.64 3.35 43.32
N ASP C 212 -51.06 2.21 43.83
CA ASP C 212 -51.38 1.06 42.99
C ASP C 212 -52.78 0.58 43.35
N LYS C 213 -53.64 0.54 42.35
CA LYS C 213 -54.99 0.07 42.54
C LYS C 213 -55.17 -1.17 41.69
N LYS C 214 -55.58 -2.27 42.33
CA LYS C 214 -55.81 -3.49 41.58
C LYS C 214 -57.24 -3.41 41.12
N ILE C 215 -57.44 -3.54 39.82
CA ILE C 215 -58.80 -3.50 39.32
C ILE C 215 -59.37 -4.89 39.55
N VAL C 216 -60.36 -4.93 40.43
CA VAL C 216 -61.01 -6.18 40.76
C VAL C 216 -62.48 -6.08 40.43
N PRO C 217 -63.04 -7.15 39.84
CA PRO C 217 -64.45 -7.23 39.44
C PRO C 217 -65.34 -6.76 40.57
N ARG C 218 -66.08 -5.68 40.31
CA ARG C 218 -66.97 -5.12 41.31
C ARG C 218 -68.13 -6.09 41.55
N ASP C 219 -68.34 -6.44 42.81
CA ASP C 219 -69.39 -7.37 43.21
C ASP C 219 -70.45 -6.71 44.08
N CYS C 220 -71.67 -7.23 44.01
CA CYS C 220 -72.80 -6.70 44.78
C CYS C 220 -73.59 -7.87 45.38
N GLY D 1 40.58 25.90 -31.50
CA GLY D 1 41.05 27.00 -32.37
C GLY D 1 40.37 26.97 -33.71
N VAL D 2 40.37 28.09 -34.42
CA VAL D 2 39.73 28.19 -35.73
C VAL D 2 40.53 29.15 -36.61
N PHE D 3 41.62 28.65 -37.18
CA PHE D 3 42.51 29.45 -38.04
C PHE D 3 42.24 29.33 -39.55
N ASN D 4 41.80 30.43 -40.16
CA ASN D 4 41.56 30.44 -41.60
C ASN D 4 42.90 30.53 -42.36
N TYR D 5 42.90 30.21 -43.64
CA TYR D 5 44.11 30.28 -44.45
C TYR D 5 43.74 30.36 -45.93
N GLU D 6 43.20 31.50 -46.37
CA GLU D 6 42.82 31.66 -47.79
C GLU D 6 43.94 31.39 -48.80
N THR D 7 43.56 31.35 -50.08
CA THR D 7 44.50 31.09 -51.17
C THR D 7 43.85 31.54 -52.49
N GLU D 8 44.64 31.62 -53.53
CA GLU D 8 44.16 31.99 -54.85
C GLU D 8 45.04 31.46 -55.95
N THR D 9 44.48 31.43 -57.15
CA THR D 9 45.20 30.93 -58.30
C THR D 9 44.36 31.18 -59.54
N THR D 10 45.02 31.15 -60.69
CA THR D 10 44.36 31.41 -61.96
C THR D 10 44.35 30.22 -62.87
N SER D 11 43.50 30.32 -63.89
CA SER D 11 43.40 29.28 -64.88
C SER D 11 42.79 29.86 -66.14
N VAL D 12 43.10 29.19 -67.24
CA VAL D 12 42.64 29.58 -68.54
C VAL D 12 41.17 29.20 -68.73
N ILE D 13 40.83 28.00 -68.28
CA ILE D 13 39.48 27.43 -68.37
C ILE D 13 38.43 28.38 -67.81
N PRO D 14 37.37 28.68 -68.59
CA PRO D 14 36.35 29.58 -68.05
C PRO D 14 35.76 28.97 -66.78
N ALA D 15 35.49 29.81 -65.77
CA ALA D 15 34.93 29.35 -64.50
C ALA D 15 33.89 28.27 -64.74
N ALA D 16 32.82 28.66 -65.43
CA ALA D 16 31.73 27.75 -65.77
C ALA D 16 32.24 26.32 -65.91
N ARG D 17 32.90 26.06 -67.04
CA ARG D 17 33.44 24.75 -67.32
C ARG D 17 34.34 24.18 -66.23
N LEU D 18 35.36 24.93 -65.82
CA LEU D 18 36.26 24.44 -64.79
C LEU D 18 35.50 23.98 -63.56
N PHE D 19 34.40 24.66 -63.24
CA PHE D 19 33.61 24.29 -62.08
C PHE D 19 33.06 22.90 -62.24
N LYS D 20 32.30 22.73 -63.32
CA LYS D 20 31.71 21.45 -63.64
C LYS D 20 32.81 20.42 -63.52
N ALA D 21 33.84 20.60 -64.32
CA ALA D 21 34.96 19.69 -64.33
C ALA D 21 35.60 19.40 -62.97
N PHE D 22 36.42 20.34 -62.50
CA PHE D 22 37.16 20.22 -61.25
C PHE D 22 36.38 19.90 -59.98
N ILE D 23 35.17 20.43 -59.88
CA ILE D 23 34.37 20.21 -58.69
C ILE D 23 33.30 19.14 -58.88
N LEU D 24 32.24 19.51 -59.58
CA LEU D 24 31.12 18.61 -59.82
C LEU D 24 31.53 17.19 -60.16
N ASP D 25 32.25 16.97 -61.25
CA ASP D 25 32.63 15.61 -61.60
C ASP D 25 34.05 15.26 -61.17
N GLY D 26 34.74 16.25 -60.64
CA GLY D 26 36.12 16.06 -60.24
C GLY D 26 36.45 14.81 -59.46
N ASP D 27 35.60 14.44 -58.53
CA ASP D 27 35.91 13.30 -57.68
C ASP D 27 35.99 11.92 -58.32
N ASN D 28 35.96 11.86 -59.64
CA ASN D 28 36.08 10.58 -60.37
C ASN D 28 37.09 10.80 -61.48
N LEU D 29 37.35 12.08 -61.70
CA LEU D 29 38.29 12.55 -62.70
C LEU D 29 39.68 12.49 -62.11
N PHE D 30 39.78 12.79 -60.82
CA PHE D 30 41.06 12.79 -60.15
C PHE D 30 41.84 11.48 -60.20
N PRO D 31 41.22 10.34 -59.90
CA PRO D 31 42.04 9.13 -59.98
C PRO D 31 42.48 8.86 -61.41
N LYS D 32 41.80 9.51 -62.35
CA LYS D 32 42.14 9.36 -63.76
C LYS D 32 43.37 10.21 -64.09
N VAL D 33 43.24 11.51 -63.92
CA VAL D 33 44.33 12.44 -64.22
C VAL D 33 45.45 12.58 -63.18
N ALA D 34 45.17 12.38 -61.90
CA ALA D 34 46.22 12.54 -60.88
C ALA D 34 46.48 11.30 -59.99
N PRO D 35 46.62 10.13 -60.62
CA PRO D 35 46.86 8.80 -60.04
C PRO D 35 47.81 8.67 -58.87
N GLN D 36 48.78 9.57 -58.77
CA GLN D 36 49.77 9.51 -57.70
C GLN D 36 49.31 10.25 -56.45
N ALA D 37 48.24 11.03 -56.60
CA ALA D 37 47.69 11.80 -55.49
C ALA D 37 46.49 11.07 -54.89
N ILE D 38 45.49 10.87 -55.76
CA ILE D 38 44.25 10.20 -55.40
C ILE D 38 44.11 8.85 -56.08
N SER D 39 44.02 7.83 -55.25
CA SER D 39 43.86 6.45 -55.72
C SER D 39 42.41 6.26 -56.23
N SER D 40 41.45 6.42 -55.32
CA SER D 40 40.03 6.24 -55.64
C SER D 40 39.14 7.00 -54.66
N VAL D 41 37.95 7.40 -55.12
CA VAL D 41 36.98 8.11 -54.28
C VAL D 41 35.64 7.34 -54.27
N GLU D 42 35.03 7.18 -53.10
CA GLU D 42 33.75 6.49 -53.05
C GLU D 42 32.73 7.14 -52.09
N ASN D 43 31.45 7.08 -52.46
CA ASN D 43 30.37 7.65 -51.66
C ASN D 43 29.88 6.79 -50.50
N ILE D 44 30.55 6.90 -49.36
CA ILE D 44 30.21 6.18 -48.14
C ILE D 44 28.73 6.28 -47.77
N GLU D 45 28.13 7.45 -48.00
CA GLU D 45 26.69 7.69 -47.75
C GLU D 45 26.20 8.78 -48.70
N GLY D 46 25.06 8.57 -49.32
CA GLY D 46 24.56 9.61 -50.21
C GLY D 46 24.86 9.29 -51.65
N ASN D 47 24.16 9.97 -52.54
CA ASN D 47 24.32 9.73 -53.96
C ASN D 47 25.15 10.79 -54.66
N GLY D 48 26.02 11.47 -53.92
CA GLY D 48 26.85 12.49 -54.57
C GLY D 48 26.35 13.92 -54.57
N GLY D 49 25.10 14.15 -54.19
CA GLY D 49 24.63 15.52 -54.15
C GLY D 49 24.99 16.09 -52.78
N PRO D 50 24.44 17.28 -52.45
CA PRO D 50 24.71 17.93 -51.15
C PRO D 50 24.59 16.94 -49.98
N GLY D 51 25.51 17.04 -49.03
CA GLY D 51 25.48 16.15 -47.89
C GLY D 51 26.29 14.87 -48.10
N THR D 52 26.46 14.45 -49.35
CA THR D 52 27.21 13.21 -49.61
C THR D 52 28.52 13.10 -48.82
N ILE D 53 28.80 11.91 -48.28
CA ILE D 53 30.04 11.63 -47.53
C ILE D 53 30.94 10.73 -48.38
N LYS D 54 32.13 11.25 -48.74
CA LYS D 54 33.10 10.54 -49.58
C LYS D 54 34.34 10.04 -48.85
N LYS D 55 34.81 8.86 -49.22
CA LYS D 55 36.01 8.28 -48.66
C LYS D 55 37.03 8.36 -49.80
N ILE D 56 37.97 9.28 -49.67
CA ILE D 56 39.02 9.47 -50.66
C ILE D 56 40.26 8.65 -50.27
N SER D 57 40.64 7.74 -51.15
CA SER D 57 41.79 6.86 -50.92
C SER D 57 43.05 7.33 -51.62
N PHE D 58 44.19 7.09 -50.96
CA PHE D 58 45.50 7.49 -51.47
C PHE D 58 46.40 6.32 -51.86
N PRO D 59 47.22 6.53 -52.91
CA PRO D 59 48.14 5.50 -53.40
C PRO D 59 49.11 5.13 -52.26
N GLU D 60 49.31 3.83 -52.09
CA GLU D 60 50.19 3.34 -51.04
C GLU D 60 51.54 4.06 -51.14
N GLY D 61 51.96 4.62 -50.02
CA GLY D 61 53.22 5.35 -50.00
C GLY D 61 53.08 6.74 -49.43
N LEU D 62 52.06 7.47 -49.88
CA LEU D 62 51.82 8.84 -49.40
C LEU D 62 51.68 8.83 -47.87
N PRO D 63 51.57 10.02 -47.25
CA PRO D 63 51.43 10.07 -45.79
C PRO D 63 50.21 9.37 -45.21
N PHE D 64 49.04 9.65 -45.79
CA PHE D 64 47.79 9.07 -45.33
C PHE D 64 47.21 8.05 -46.29
N LYS D 65 46.43 7.13 -45.74
CA LYS D 65 45.77 6.12 -46.54
C LYS D 65 44.46 6.62 -47.13
N TYR D 66 43.63 7.25 -46.30
CA TYR D 66 42.33 7.76 -46.73
C TYR D 66 41.93 9.03 -45.99
N VAL D 67 40.79 9.58 -46.36
CA VAL D 67 40.24 10.78 -45.73
C VAL D 67 38.79 10.92 -46.14
N LYS D 68 37.93 11.31 -45.21
CA LYS D 68 36.51 11.47 -45.52
C LYS D 68 36.09 12.93 -45.45
N ASP D 69 35.57 13.44 -46.57
CA ASP D 69 35.10 14.81 -46.61
C ASP D 69 33.58 14.73 -46.66
N ARG D 70 32.92 15.87 -46.60
CA ARG D 70 31.47 15.88 -46.60
C ARG D 70 30.93 17.08 -47.35
N VAL D 71 30.35 16.85 -48.50
CA VAL D 71 29.81 17.95 -49.29
C VAL D 71 28.87 18.68 -48.37
N ASP D 72 29.05 19.98 -48.22
CA ASP D 72 28.20 20.76 -47.33
C ASP D 72 27.23 21.67 -48.02
N GLU D 73 27.67 22.27 -49.10
CA GLU D 73 26.78 23.16 -49.82
C GLU D 73 27.33 23.25 -51.22
N VAL D 74 26.44 23.41 -52.19
CA VAL D 74 26.86 23.50 -53.58
C VAL D 74 26.05 24.51 -54.37
N ASP D 75 26.55 25.74 -54.52
CA ASP D 75 25.82 26.71 -55.31
C ASP D 75 26.20 26.48 -56.75
N HIS D 76 25.22 26.15 -57.56
CA HIS D 76 25.49 25.87 -58.94
C HIS D 76 25.71 27.12 -59.78
N THR D 77 24.81 28.08 -59.67
CA THR D 77 24.95 29.31 -60.46
C THR D 77 26.25 30.08 -60.17
N ASN D 78 26.62 30.21 -58.90
CA ASN D 78 27.82 30.96 -58.53
C ASN D 78 29.10 30.16 -58.39
N PHE D 79 29.06 28.88 -58.70
CA PHE D 79 30.25 28.04 -58.62
C PHE D 79 30.91 28.04 -57.24
N LYS D 80 30.10 28.16 -56.19
CA LYS D 80 30.63 28.11 -54.84
C LYS D 80 30.40 26.69 -54.33
N TYR D 81 31.39 26.12 -53.66
CA TYR D 81 31.26 24.76 -53.19
C TYR D 81 32.01 24.58 -51.88
N ASN D 82 31.28 24.17 -50.84
CA ASN D 82 31.88 23.98 -49.53
C ASN D 82 31.84 22.54 -49.15
N TYR D 83 32.80 22.13 -48.32
CA TYR D 83 32.87 20.77 -47.84
C TYR D 83 33.76 20.70 -46.62
N SER D 84 33.79 19.55 -45.95
CA SER D 84 34.57 19.43 -44.72
C SER D 84 35.33 18.14 -44.56
N VAL D 85 36.60 18.25 -44.21
CA VAL D 85 37.38 17.04 -43.99
C VAL D 85 36.93 16.65 -42.60
N ILE D 86 36.59 15.38 -42.38
CA ILE D 86 36.08 15.01 -41.06
C ILE D 86 36.64 13.74 -40.46
N GLU D 87 37.38 12.96 -41.22
CA GLU D 87 37.95 11.76 -40.63
C GLU D 87 39.16 11.31 -41.42
N GLY D 88 40.12 10.71 -40.71
CA GLY D 88 41.33 10.22 -41.33
C GLY D 88 42.23 11.31 -41.90
N GLY D 89 43.55 11.07 -41.86
CA GLY D 89 44.49 12.04 -42.38
C GLY D 89 44.85 13.12 -41.38
N PRO D 90 44.83 14.40 -41.80
CA PRO D 90 45.16 15.53 -40.94
C PRO D 90 44.30 15.57 -39.68
N ILE D 91 43.16 14.89 -39.75
CA ILE D 91 42.23 14.86 -38.63
C ILE D 91 42.73 13.97 -37.50
N GLY D 92 42.57 14.47 -36.28
CA GLY D 92 42.99 13.71 -35.12
C GLY D 92 43.81 14.51 -34.13
N ASP D 93 43.52 14.31 -32.84
CA ASP D 93 44.23 15.00 -31.75
C ASP D 93 44.19 16.52 -31.88
N THR D 94 45.22 17.04 -32.52
CA THR D 94 45.37 18.46 -32.74
C THR D 94 44.25 19.06 -33.61
N LEU D 95 43.86 18.33 -34.65
CA LEU D 95 42.83 18.79 -35.56
C LEU D 95 41.50 18.05 -35.38
N GLU D 96 40.40 18.81 -35.39
CA GLU D 96 39.04 18.26 -35.25
C GLU D 96 38.46 18.01 -36.64
N LYS D 97 38.29 19.09 -37.40
CA LYS D 97 37.75 19.02 -38.75
C LYS D 97 38.18 20.25 -39.52
N ILE D 98 38.29 20.14 -40.85
CA ILE D 98 38.67 21.27 -41.69
C ILE D 98 37.53 21.65 -42.60
N SER D 99 37.06 22.88 -42.49
CA SER D 99 36.00 23.34 -43.35
C SER D 99 36.71 23.95 -44.51
N ASN D 100 36.14 23.82 -45.70
CA ASN D 100 36.75 24.39 -46.88
C ASN D 100 35.72 25.01 -47.76
N GLU D 101 36.14 26.00 -48.52
CA GLU D 101 35.24 26.64 -49.43
C GLU D 101 36.00 27.02 -50.69
N ILE D 102 35.46 26.64 -51.83
CA ILE D 102 36.08 26.93 -53.10
C ILE D 102 35.11 27.69 -53.97
N LYS D 103 35.53 28.87 -54.38
CA LYS D 103 34.69 29.68 -55.23
C LYS D 103 35.47 29.93 -56.52
N ILE D 104 34.77 29.87 -57.65
CA ILE D 104 35.41 30.09 -58.95
C ILE D 104 34.77 31.26 -59.69
N VAL D 105 35.61 32.26 -59.96
CA VAL D 105 35.21 33.51 -60.62
C VAL D 105 35.77 33.67 -62.03
N ALA D 106 34.89 34.04 -62.97
CA ALA D 106 35.29 34.22 -64.35
C ALA D 106 35.91 35.58 -64.63
N THR D 107 37.20 35.60 -64.93
CA THR D 107 37.91 36.82 -65.25
C THR D 107 37.52 37.29 -66.66
N PRO D 108 37.54 38.61 -66.91
CA PRO D 108 37.19 39.22 -68.20
C PRO D 108 37.87 38.65 -69.44
N ASP D 109 39.10 38.18 -69.25
CA ASP D 109 39.88 37.60 -70.33
C ASP D 109 39.41 36.19 -70.71
N GLY D 110 38.36 35.71 -70.06
CA GLY D 110 37.85 34.37 -70.35
C GLY D 110 38.27 33.32 -69.33
N GLY D 111 39.50 33.44 -68.82
CA GLY D 111 40.01 32.49 -67.83
C GLY D 111 39.25 32.50 -66.52
N SER D 112 39.95 32.25 -65.41
CA SER D 112 39.26 32.23 -64.13
C SER D 112 40.19 32.20 -62.92
N ILE D 113 39.60 32.37 -61.74
CA ILE D 113 40.32 32.37 -60.47
C ILE D 113 39.64 31.50 -59.41
N LEU D 114 40.44 30.79 -58.63
CA LEU D 114 39.94 29.90 -57.59
C LEU D 114 40.31 30.35 -56.20
N LYS D 115 39.38 30.96 -55.49
CA LYS D 115 39.66 31.37 -54.11
C LYS D 115 39.48 30.11 -53.23
N ILE D 116 40.19 30.01 -52.10
CA ILE D 116 40.09 28.80 -51.28
C ILE D 116 40.33 28.93 -49.76
N SER D 117 39.27 28.87 -48.94
CA SER D 117 39.42 28.98 -47.49
C SER D 117 39.85 27.67 -46.86
N ASN D 118 40.17 27.70 -45.57
CA ASN D 118 40.62 26.49 -44.90
C ASN D 118 40.56 26.57 -43.37
N LYS D 119 39.40 26.87 -42.81
CA LYS D 119 39.30 26.97 -41.36
C LYS D 119 39.66 25.62 -40.73
N TYR D 120 40.77 25.60 -40.01
CA TYR D 120 41.18 24.38 -39.33
C TYR D 120 40.69 24.44 -37.89
N HIS D 121 39.62 23.71 -37.61
CA HIS D 121 39.08 23.66 -36.26
C HIS D 121 40.04 22.79 -35.45
N THR D 122 40.80 23.44 -34.58
CA THR D 122 41.78 22.76 -33.76
C THR D 122 41.25 22.52 -32.36
N LYS D 123 41.88 21.57 -31.68
CA LYS D 123 41.48 21.23 -30.32
C LYS D 123 41.90 22.33 -29.34
N GLY D 124 40.88 23.00 -28.79
CA GLY D 124 41.12 24.08 -27.85
C GLY D 124 41.91 25.17 -28.49
N ASP D 125 43.22 24.99 -28.58
CA ASP D 125 44.07 25.98 -29.20
C ASP D 125 45.45 25.52 -29.64
N HIS D 126 45.64 24.22 -29.89
CA HIS D 126 46.94 23.77 -30.36
C HIS D 126 47.09 24.47 -31.73
N GLU D 127 48.31 24.48 -32.28
CA GLU D 127 48.54 25.16 -33.56
C GLU D 127 48.51 24.32 -34.83
N VAL D 128 48.35 25.03 -35.95
CA VAL D 128 48.31 24.46 -37.29
C VAL D 128 49.72 24.26 -37.80
N LYS D 129 50.25 23.05 -37.68
CA LYS D 129 51.60 22.79 -38.15
C LYS D 129 51.73 23.22 -39.60
N ALA D 130 52.54 24.26 -39.85
CA ALA D 130 52.77 24.78 -41.20
C ALA D 130 52.91 23.64 -42.19
N GLU D 131 53.17 22.46 -41.65
CA GLU D 131 53.29 21.24 -42.44
C GLU D 131 52.08 21.12 -43.34
N GLN D 132 50.93 21.00 -42.69
CA GLN D 132 49.67 20.86 -43.38
C GLN D 132 49.38 22.00 -44.33
N VAL D 133 49.33 23.22 -43.83
CA VAL D 133 49.03 24.35 -44.68
C VAL D 133 49.83 24.27 -45.96
N LYS D 134 50.97 23.59 -45.88
CA LYS D 134 51.88 23.41 -47.01
C LYS D 134 51.33 22.39 -48.01
N ALA D 135 51.11 21.16 -47.53
CA ALA D 135 50.59 20.09 -48.36
C ALA D 135 49.25 20.47 -49.00
N SER D 136 48.30 20.91 -48.18
CA SER D 136 46.99 21.31 -48.65
C SER D 136 47.07 22.21 -49.88
N LYS D 137 48.12 23.02 -49.93
CA LYS D 137 48.35 23.95 -51.03
C LYS D 137 48.86 23.26 -52.30
N GLU D 138 49.76 22.30 -52.11
CA GLU D 138 50.36 21.54 -53.20
C GLU D 138 49.39 20.47 -53.69
N MET D 139 48.75 19.80 -52.74
CA MET D 139 47.76 18.77 -53.04
C MET D 139 46.80 19.41 -54.04
N GLY D 140 46.02 20.38 -53.57
CA GLY D 140 45.08 21.04 -54.44
C GLY D 140 45.74 21.74 -55.62
N GLU D 141 47.03 22.00 -55.51
CA GLU D 141 47.75 22.67 -56.59
C GLU D 141 47.85 21.77 -57.81
N THR D 142 48.55 20.65 -57.63
CA THR D 142 48.74 19.69 -58.70
C THR D 142 47.39 19.37 -59.35
N LEU D 143 46.40 19.03 -58.52
CA LEU D 143 45.07 18.67 -59.00
C LEU D 143 44.52 19.69 -59.95
N LEU D 144 44.45 20.96 -59.55
CA LEU D 144 43.93 21.95 -60.48
C LEU D 144 44.74 21.87 -61.76
N ARG D 145 46.04 21.65 -61.63
CA ARG D 145 46.89 21.55 -62.80
C ARG D 145 46.52 20.34 -63.66
N ALA D 146 46.57 19.15 -63.07
CA ALA D 146 46.24 17.90 -63.79
C ALA D 146 44.93 18.02 -64.56
N VAL D 147 43.98 18.76 -64.02
CA VAL D 147 42.70 18.94 -64.69
C VAL D 147 42.80 19.98 -65.81
N GLU D 148 43.55 21.06 -65.57
CA GLU D 148 43.71 22.08 -66.58
C GLU D 148 44.24 21.46 -67.87
N SER D 149 45.31 20.67 -67.71
CA SER D 149 45.92 19.99 -68.82
C SER D 149 44.87 19.14 -69.54
N TYR D 150 44.35 18.14 -68.82
CA TYR D 150 43.34 17.25 -69.37
C TYR D 150 42.26 18.05 -70.08
N LEU D 151 41.66 18.98 -69.35
CA LEU D 151 40.62 19.81 -69.94
C LEU D 151 41.03 20.39 -71.26
N LEU D 152 42.30 20.79 -71.33
CA LEU D 152 42.85 21.39 -72.54
C LEU D 152 42.94 20.41 -73.69
N ALA D 153 43.59 19.29 -73.43
CA ALA D 153 43.78 18.23 -74.41
C ALA D 153 42.47 17.63 -74.92
N HIS D 154 41.39 17.78 -74.17
CA HIS D 154 40.10 17.23 -74.56
C HIS D 154 39.03 18.29 -74.65
N SER D 155 39.30 19.27 -75.49
CA SER D 155 38.44 20.41 -75.75
C SER D 155 36.92 20.22 -75.86
N ASP D 156 36.47 19.01 -76.22
CA ASP D 156 35.02 18.74 -76.37
C ASP D 156 34.35 18.30 -75.06
N ALA D 157 35.19 18.03 -74.05
CA ALA D 157 34.75 17.60 -72.74
C ALA D 157 33.99 18.68 -71.98
N TYR D 158 33.39 18.25 -70.87
CA TYR D 158 32.62 19.12 -69.97
C TYR D 158 32.03 20.36 -70.61
N ASN D 159 31.23 20.13 -71.66
CA ASN D 159 30.58 21.20 -72.41
C ASN D 159 31.52 21.66 -73.52
N ASN E 1 14.76 24.99 -54.01
CA ASN E 1 13.52 24.20 -53.79
C ASN E 1 12.92 23.67 -55.11
N ILE E 2 13.18 22.40 -55.41
CA ILE E 2 12.68 21.77 -56.63
C ILE E 2 11.31 21.12 -56.44
N VAL E 3 10.66 20.78 -57.55
CA VAL E 3 9.35 20.12 -57.49
C VAL E 3 9.28 18.90 -58.39
N LEU E 4 9.13 17.73 -57.77
CA LEU E 4 9.05 16.48 -58.50
C LEU E 4 7.59 16.21 -58.79
N THR E 5 7.23 16.14 -60.08
CA THR E 5 5.85 15.89 -60.44
C THR E 5 5.59 14.49 -60.99
N GLN E 6 4.72 13.76 -60.30
CA GLN E 6 4.37 12.41 -60.69
C GLN E 6 3.01 12.32 -61.36
N SER E 7 2.95 11.48 -62.39
CA SER E 7 1.73 11.28 -63.15
C SER E 7 1.66 9.92 -63.82
N PRO E 8 0.45 9.33 -63.86
CA PRO E 8 -0.81 9.87 -63.34
C PRO E 8 -0.94 9.78 -61.83
N LYS E 9 -2.04 10.24 -61.28
CA LYS E 9 -2.20 10.16 -59.86
C LYS E 9 -2.30 8.69 -59.47
N SER E 10 -2.79 7.85 -60.38
CA SER E 10 -2.92 6.40 -60.13
C SER E 10 -2.96 5.59 -61.42
N MET E 11 -2.64 4.31 -61.31
CA MET E 11 -2.62 3.40 -62.46
C MET E 11 -3.27 2.09 -62.12
N SER E 12 -4.03 1.55 -63.07
CA SER E 12 -4.69 0.27 -62.90
C SER E 12 -4.35 -0.66 -64.03
N VAL E 13 -3.69 -1.77 -63.70
CA VAL E 13 -3.29 -2.73 -64.71
C VAL E 13 -3.47 -4.12 -64.15
N SER E 14 -3.44 -5.10 -65.03
CA SER E 14 -3.64 -6.47 -64.61
C SER E 14 -2.35 -7.16 -64.34
N VAL E 15 -2.40 -8.10 -63.42
CA VAL E 15 -1.19 -8.82 -63.06
C VAL E 15 -0.58 -9.59 -64.23
N GLY E 16 0.62 -9.16 -64.62
CA GLY E 16 1.37 -9.75 -65.72
C GLY E 16 1.73 -8.60 -66.64
N GLU E 17 0.88 -7.59 -66.65
CA GLU E 17 1.02 -6.39 -67.46
C GLU E 17 2.33 -5.64 -67.27
N ARG E 18 2.53 -4.63 -68.09
CA ARG E 18 3.72 -3.82 -68.01
C ARG E 18 3.29 -2.39 -67.69
N VAL E 19 4.08 -1.72 -66.86
CA VAL E 19 3.73 -0.37 -66.47
C VAL E 19 4.97 0.49 -66.37
N THR E 20 4.75 1.79 -66.54
CA THR E 20 5.80 2.77 -66.43
C THR E 20 5.26 4.01 -65.76
N LEU E 21 5.94 4.41 -64.68
CA LEU E 21 5.59 5.59 -63.89
C LEU E 21 6.52 6.71 -64.31
N SER E 22 6.05 7.96 -64.14
CA SER E 22 6.85 9.11 -64.51
C SER E 22 7.07 10.10 -63.36
N CYS E 23 8.26 10.70 -63.37
CA CYS E 23 8.62 11.72 -62.39
C CYS E 23 9.29 12.81 -63.20
N LYS E 24 8.75 14.03 -63.11
CA LYS E 24 9.30 15.18 -63.83
C LYS E 24 9.62 16.30 -62.85
N ALA E 25 10.89 16.73 -62.86
CA ALA E 25 11.34 17.80 -61.96
C ALA E 25 11.29 19.17 -62.63
N SER E 26 11.17 20.21 -61.81
CA SER E 26 11.11 21.58 -62.31
C SER E 26 12.47 22.11 -62.81
N GLU E 27 13.52 21.31 -62.70
CA GLU E 27 14.84 21.72 -63.16
C GLU E 27 15.67 20.50 -63.43
N ASN E 28 16.94 20.72 -63.69
CA ASN E 28 17.83 19.59 -63.93
C ASN E 28 18.24 19.14 -62.54
N VAL E 29 18.32 17.83 -62.36
CA VAL E 29 18.72 17.27 -61.08
C VAL E 29 19.77 16.22 -61.42
N ASP E 30 20.10 16.16 -62.70
CA ASP E 30 21.12 15.24 -63.16
C ASP E 30 20.75 13.79 -62.92
N THR E 31 21.27 13.20 -61.85
CA THR E 31 20.97 11.81 -61.57
C THR E 31 20.68 11.56 -60.10
N TYR E 32 20.46 12.65 -59.38
CA TYR E 32 20.19 12.60 -57.95
C TYR E 32 18.73 12.31 -57.67
N VAL E 33 18.24 11.29 -58.36
CA VAL E 33 16.87 10.86 -58.22
C VAL E 33 16.84 9.41 -57.78
N PHE E 34 15.76 9.03 -57.09
CA PHE E 34 15.59 7.69 -56.56
C PHE E 34 14.11 7.39 -56.31
N TRP E 35 13.77 6.10 -56.30
CA TRP E 35 12.39 5.66 -56.12
C TRP E 35 12.11 4.85 -54.89
N PHE E 36 10.92 5.06 -54.34
CA PHE E 36 10.45 4.35 -53.15
C PHE E 36 9.20 3.57 -53.48
N GLN E 37 9.04 2.42 -52.81
CA GLN E 37 7.84 1.60 -52.97
C GLN E 37 7.20 1.46 -51.60
N GLN E 38 6.07 2.11 -51.39
CA GLN E 38 5.42 2.03 -50.09
C GLN E 38 4.09 1.26 -50.14
N LYS E 39 4.11 0.04 -49.63
CA LYS E 39 2.93 -0.83 -49.58
C LYS E 39 2.04 -0.33 -48.44
N PRO E 40 0.77 -0.79 -48.40
CA PRO E 40 -0.15 -0.36 -47.34
C PRO E 40 0.33 -0.79 -45.96
N ASP E 41 0.38 0.18 -45.03
CA ASP E 41 0.84 -0.04 -43.65
C ASP E 41 2.30 -0.44 -43.54
N GLN E 42 3.17 0.30 -44.22
CA GLN E 42 4.60 0.03 -44.21
C GLN E 42 5.38 1.30 -44.47
N SER E 43 6.52 1.45 -43.82
CA SER E 43 7.35 2.62 -44.06
C SER E 43 7.83 2.49 -45.50
N PRO E 44 8.16 3.60 -46.18
CA PRO E 44 8.63 3.47 -47.55
C PRO E 44 9.85 2.56 -47.61
N LYS E 45 10.10 2.00 -48.79
CA LYS E 45 11.24 1.13 -49.00
C LYS E 45 11.97 1.66 -50.20
N LEU E 46 13.29 1.65 -50.12
CA LEU E 46 14.12 2.14 -51.21
C LEU E 46 14.04 1.14 -52.36
N LEU E 47 13.44 1.58 -53.45
CA LEU E 47 13.28 0.73 -54.61
C LEU E 47 14.46 0.90 -55.56
N LEU E 48 14.47 2.02 -56.24
CA LEU E 48 15.53 2.37 -57.16
C LEU E 48 16.34 3.53 -56.56
N TYR E 49 17.57 3.24 -56.12
CA TYR E 49 18.44 4.26 -55.56
C TYR E 49 19.13 4.81 -56.80
N GLY E 50 19.06 6.11 -57.07
CA GLY E 50 19.65 6.59 -58.32
C GLY E 50 18.84 5.98 -59.48
N PRO E 51 18.47 6.76 -60.53
CA PRO E 51 17.69 6.16 -61.62
C PRO E 51 18.29 4.87 -62.16
N SER E 52 17.45 4.04 -62.77
CA SER E 52 17.90 2.77 -63.34
C SER E 52 18.85 1.93 -62.46
N ASN E 53 18.63 1.89 -61.15
CA ASN E 53 19.48 1.10 -60.27
C ASN E 53 18.75 0.38 -59.14
N ARG E 54 18.56 -0.91 -59.28
CA ARG E 54 17.84 -1.66 -58.26
C ARG E 54 18.59 -1.80 -56.95
N TYR E 55 18.00 -1.29 -55.87
CA TYR E 55 18.62 -1.38 -54.56
C TYR E 55 18.60 -2.84 -54.13
N THR E 56 19.41 -3.17 -53.13
CA THR E 56 19.49 -4.53 -52.63
C THR E 56 18.11 -5.15 -52.48
N GLY E 57 17.93 -6.32 -53.12
CA GLY E 57 16.66 -7.01 -53.06
C GLY E 57 15.87 -6.90 -54.35
N VAL E 58 15.19 -5.76 -54.51
CA VAL E 58 14.39 -5.47 -55.69
C VAL E 58 14.58 -6.40 -56.90
N PRO E 59 13.51 -7.11 -57.30
CA PRO E 59 13.53 -8.04 -58.45
C PRO E 59 13.68 -7.33 -59.80
N ASP E 60 14.36 -8.00 -60.72
CA ASP E 60 14.64 -7.44 -62.04
C ASP E 60 13.43 -7.01 -62.85
N ARG E 61 12.26 -7.13 -62.27
CA ARG E 61 11.02 -6.74 -62.94
C ARG E 61 10.98 -5.21 -62.89
N PHE E 62 11.79 -4.68 -61.97
CA PHE E 62 11.91 -3.24 -61.74
C PHE E 62 13.13 -2.62 -62.46
N THR E 63 12.91 -1.47 -63.08
CA THR E 63 13.99 -0.78 -63.79
C THR E 63 13.55 0.65 -63.98
N GLY E 64 14.49 1.50 -64.34
CA GLY E 64 14.15 2.89 -64.53
C GLY E 64 15.17 3.63 -65.35
N SER E 65 14.94 4.91 -65.59
CA SER E 65 15.87 5.69 -66.37
C SER E 65 15.55 7.19 -66.45
N GLY E 66 16.54 7.92 -66.90
CA GLY E 66 16.39 9.35 -67.05
C GLY E 66 17.59 10.08 -66.49
N SER E 67 17.50 11.39 -66.60
CA SER E 67 18.50 12.30 -66.12
C SER E 67 17.98 13.64 -66.57
N THR E 68 18.63 14.71 -66.12
CA THR E 68 18.20 16.03 -66.50
C THR E 68 16.90 16.40 -65.82
N THR E 69 15.79 16.04 -66.45
CA THR E 69 14.51 16.41 -65.87
C THR E 69 13.39 15.37 -65.89
N ASP E 70 13.45 14.39 -66.79
CA ASP E 70 12.40 13.36 -66.86
C ASP E 70 12.90 11.96 -66.52
N PHE E 71 12.19 11.29 -65.61
CA PHE E 71 12.57 9.94 -65.17
C PHE E 71 11.38 8.99 -65.12
N THR E 72 11.68 7.69 -65.14
CA THR E 72 10.63 6.69 -65.13
C THR E 72 10.98 5.36 -64.50
N LEU E 73 10.01 4.83 -63.76
CA LEU E 73 10.13 3.53 -63.12
C LEU E 73 9.26 2.63 -63.97
N THR E 74 9.73 1.43 -64.26
CA THR E 74 8.92 0.53 -65.06
C THR E 74 8.94 -0.90 -64.56
N ILE E 75 7.78 -1.51 -64.54
CA ILE E 75 7.71 -2.89 -64.12
C ILE E 75 7.30 -3.62 -65.38
N SER E 76 8.14 -4.57 -65.76
CA SER E 76 7.93 -5.38 -66.95
C SER E 76 6.57 -6.06 -66.89
N SER E 77 6.39 -6.86 -65.84
CA SER E 77 5.13 -7.58 -65.63
C SER E 77 4.69 -7.55 -64.16
N VAL E 78 3.87 -6.55 -63.83
CA VAL E 78 3.31 -6.33 -62.50
C VAL E 78 2.83 -7.60 -61.78
N GLN E 79 3.02 -7.68 -60.47
CA GLN E 79 2.56 -8.85 -59.71
C GLN E 79 1.50 -8.35 -58.77
N ALA E 80 0.89 -9.26 -58.01
CA ALA E 80 -0.14 -8.83 -57.08
C ALA E 80 0.47 -8.13 -55.86
N GLU E 81 1.76 -8.35 -55.64
CA GLU E 81 2.50 -7.79 -54.51
C GLU E 81 2.83 -6.35 -54.79
N ASP E 82 3.34 -6.11 -56.00
CA ASP E 82 3.74 -4.81 -56.47
C ASP E 82 2.68 -3.76 -56.32
N LEU E 83 1.58 -4.15 -55.72
CA LEU E 83 0.52 -3.21 -55.45
C LEU E 83 1.12 -2.28 -54.39
N ALA E 84 1.24 -1.00 -54.70
CA ALA E 84 1.81 -0.07 -53.74
C ALA E 84 1.71 1.37 -54.18
N ASP E 85 2.25 2.26 -53.37
CA ASP E 85 2.29 3.66 -53.71
C ASP E 85 3.77 3.91 -54.00
N TYR E 86 4.05 4.32 -55.23
CA TYR E 86 5.42 4.55 -55.66
C TYR E 86 5.85 6.02 -55.60
N HIS E 87 7.01 6.25 -55.00
CA HIS E 87 7.52 7.60 -54.79
C HIS E 87 8.82 8.05 -55.43
N CYS E 88 8.95 9.37 -55.52
CA CYS E 88 10.10 10.05 -56.09
C CYS E 88 10.80 11.05 -55.20
N GLY E 89 12.13 11.03 -55.26
CA GLY E 89 12.91 11.95 -54.47
C GLY E 89 14.19 12.38 -55.14
N GLN E 90 14.59 13.62 -54.89
CA GLN E 90 15.82 14.18 -55.43
C GLN E 90 16.66 14.73 -54.29
N SER E 91 17.97 14.70 -54.48
CA SER E 91 18.87 15.22 -53.47
C SER E 91 19.93 16.01 -54.22
N TYR E 92 19.45 16.70 -55.24
CA TYR E 92 20.30 17.53 -56.06
C TYR E 92 20.50 18.79 -55.25
N SER E 93 19.41 19.48 -54.96
CA SER E 93 19.48 20.70 -54.16
C SER E 93 18.88 20.41 -52.78
N TYR E 94 19.18 21.23 -51.78
CA TYR E 94 18.51 21.08 -50.48
C TYR E 94 17.45 22.16 -50.75
N PRO E 95 16.20 21.96 -50.30
CA PRO E 95 15.70 20.85 -49.55
C PRO E 95 15.41 19.73 -50.50
N TYR E 96 15.65 18.55 -49.98
CA TYR E 96 15.34 17.36 -50.70
C TYR E 96 13.83 17.40 -50.80
N THR E 97 13.30 17.03 -51.96
CA THR E 97 11.86 17.04 -52.13
C THR E 97 11.39 15.70 -52.70
N PHE E 98 10.07 15.47 -52.67
CA PHE E 98 9.52 14.22 -53.20
C PHE E 98 8.38 14.40 -54.21
N GLY E 99 8.15 13.34 -55.00
CA GLY E 99 7.06 13.37 -55.94
C GLY E 99 5.79 13.15 -55.11
N GLY E 100 4.64 13.55 -55.64
CA GLY E 100 3.42 13.36 -54.87
C GLY E 100 3.04 11.90 -54.67
N GLY E 101 3.66 11.01 -55.44
CA GLY E 101 3.35 9.60 -55.34
C GLY E 101 2.33 9.25 -56.42
N THR E 102 2.36 8.00 -56.87
CA THR E 102 1.43 7.52 -57.88
C THR E 102 1.06 6.09 -57.51
N LYS E 103 -0.20 5.91 -57.08
CA LYS E 103 -0.69 4.62 -56.63
C LYS E 103 -0.92 3.57 -57.71
N LEU E 104 -0.29 2.42 -57.55
CA LEU E 104 -0.45 1.32 -58.49
C LEU E 104 -1.57 0.40 -58.00
N GLU E 105 -2.60 0.21 -58.83
CA GLU E 105 -3.76 -0.63 -58.48
C GLU E 105 -3.98 -1.76 -59.48
N ILE E 106 -4.05 -2.99 -58.99
CA ILE E 106 -4.28 -4.15 -59.84
C ILE E 106 -5.75 -4.43 -60.23
N LYS E 107 -5.96 -4.81 -61.49
CA LYS E 107 -7.27 -5.13 -62.01
C LYS E 107 -7.37 -6.66 -62.15
N ARG E 108 -8.52 -7.21 -61.79
CA ARG E 108 -8.74 -8.66 -61.85
C ARG E 108 -10.18 -9.06 -62.22
N ALA E 109 -10.44 -10.37 -62.21
CA ALA E 109 -11.77 -10.89 -62.52
C ALA E 109 -12.72 -10.54 -61.38
N ASP E 110 -13.96 -10.13 -61.70
CA ASP E 110 -14.90 -9.81 -60.63
C ASP E 110 -15.12 -10.99 -59.70
N ALA E 111 -15.56 -10.69 -58.48
CA ALA E 111 -15.84 -11.73 -57.49
C ALA E 111 -16.89 -11.15 -56.54
N ALA E 112 -17.75 -12.02 -56.04
CA ALA E 112 -18.79 -11.57 -55.14
C ALA E 112 -18.31 -11.77 -53.70
N PRO E 113 -18.72 -10.86 -52.81
CA PRO E 113 -18.32 -10.93 -51.40
C PRO E 113 -18.63 -12.26 -50.75
N THR E 114 -18.16 -12.40 -49.52
CA THR E 114 -18.40 -13.60 -48.75
C THR E 114 -18.84 -13.02 -47.43
N VAL E 115 -20.15 -12.90 -47.27
CA VAL E 115 -20.78 -12.33 -46.09
C VAL E 115 -20.85 -13.21 -44.87
N SER E 116 -20.81 -12.58 -43.72
CA SER E 116 -20.86 -13.26 -42.45
C SER E 116 -21.36 -12.25 -41.45
N ILE E 117 -22.44 -12.59 -40.78
CA ILE E 117 -22.99 -11.66 -39.80
C ILE E 117 -22.70 -12.23 -38.42
N PHE E 118 -22.47 -11.34 -37.47
CA PHE E 118 -22.16 -11.73 -36.11
C PHE E 118 -22.99 -10.95 -35.09
N PRO E 119 -23.68 -11.67 -34.21
CA PRO E 119 -24.51 -11.10 -33.16
C PRO E 119 -23.63 -10.69 -31.98
N PRO E 120 -23.96 -9.58 -31.31
CA PRO E 120 -23.18 -9.08 -30.17
C PRO E 120 -22.67 -10.22 -29.30
N SER E 121 -21.42 -10.16 -28.88
CA SER E 121 -20.90 -11.23 -28.03
C SER E 121 -21.44 -11.00 -26.63
N SER E 122 -21.63 -12.11 -25.94
CA SER E 122 -22.14 -12.08 -24.57
C SER E 122 -21.43 -11.00 -23.78
N GLU E 123 -20.10 -11.04 -23.79
CA GLU E 123 -19.29 -10.06 -23.08
C GLU E 123 -19.78 -8.65 -23.32
N GLN E 124 -19.75 -8.22 -24.58
CA GLN E 124 -20.15 -6.86 -24.90
C GLN E 124 -21.45 -6.48 -24.23
N LEU E 125 -22.36 -7.45 -24.13
CA LEU E 125 -23.69 -7.24 -23.54
C LEU E 125 -23.63 -6.95 -22.04
N THR E 126 -22.74 -7.64 -21.37
CA THR E 126 -22.58 -7.49 -19.95
C THR E 126 -22.17 -6.06 -19.59
N SER E 127 -21.99 -5.21 -20.59
CA SER E 127 -21.59 -3.83 -20.32
C SER E 127 -22.63 -2.86 -20.87
N GLY E 128 -23.76 -3.42 -21.28
CA GLY E 128 -24.83 -2.61 -21.82
C GLY E 128 -24.60 -2.25 -23.28
N GLY E 129 -23.57 -2.86 -23.87
CA GLY E 129 -23.28 -2.57 -25.26
C GLY E 129 -23.85 -3.62 -26.19
N ALA E 130 -24.06 -3.26 -27.47
CA ALA E 130 -24.60 -4.20 -28.45
C ALA E 130 -24.15 -3.95 -29.90
N SER E 131 -23.17 -4.72 -30.37
CA SER E 131 -22.69 -4.54 -31.72
C SER E 131 -22.83 -5.76 -32.62
N VAL E 132 -23.45 -5.54 -33.76
CA VAL E 132 -23.64 -6.60 -34.73
C VAL E 132 -22.74 -6.23 -35.89
N VAL E 133 -21.83 -7.12 -36.24
CA VAL E 133 -20.91 -6.85 -37.32
C VAL E 133 -21.22 -7.74 -38.48
N CYS E 134 -20.65 -7.40 -39.63
CA CYS E 134 -20.84 -8.20 -40.80
C CYS E 134 -19.69 -7.94 -41.76
N PHE E 135 -19.06 -9.03 -42.21
CA PHE E 135 -17.94 -8.93 -43.13
C PHE E 135 -18.33 -9.36 -44.53
N LEU E 136 -17.99 -8.52 -45.50
CA LEU E 136 -18.24 -8.81 -46.90
C LEU E 136 -16.79 -8.89 -47.37
N ASN E 137 -16.30 -10.11 -47.49
CA ASN E 137 -14.90 -10.28 -47.85
C ASN E 137 -14.55 -10.82 -49.21
N ASN E 138 -13.45 -10.28 -49.72
CA ASN E 138 -12.91 -10.69 -50.99
C ASN E 138 -13.77 -10.51 -52.21
N PHE E 139 -14.17 -9.27 -52.47
CA PHE E 139 -14.95 -9.03 -53.66
C PHE E 139 -14.12 -8.30 -54.71
N TYR E 140 -14.80 -7.66 -55.66
CA TYR E 140 -14.18 -6.89 -56.75
C TYR E 140 -15.24 -6.68 -57.83
N PRO E 141 -15.48 -5.43 -58.22
CA PRO E 141 -14.91 -4.13 -57.83
C PRO E 141 -15.00 -3.74 -56.37
N LYS E 142 -14.37 -2.61 -56.05
CA LYS E 142 -14.35 -2.06 -54.70
C LYS E 142 -15.74 -1.58 -54.32
N ASP E 143 -16.50 -1.17 -55.32
CA ASP E 143 -17.84 -0.67 -55.06
C ASP E 143 -18.84 -1.75 -54.63
N ILE E 144 -19.40 -1.53 -53.43
CA ILE E 144 -20.38 -2.44 -52.87
C ILE E 144 -21.19 -1.66 -51.86
N ASN E 145 -22.43 -2.11 -51.65
CA ASN E 145 -23.33 -1.46 -50.71
C ASN E 145 -23.89 -2.41 -49.66
N VAL E 146 -24.09 -1.86 -48.48
CA VAL E 146 -24.59 -2.62 -47.35
C VAL E 146 -25.83 -1.98 -46.76
N LYS E 147 -26.83 -2.81 -46.50
CA LYS E 147 -28.07 -2.34 -45.91
C LYS E 147 -28.36 -3.21 -44.70
N TRP E 148 -28.88 -2.61 -43.64
CA TRP E 148 -29.24 -3.38 -42.46
C TRP E 148 -30.74 -3.31 -42.26
N LYS E 149 -31.31 -4.42 -41.81
CA LYS E 149 -32.75 -4.52 -41.54
C LYS E 149 -33.04 -5.20 -40.21
N ILE E 150 -33.54 -4.42 -39.26
CA ILE E 150 -33.91 -4.93 -37.95
C ILE E 150 -35.39 -5.29 -38.07
N ASP E 151 -35.67 -6.56 -38.35
CA ASP E 151 -37.05 -7.01 -38.51
C ASP E 151 -37.60 -6.41 -39.80
N GLY E 152 -36.96 -6.70 -40.92
CA GLY E 152 -37.43 -6.20 -42.20
C GLY E 152 -37.48 -4.71 -42.49
N SER E 153 -37.20 -3.86 -41.49
CA SER E 153 -37.22 -2.42 -41.74
C SER E 153 -35.79 -1.89 -41.80
N GLU E 154 -35.57 -0.88 -42.64
CA GLU E 154 -34.23 -0.31 -42.79
C GLU E 154 -33.66 0.25 -41.51
N ARG E 155 -32.34 0.44 -41.53
CA ARG E 155 -31.64 0.99 -40.40
C ARG E 155 -30.40 1.69 -40.92
N GLN E 156 -30.34 3.00 -40.69
CA GLN E 156 -29.23 3.84 -41.12
C GLN E 156 -28.39 4.32 -39.95
N ASN E 157 -28.99 4.30 -38.77
CA ASN E 157 -28.34 4.78 -37.57
C ASN E 157 -27.39 3.76 -36.92
N GLY E 158 -26.33 4.27 -36.29
CA GLY E 158 -25.36 3.41 -35.60
C GLY E 158 -24.55 2.41 -36.40
N VAL E 159 -24.62 2.50 -37.72
CA VAL E 159 -23.88 1.59 -38.60
C VAL E 159 -22.61 2.27 -39.10
N LEU E 160 -21.50 1.54 -39.08
CA LEU E 160 -20.23 2.07 -39.53
C LEU E 160 -19.48 1.08 -40.39
N ASN E 161 -18.86 1.61 -41.45
CA ASN E 161 -18.13 0.79 -42.40
C ASN E 161 -16.67 1.17 -42.59
N SER E 162 -15.97 0.32 -43.34
CA SER E 162 -14.57 0.55 -43.65
C SER E 162 -14.08 -0.59 -44.51
N TRP E 163 -13.33 -0.25 -45.56
CA TRP E 163 -12.75 -1.23 -46.48
C TRP E 163 -11.26 -1.34 -46.23
N THR E 164 -10.67 -2.44 -46.70
CA THR E 164 -9.25 -2.65 -46.57
C THR E 164 -8.68 -2.08 -47.86
N ASP E 165 -7.50 -2.56 -48.25
CA ASP E 165 -6.88 -2.12 -49.49
C ASP E 165 -6.68 -3.39 -50.27
N GLN E 166 -6.92 -3.30 -51.56
CA GLN E 166 -6.74 -4.44 -52.46
C GLN E 166 -5.60 -5.23 -51.85
N ASP E 167 -5.83 -6.48 -51.44
CA ASP E 167 -4.72 -7.18 -50.83
C ASP E 167 -3.72 -7.70 -51.86
N SER E 168 -2.61 -8.22 -51.37
CA SER E 168 -1.55 -8.67 -52.25
C SER E 168 -1.59 -10.07 -52.78
N LYS E 169 -2.52 -10.88 -52.30
CA LYS E 169 -2.58 -12.25 -52.78
C LYS E 169 -3.58 -12.49 -53.89
N ASP E 170 -4.66 -11.71 -53.89
CA ASP E 170 -5.69 -11.88 -54.90
C ASP E 170 -6.27 -10.59 -55.39
N SER E 171 -5.67 -9.48 -54.98
CA SER E 171 -6.15 -8.18 -55.39
C SER E 171 -7.64 -7.90 -55.11
N THR E 172 -8.24 -8.62 -54.17
CA THR E 172 -9.66 -8.38 -53.84
C THR E 172 -9.74 -7.35 -52.74
N TYR E 173 -10.97 -6.99 -52.36
CA TYR E 173 -11.17 -6.05 -51.27
C TYR E 173 -12.01 -6.72 -50.20
N SER E 174 -12.30 -5.97 -49.15
CA SER E 174 -13.10 -6.48 -48.06
C SER E 174 -13.62 -5.27 -47.34
N MET E 175 -14.82 -5.41 -46.78
CA MET E 175 -15.42 -4.31 -46.07
C MET E 175 -16.11 -4.86 -44.85
N SER E 176 -16.31 -3.99 -43.88
CA SER E 176 -16.98 -4.42 -42.67
C SER E 176 -17.84 -3.31 -42.14
N SER E 177 -19.14 -3.58 -42.12
CA SER E 177 -20.09 -2.63 -41.60
C SER E 177 -20.48 -3.26 -40.29
N THR E 178 -20.68 -2.44 -39.28
CA THR E 178 -21.01 -2.96 -38.00
C THR E 178 -22.07 -2.08 -37.37
N LEU E 179 -23.17 -2.74 -36.98
CA LEU E 179 -24.31 -2.10 -36.36
C LEU E 179 -24.14 -2.11 -34.85
N THR E 180 -24.17 -0.92 -34.27
CA THR E 180 -24.01 -0.79 -32.84
C THR E 180 -25.17 -0.04 -32.22
N LEU E 181 -25.66 -0.56 -31.09
CA LEU E 181 -26.77 0.06 -30.37
C LEU E 181 -26.89 -0.37 -28.90
N THR E 182 -27.91 0.16 -28.21
CA THR E 182 -28.15 -0.14 -26.79
C THR E 182 -28.67 -1.54 -26.58
N LYS E 183 -28.11 -2.20 -25.56
CA LYS E 183 -28.53 -3.56 -25.23
C LYS E 183 -30.05 -3.66 -25.29
N ASP E 184 -30.71 -2.72 -24.61
CA ASP E 184 -32.17 -2.68 -24.57
C ASP E 184 -32.73 -2.65 -25.98
N GLU E 185 -32.31 -1.65 -26.75
CA GLU E 185 -32.75 -1.51 -28.14
C GLU E 185 -32.45 -2.77 -28.93
N TYR E 186 -31.37 -3.44 -28.56
CA TYR E 186 -30.99 -4.65 -29.25
C TYR E 186 -32.07 -5.71 -29.07
N GLU E 187 -32.51 -5.88 -27.84
CA GLU E 187 -33.51 -6.89 -27.54
C GLU E 187 -34.94 -6.51 -27.92
N ARG E 188 -35.21 -5.22 -28.13
CA ARG E 188 -36.56 -4.82 -28.51
C ARG E 188 -36.81 -5.34 -29.92
N HIS E 189 -35.86 -6.11 -30.45
CA HIS E 189 -36.02 -6.65 -31.78
C HIS E 189 -35.57 -8.09 -31.94
N ASN E 190 -36.08 -8.71 -32.99
CA ASN E 190 -35.86 -10.12 -33.27
C ASN E 190 -34.80 -10.52 -34.27
N SER E 191 -35.14 -10.39 -35.55
CA SER E 191 -34.24 -10.76 -36.62
C SER E 191 -33.35 -9.63 -37.12
N TYR E 192 -32.06 -9.91 -37.17
CA TYR E 192 -31.08 -8.96 -37.64
C TYR E 192 -30.56 -9.50 -38.94
N THR E 193 -30.61 -8.67 -39.98
CA THR E 193 -30.16 -9.10 -41.28
C THR E 193 -29.14 -8.15 -41.95
N CYS E 194 -28.28 -8.72 -42.80
CA CYS E 194 -27.24 -7.97 -43.50
C CYS E 194 -27.40 -8.03 -45.02
N GLU E 195 -27.59 -6.85 -45.62
CA GLU E 195 -27.82 -6.72 -47.07
C GLU E 195 -26.59 -6.32 -47.92
N ALA E 196 -26.18 -7.22 -48.81
CA ALA E 196 -25.01 -6.96 -49.65
C ALA E 196 -25.32 -6.84 -51.13
N THR E 197 -25.49 -5.62 -51.60
CA THR E 197 -25.78 -5.37 -53.00
C THR E 197 -24.51 -5.02 -53.76
N HIS E 198 -23.92 -6.01 -54.41
CA HIS E 198 -22.70 -5.77 -55.14
C HIS E 198 -22.95 -5.35 -56.59
N LYS E 199 -22.34 -6.07 -57.52
CA LYS E 199 -22.47 -5.77 -58.93
C LYS E 199 -22.25 -7.07 -59.72
N THR E 200 -22.19 -8.20 -58.99
CA THR E 200 -22.00 -9.50 -59.62
C THR E 200 -23.32 -10.32 -59.64
N SER E 201 -24.41 -9.69 -59.19
CA SER E 201 -25.75 -10.28 -59.18
C SER E 201 -26.79 -9.20 -58.84
N THR E 202 -27.86 -9.15 -59.61
CA THR E 202 -28.92 -8.15 -59.37
C THR E 202 -29.67 -8.58 -58.11
N SER E 203 -29.42 -9.83 -57.74
CA SER E 203 -30.00 -10.45 -56.56
C SER E 203 -28.98 -10.47 -55.43
N PRO E 204 -29.07 -9.50 -54.51
CA PRO E 204 -28.18 -9.31 -53.35
C PRO E 204 -27.96 -10.50 -52.44
N ILE E 205 -26.75 -10.57 -51.91
CA ILE E 205 -26.37 -11.61 -50.98
C ILE E 205 -26.86 -11.16 -49.61
N VAL E 206 -27.54 -12.05 -48.93
CA VAL E 206 -28.08 -11.74 -47.60
C VAL E 206 -27.65 -12.75 -46.53
N LYS E 207 -27.48 -12.24 -45.31
CA LYS E 207 -27.11 -13.07 -44.18
C LYS E 207 -27.75 -12.45 -42.96
N SER E 208 -28.33 -13.29 -42.11
CA SER E 208 -28.98 -12.79 -40.91
C SER E 208 -29.20 -13.88 -39.87
N PHE E 209 -29.51 -13.43 -38.66
CA PHE E 209 -29.78 -14.34 -37.57
C PHE E 209 -31.02 -13.83 -36.87
N ASN E 210 -31.59 -14.69 -36.01
CA ASN E 210 -32.79 -14.35 -35.26
C ASN E 210 -32.45 -14.36 -33.77
N ARG E 211 -32.38 -13.18 -33.18
CA ARG E 211 -32.03 -13.02 -31.76
C ARG E 211 -32.75 -14.01 -30.88
N ASN E 212 -33.98 -14.33 -31.27
CA ASN E 212 -34.83 -15.24 -30.52
C ASN E 212 -34.49 -16.70 -30.72
N GLU E 213 -34.17 -17.07 -31.96
CA GLU E 213 -33.83 -18.44 -32.32
C GLU E 213 -32.50 -18.88 -31.72
N CYS E 214 -31.91 -18.00 -30.92
CA CYS E 214 -30.63 -18.27 -30.24
C CYS E 214 -30.54 -19.64 -29.59
N GLN F 1 22.81 -6.42 -38.85
CA GLN F 1 22.11 -5.33 -38.15
C GLN F 1 22.60 -3.94 -38.48
N VAL F 2 21.67 -3.01 -38.41
CA VAL F 2 21.88 -1.58 -38.59
C VAL F 2 20.42 -1.16 -38.47
N GLN F 3 20.06 -0.63 -37.31
CA GLN F 3 18.68 -0.27 -37.03
C GLN F 3 18.40 1.10 -36.43
N LEU F 4 17.21 1.61 -36.73
CA LEU F 4 16.75 2.90 -36.24
C LEU F 4 15.50 2.67 -35.42
N GLN F 5 15.68 2.61 -34.11
CA GLN F 5 14.56 2.36 -33.22
C GLN F 5 13.80 3.60 -32.74
N GLN F 6 12.49 3.60 -32.97
CA GLN F 6 11.65 4.71 -32.51
C GLN F 6 10.23 4.33 -32.07
N PRO F 7 9.78 4.90 -30.94
CA PRO F 7 8.46 4.67 -30.38
C PRO F 7 7.38 4.62 -31.42
N GLY F 8 6.37 3.80 -31.18
CA GLY F 8 5.30 3.69 -32.16
C GLY F 8 4.31 4.84 -32.11
N THR F 9 4.06 5.37 -30.90
CA THR F 9 3.10 6.44 -30.76
C THR F 9 3.49 7.51 -29.77
N GLU F 10 2.91 8.69 -29.97
CA GLU F 10 3.10 9.84 -29.09
C GLU F 10 1.81 10.63 -29.09
N LEU F 11 1.27 10.87 -27.90
CA LEU F 11 0.03 11.64 -27.80
C LEU F 11 0.44 12.92 -27.12
N VAL F 12 -0.04 14.04 -27.62
CA VAL F 12 0.34 15.29 -27.01
C VAL F 12 -0.77 16.33 -27.07
N ARG F 13 -0.90 17.07 -25.98
CA ARG F 13 -1.90 18.11 -25.89
C ARG F 13 -1.48 19.24 -26.81
N PRO F 14 -2.41 19.76 -27.63
CA PRO F 14 -2.01 20.85 -28.52
C PRO F 14 -1.17 21.88 -27.76
N GLY F 15 -0.13 22.35 -28.41
CA GLY F 15 0.75 23.32 -27.79
C GLY F 15 1.60 22.76 -26.68
N ALA F 16 2.00 21.50 -26.82
CA ALA F 16 2.85 20.88 -25.82
C ALA F 16 4.10 20.47 -26.59
N SER F 17 5.23 20.35 -25.91
CA SER F 17 6.44 19.99 -26.64
C SER F 17 6.46 18.50 -26.89
N VAL F 18 6.78 18.14 -28.14
CA VAL F 18 6.85 16.75 -28.56
C VAL F 18 8.25 16.34 -28.89
N ILE F 19 8.72 15.27 -28.26
CA ILE F 19 10.07 14.82 -28.58
C ILE F 19 10.08 13.46 -29.25
N LEU F 20 10.71 13.41 -30.41
CA LEU F 20 10.81 12.18 -31.14
C LEU F 20 12.21 11.66 -31.00
N SER F 21 12.33 10.49 -30.38
CA SER F 21 13.65 9.88 -30.22
C SER F 21 13.83 8.84 -31.30
N CYS F 22 15.09 8.65 -31.70
CA CYS F 22 15.44 7.67 -32.71
C CYS F 22 16.79 7.14 -32.29
N LYS F 23 16.85 5.86 -31.90
CA LYS F 23 18.11 5.31 -31.43
C LYS F 23 18.78 4.38 -32.42
N ALA F 24 20.00 4.75 -32.82
CA ALA F 24 20.79 3.99 -33.78
C ALA F 24 21.43 2.77 -33.14
N SER F 25 21.93 1.88 -33.98
CA SER F 25 22.60 0.65 -33.55
C SER F 25 23.05 -0.08 -34.79
N GLY F 26 24.12 -0.87 -34.66
CA GLY F 26 24.60 -1.63 -35.80
C GLY F 26 25.57 -0.90 -36.70
N TYR F 27 25.83 0.38 -36.40
CA TYR F 27 26.77 1.15 -37.21
C TYR F 27 27.38 2.28 -36.36
N THR F 28 28.41 2.94 -36.89
CA THR F 28 29.01 4.03 -36.16
C THR F 28 28.19 5.31 -36.30
N PHE F 29 27.37 5.55 -35.28
CA PHE F 29 26.46 6.68 -35.21
C PHE F 29 26.94 8.01 -35.79
N THR F 30 28.13 8.42 -35.38
CA THR F 30 28.73 9.70 -35.82
C THR F 30 29.28 9.74 -37.22
N SER F 31 29.22 8.62 -37.93
CA SER F 31 29.74 8.59 -39.28
C SER F 31 28.62 8.78 -40.30
N TYR F 32 27.37 8.81 -39.85
CA TYR F 32 26.25 8.94 -40.79
C TYR F 32 25.20 9.97 -40.48
N TRP F 33 24.61 10.51 -41.55
CA TRP F 33 23.53 11.48 -41.43
C TRP F 33 22.26 10.80 -40.95
N ILE F 34 21.30 11.61 -40.51
CA ILE F 34 19.98 11.15 -40.08
C ILE F 34 18.99 12.09 -40.76
N ASN F 35 18.16 11.54 -41.63
CA ASN F 35 17.20 12.37 -42.33
C ASN F 35 15.83 12.11 -41.83
N TRP F 36 15.16 13.17 -41.43
CA TRP F 36 13.82 13.05 -40.91
C TRP F 36 12.79 13.41 -41.95
N VAL F 37 11.87 12.49 -42.18
CA VAL F 37 10.80 12.75 -43.12
C VAL F 37 9.48 12.50 -42.40
N LYS F 38 8.55 13.41 -42.62
CA LYS F 38 7.23 13.37 -42.01
C LYS F 38 6.17 13.02 -43.05
N GLN F 39 5.16 12.27 -42.64
CA GLN F 39 4.11 11.87 -43.58
C GLN F 39 2.75 11.81 -42.89
N ARG F 40 1.80 12.52 -43.48
CA ARG F 40 0.45 12.55 -42.94
C ARG F 40 -0.39 11.48 -43.59
N PRO F 41 -1.39 10.93 -42.86
CA PRO F 41 -2.28 9.88 -43.36
C PRO F 41 -2.63 10.03 -44.85
N GLY F 42 -2.22 9.04 -45.64
CA GLY F 42 -2.48 9.06 -47.08
C GLY F 42 -2.04 10.37 -47.70
N GLN F 43 -0.74 10.64 -47.61
CA GLN F 43 -0.18 11.87 -48.14
C GLN F 43 1.24 11.61 -48.60
N GLY F 44 1.76 12.55 -49.39
CA GLY F 44 3.13 12.41 -49.87
C GLY F 44 4.08 12.59 -48.71
N LEU F 45 5.34 12.26 -48.97
CA LEU F 45 6.38 12.38 -47.95
C LEU F 45 6.87 13.82 -47.91
N GLU F 46 7.51 14.20 -46.83
CA GLU F 46 8.02 15.54 -46.70
C GLU F 46 9.37 15.54 -46.02
N TRP F 47 10.42 15.97 -46.72
CA TRP F 47 11.73 15.99 -46.08
C TRP F 47 11.68 17.05 -44.99
N VAL F 48 12.03 16.66 -43.78
CA VAL F 48 12.00 17.61 -42.70
C VAL F 48 13.32 18.35 -42.60
N GLY F 49 14.42 17.61 -42.52
CA GLY F 49 15.73 18.22 -42.41
C GLY F 49 16.68 17.11 -42.05
N ASN F 50 17.98 17.39 -42.02
CA ASN F 50 18.94 16.35 -41.69
C ASN F 50 19.90 16.83 -40.63
N ILE F 51 20.68 15.92 -40.10
CA ILE F 51 21.62 16.29 -39.08
C ILE F 51 22.70 15.24 -39.01
N PHE F 52 23.93 15.69 -39.13
CA PHE F 52 25.06 14.80 -39.06
C PHE F 52 25.46 14.83 -37.62
N PRO F 53 25.52 13.68 -36.95
CA PRO F 53 25.93 13.73 -35.53
C PRO F 53 27.39 14.17 -35.51
N SER F 54 28.14 13.87 -34.47
CA SER F 54 29.56 14.28 -34.41
C SER F 54 29.72 15.80 -34.28
N ASP F 55 29.41 16.55 -35.34
CA ASP F 55 29.54 18.00 -35.26
C ASP F 55 28.16 18.63 -35.29
N SER F 56 27.15 17.79 -35.17
CA SER F 56 25.75 18.22 -35.18
C SER F 56 25.37 19.26 -36.27
N TYR F 57 25.97 19.14 -37.43
CA TYR F 57 25.67 20.03 -38.56
C TYR F 57 24.23 19.71 -39.01
N THR F 58 23.45 20.73 -39.38
CA THR F 58 22.07 20.47 -39.78
C THR F 58 21.54 21.33 -40.92
N ASN F 59 20.53 20.82 -41.61
CA ASN F 59 19.89 21.54 -42.71
C ASN F 59 18.41 21.36 -42.49
N TYR F 60 17.64 22.43 -42.52
CA TYR F 60 16.20 22.32 -42.32
C TYR F 60 15.43 22.68 -43.57
N ASN F 61 14.33 21.97 -43.81
CA ASN F 61 13.46 22.27 -44.93
C ASN F 61 12.86 23.56 -44.43
N GLN F 62 12.56 24.49 -45.32
CA GLN F 62 12.01 25.76 -44.86
C GLN F 62 10.76 25.61 -44.00
N LYS F 63 9.76 24.90 -44.52
CA LYS F 63 8.48 24.68 -43.83
C LYS F 63 8.58 24.43 -42.34
N PHE F 64 9.69 23.88 -41.88
CA PHE F 64 9.84 23.55 -40.47
C PHE F 64 10.85 24.41 -39.75
N LYS F 65 11.56 25.23 -40.50
CA LYS F 65 12.60 26.09 -39.96
C LYS F 65 12.48 26.31 -38.45
N ASP F 66 11.39 26.95 -38.05
CA ASP F 66 11.18 27.29 -36.65
C ASP F 66 10.19 26.42 -35.85
N LYS F 67 9.64 25.40 -36.49
CA LYS F 67 8.73 24.49 -35.78
C LYS F 67 9.55 23.39 -35.12
N ALA F 68 10.36 22.74 -35.95
CA ALA F 68 11.20 21.61 -35.57
C ALA F 68 12.62 21.94 -35.14
N THR F 69 13.24 20.98 -34.45
CA THR F 69 14.59 21.13 -33.95
C THR F 69 15.28 19.78 -33.75
N LEU F 70 16.18 19.47 -34.68
CA LEU F 70 16.93 18.23 -34.63
C LEU F 70 18.12 18.39 -33.71
N THR F 71 18.50 17.30 -33.05
CA THR F 71 19.64 17.30 -32.15
C THR F 71 20.01 15.85 -31.94
N VAL F 72 21.14 15.62 -31.28
CA VAL F 72 21.59 14.25 -31.06
C VAL F 72 22.33 14.11 -29.75
N ASP F 73 22.47 12.89 -29.27
CA ASP F 73 23.20 12.66 -28.04
C ASP F 73 24.21 11.58 -28.30
N LYS F 74 25.35 12.00 -28.82
CA LYS F 74 26.42 11.08 -29.16
C LYS F 74 26.64 9.94 -28.17
N SER F 75 26.60 10.23 -26.86
CA SER F 75 26.83 9.19 -25.88
C SER F 75 25.92 7.98 -26.06
N SER F 76 24.61 8.21 -26.00
CA SER F 76 23.61 7.15 -26.16
C SER F 76 23.28 6.93 -27.63
N SER F 77 24.13 7.50 -28.48
CA SER F 77 23.98 7.37 -29.92
C SER F 77 22.52 7.35 -30.39
N THR F 78 21.81 8.44 -30.17
CA THR F 78 20.44 8.54 -30.63
C THR F 78 20.14 9.99 -31.00
N ALA F 79 19.23 10.19 -31.95
CA ALA F 79 18.88 11.52 -32.43
C ALA F 79 17.46 11.86 -32.08
N TYR F 80 17.21 13.16 -31.91
CA TYR F 80 15.89 13.61 -31.54
C TYR F 80 15.38 14.72 -32.41
N MET F 81 14.13 14.60 -32.81
CA MET F 81 13.47 15.64 -33.57
C MET F 81 12.47 16.19 -32.59
N GLN F 82 12.48 17.50 -32.41
CA GLN F 82 11.59 18.13 -31.46
C GLN F 82 10.62 19.07 -32.14
N VAL F 83 9.34 18.89 -31.86
CA VAL F 83 8.35 19.76 -32.46
C VAL F 83 7.81 20.70 -31.41
N ASN F 84 7.64 21.95 -31.80
CA ASN F 84 7.17 22.95 -30.87
C ASN F 84 5.77 23.40 -31.22
N SER F 85 4.99 23.64 -30.18
CA SER F 85 3.60 24.09 -30.32
C SER F 85 2.84 23.32 -31.39
N PRO F 86 2.63 22.02 -31.15
CA PRO F 86 1.93 21.08 -32.00
C PRO F 86 0.49 21.51 -32.29
N THR F 87 -0.08 20.96 -33.35
CA THR F 87 -1.45 21.26 -33.75
C THR F 87 -1.85 20.10 -34.65
N SER F 88 -3.13 19.97 -34.97
CA SER F 88 -3.59 18.88 -35.82
C SER F 88 -2.77 18.75 -37.11
N GLU F 89 -2.27 19.88 -37.62
CA GLU F 89 -1.46 19.88 -38.84
C GLU F 89 -0.21 19.04 -38.57
N ASP F 90 0.12 18.88 -37.30
CA ASP F 90 1.30 18.12 -36.90
C ASP F 90 1.07 16.64 -36.63
N SER F 91 -0.16 16.23 -36.36
CA SER F 91 -0.40 14.81 -36.14
C SER F 91 -0.01 14.13 -37.45
N ALA F 92 0.94 13.20 -37.35
CA ALA F 92 1.43 12.45 -38.50
C ALA F 92 2.45 11.44 -38.02
N VAL F 93 3.07 10.73 -38.96
CA VAL F 93 4.08 9.76 -38.61
C VAL F 93 5.43 10.30 -39.05
N TYR F 94 6.43 10.15 -38.19
CA TYR F 94 7.77 10.65 -38.42
C TYR F 94 8.84 9.57 -38.47
N TYR F 95 9.50 9.45 -39.62
CA TYR F 95 10.54 8.46 -39.75
C TYR F 95 11.90 9.11 -39.72
N CYS F 96 12.82 8.46 -39.03
CA CYS F 96 14.17 8.95 -39.01
C CYS F 96 14.81 7.94 -39.97
N THR F 97 15.74 8.38 -40.80
CA THR F 97 16.34 7.48 -41.77
C THR F 97 17.82 7.65 -41.87
N ARG F 98 18.46 6.66 -42.48
CA ARG F 98 19.90 6.65 -42.67
C ARG F 98 20.10 6.12 -44.06
N GLY F 99 21.04 6.70 -44.79
CA GLY F 99 21.28 6.24 -46.14
C GLY F 99 22.34 5.17 -46.14
N ALA F 100 23.06 5.07 -47.25
CA ALA F 100 24.13 4.10 -47.38
C ALA F 100 24.82 4.28 -48.71
N ARG F 101 25.85 3.46 -48.94
CA ARG F 101 26.66 3.47 -50.14
C ARG F 101 25.92 3.87 -51.40
N ASP F 102 26.01 5.14 -51.77
CA ASP F 102 25.39 5.68 -52.96
C ASP F 102 23.96 6.16 -52.94
N THR F 103 23.38 6.31 -51.74
CA THR F 103 22.02 6.84 -51.58
C THR F 103 21.70 7.27 -50.23
N TRP F 104 20.46 7.72 -50.15
CA TRP F 104 19.88 8.19 -48.93
C TRP F 104 18.69 7.28 -48.71
N PHE F 105 18.14 7.28 -47.49
CA PHE F 105 16.94 6.51 -47.24
C PHE F 105 17.03 5.02 -47.51
N ALA F 106 18.17 4.44 -47.18
CA ALA F 106 18.33 3.02 -47.37
C ALA F 106 17.71 2.35 -46.16
N TYR F 107 17.79 2.99 -45.01
CA TYR F 107 17.23 2.39 -43.82
C TYR F 107 16.20 3.29 -43.20
N TRP F 108 15.10 2.71 -42.72
CA TRP F 108 14.05 3.51 -42.12
C TRP F 108 13.69 3.11 -40.71
N GLY F 109 13.38 4.09 -39.88
CA GLY F 109 12.97 3.80 -38.52
C GLY F 109 11.55 3.27 -38.68
N GLN F 110 11.05 2.70 -37.60
CA GLN F 110 9.69 2.16 -37.62
C GLN F 110 8.65 3.24 -37.99
N GLY F 111 8.86 4.46 -37.49
CA GLY F 111 7.96 5.57 -37.71
C GLY F 111 7.19 5.79 -36.41
N THR F 112 7.05 7.04 -35.98
CA THR F 112 6.29 7.30 -34.77
C THR F 112 5.01 8.04 -35.11
N LEU F 113 3.91 7.61 -34.51
CA LEU F 113 2.66 8.26 -34.80
C LEU F 113 2.34 9.25 -33.72
N VAL F 114 2.37 10.53 -34.08
CA VAL F 114 2.05 11.56 -33.11
C VAL F 114 0.61 11.92 -33.34
N THR F 115 -0.09 12.04 -32.22
CA THR F 115 -1.48 12.40 -32.22
C THR F 115 -1.50 13.60 -31.26
N VAL F 116 -1.97 14.73 -31.77
CA VAL F 116 -2.08 15.96 -30.96
C VAL F 116 -3.55 16.08 -30.61
N SER F 117 -3.88 15.90 -29.33
CA SER F 117 -5.25 15.97 -28.90
C SER F 117 -5.39 16.09 -27.39
N VAL F 118 -6.54 16.61 -27.00
CA VAL F 118 -6.87 16.79 -25.59
C VAL F 118 -7.45 15.48 -25.09
N ALA F 119 -7.99 14.71 -26.04
CA ALA F 119 -8.58 13.40 -25.76
C ALA F 119 -7.67 12.58 -24.87
N LYS F 120 -8.28 11.83 -23.96
CA LYS F 120 -7.52 11.01 -23.03
C LYS F 120 -7.31 9.61 -23.57
N THR F 121 -6.11 9.10 -23.36
CA THR F 121 -5.79 7.77 -23.81
C THR F 121 -6.62 6.72 -23.04
N THR F 122 -7.33 5.86 -23.78
CA THR F 122 -8.14 4.83 -23.17
C THR F 122 -7.90 3.50 -23.86
N PRO F 123 -7.75 2.42 -23.06
CA PRO F 123 -7.51 1.09 -23.63
C PRO F 123 -8.73 0.54 -24.33
N PRO F 124 -8.51 -0.43 -25.22
CA PRO F 124 -9.59 -1.06 -25.99
C PRO F 124 -10.32 -2.14 -25.22
N SER F 125 -11.52 -2.47 -25.71
CA SER F 125 -12.33 -3.54 -25.13
C SER F 125 -12.43 -4.48 -26.32
N VAL F 126 -11.97 -5.70 -26.14
CA VAL F 126 -12.02 -6.63 -27.24
C VAL F 126 -13.06 -7.74 -27.01
N PHE F 127 -14.05 -7.75 -27.89
CA PHE F 127 -15.13 -8.72 -27.82
C PHE F 127 -14.97 -9.71 -28.97
N PRO F 128 -14.93 -11.02 -28.65
CA PRO F 128 -14.77 -12.07 -29.65
C PRO F 128 -16.02 -12.24 -30.49
N LEU F 129 -15.84 -12.63 -31.74
CA LEU F 129 -16.96 -12.84 -32.65
C LEU F 129 -16.93 -14.24 -33.23
N ALA F 130 -17.77 -15.12 -32.67
CA ALA F 130 -17.90 -16.50 -33.14
C ALA F 130 -19.20 -16.62 -33.93
N PRO F 131 -19.33 -17.65 -34.77
CA PRO F 131 -20.57 -17.76 -35.54
C PRO F 131 -21.69 -18.14 -34.59
N GLY F 132 -22.87 -17.58 -34.78
CA GLY F 132 -23.98 -17.91 -33.90
C GLY F 132 -24.37 -19.39 -33.88
N SER F 133 -25.10 -19.81 -32.85
CA SER F 133 -25.54 -21.21 -32.76
C SER F 133 -26.44 -21.39 -33.97
N ALA F 134 -27.26 -20.36 -34.20
CA ALA F 134 -28.18 -20.30 -35.32
C ALA F 134 -27.35 -20.10 -36.61
N ALA F 135 -26.29 -20.90 -36.75
CA ALA F 135 -25.41 -20.83 -37.92
C ALA F 135 -25.21 -22.20 -38.57
N GLN F 136 -25.02 -22.20 -39.89
CA GLN F 136 -24.85 -23.44 -40.61
C GLN F 136 -23.52 -23.65 -41.32
N THR F 137 -23.13 -24.91 -41.35
CA THR F 137 -21.90 -25.38 -41.96
C THR F 137 -21.60 -24.84 -43.36
N ASN F 138 -20.31 -24.66 -43.65
CA ASN F 138 -19.79 -24.21 -44.95
C ASN F 138 -18.51 -25.01 -45.17
N SER F 139 -17.83 -24.77 -46.27
CA SER F 139 -16.59 -25.49 -46.51
C SER F 139 -15.51 -24.88 -45.61
N MET F 140 -15.62 -23.57 -45.46
CA MET F 140 -14.70 -22.79 -44.65
C MET F 140 -15.47 -22.19 -43.50
N VAL F 141 -14.74 -21.61 -42.56
CA VAL F 141 -15.36 -20.98 -41.42
C VAL F 141 -14.64 -19.68 -41.11
N THR F 142 -15.39 -18.63 -40.82
CA THR F 142 -14.75 -17.36 -40.52
C THR F 142 -15.14 -16.82 -39.14
N LEU F 143 -14.11 -16.41 -38.40
CA LEU F 143 -14.29 -15.85 -37.07
C LEU F 143 -13.85 -14.41 -37.10
N GLY F 144 -13.26 -13.97 -36.00
CA GLY F 144 -12.80 -12.59 -35.93
C GLY F 144 -13.33 -11.99 -34.66
N CYS F 145 -12.71 -10.92 -34.20
CA CYS F 145 -13.17 -10.27 -33.00
C CYS F 145 -13.11 -8.78 -33.25
N LEU F 146 -13.73 -7.99 -32.38
CA LEU F 146 -13.69 -6.57 -32.60
C LEU F 146 -13.13 -5.79 -31.42
N VAL F 147 -12.30 -4.81 -31.75
CA VAL F 147 -11.65 -3.94 -30.77
C VAL F 147 -12.41 -2.64 -30.75
N LYS F 148 -12.97 -2.31 -29.58
CA LYS F 148 -13.78 -1.12 -29.48
C LYS F 148 -13.38 -0.09 -28.42
N GLY F 149 -13.72 1.17 -28.70
CA GLY F 149 -13.47 2.29 -27.79
C GLY F 149 -12.12 2.55 -27.16
N TYR F 150 -11.07 2.65 -27.97
CA TYR F 150 -9.74 2.90 -27.43
C TYR F 150 -9.18 4.19 -28.04
N PHE F 151 -8.09 4.64 -27.44
CA PHE F 151 -7.44 5.84 -27.90
C PHE F 151 -6.06 5.95 -27.24
N PRO F 152 -5.06 6.40 -27.99
CA PRO F 152 -5.17 6.81 -29.40
C PRO F 152 -4.80 5.68 -30.33
N GLU F 153 -4.63 6.03 -31.61
CA GLU F 153 -4.18 5.07 -32.59
C GLU F 153 -2.71 4.84 -32.22
N PRO F 154 -2.14 3.69 -32.57
CA PRO F 154 -2.73 2.57 -33.29
C PRO F 154 -2.87 1.35 -32.37
N VAL F 155 -3.36 0.28 -33.00
CA VAL F 155 -3.55 -0.99 -32.33
C VAL F 155 -3.15 -2.07 -33.32
N THR F 156 -2.47 -3.08 -32.81
CA THR F 156 -2.03 -4.16 -33.66
C THR F 156 -2.72 -5.43 -33.19
N VAL F 157 -3.15 -6.23 -34.15
CA VAL F 157 -3.81 -7.47 -33.82
C VAL F 157 -3.26 -8.61 -34.67
N THR F 158 -3.16 -9.77 -34.07
CA THR F 158 -2.68 -10.95 -34.76
C THR F 158 -3.46 -12.13 -34.27
N TRP F 159 -3.48 -13.19 -35.09
CA TRP F 159 -4.19 -14.39 -34.70
C TRP F 159 -3.24 -15.53 -34.37
N ASN F 160 -3.47 -16.13 -33.22
CA ASN F 160 -2.65 -17.22 -32.74
C ASN F 160 -1.23 -16.73 -32.76
N SER F 161 -1.02 -15.57 -32.14
CA SER F 161 0.29 -14.97 -32.05
C SER F 161 1.03 -14.88 -33.39
N GLY F 162 0.33 -14.58 -34.46
CA GLY F 162 1.00 -14.46 -35.74
C GLY F 162 1.05 -15.70 -36.62
N SER F 163 0.80 -16.88 -36.05
CA SER F 163 0.82 -18.12 -36.81
C SER F 163 -0.13 -17.99 -37.99
N LEU F 164 -1.33 -17.50 -37.71
CA LEU F 164 -2.33 -17.29 -38.74
C LEU F 164 -2.14 -15.93 -39.40
N SER F 165 -1.72 -15.95 -40.65
CA SER F 165 -1.51 -14.70 -41.39
C SER F 165 -2.30 -14.68 -42.68
N SER F 166 -2.56 -15.87 -43.21
CA SER F 166 -3.32 -16.02 -44.44
C SER F 166 -4.79 -16.11 -44.09
N GLY F 167 -5.62 -15.28 -44.73
CA GLY F 167 -7.04 -15.33 -44.47
C GLY F 167 -7.52 -14.37 -43.39
N VAL F 168 -6.63 -13.49 -42.94
CA VAL F 168 -6.97 -12.52 -41.92
C VAL F 168 -7.20 -11.20 -42.60
N HIS F 169 -8.20 -10.47 -42.15
CA HIS F 169 -8.48 -9.15 -42.71
C HIS F 169 -8.72 -8.26 -41.52
N THR F 170 -7.85 -7.28 -41.32
CA THR F 170 -8.03 -6.34 -40.22
C THR F 170 -8.46 -5.04 -40.85
N PHE F 171 -9.53 -4.46 -40.33
CA PHE F 171 -10.04 -3.27 -40.93
C PHE F 171 -9.56 -1.98 -40.31
N PRO F 172 -9.40 -0.95 -41.15
CA PRO F 172 -8.96 0.36 -40.69
C PRO F 172 -9.94 0.88 -39.65
N ALA F 173 -9.40 1.38 -38.54
CA ALA F 173 -10.22 1.90 -37.47
C ALA F 173 -11.06 3.10 -37.90
N VAL F 174 -12.07 3.40 -37.08
CA VAL F 174 -12.97 4.53 -37.29
C VAL F 174 -13.04 5.29 -35.97
N LEU F 175 -13.06 6.60 -36.07
CA LEU F 175 -13.08 7.44 -34.88
C LEU F 175 -14.48 7.83 -34.48
N GLN F 176 -14.94 7.27 -33.36
CA GLN F 176 -16.27 7.56 -32.83
C GLN F 176 -16.07 8.51 -31.65
N SER F 177 -16.51 9.74 -31.82
CA SER F 177 -16.37 10.74 -30.79
C SER F 177 -15.19 10.46 -29.86
N ASP F 178 -13.99 10.70 -30.36
CA ASP F 178 -12.76 10.51 -29.59
C ASP F 178 -12.42 9.11 -29.15
N LEU F 179 -12.96 8.11 -29.84
CA LEU F 179 -12.65 6.72 -29.51
C LEU F 179 -12.67 5.86 -30.75
N TYR F 180 -11.52 5.27 -31.04
CA TYR F 180 -11.42 4.43 -32.21
C TYR F 180 -11.99 3.07 -31.95
N THR F 181 -12.28 2.38 -33.05
CA THR F 181 -12.82 1.05 -32.95
C THR F 181 -12.62 0.36 -34.29
N LEU F 182 -12.04 -0.84 -34.26
CA LEU F 182 -11.81 -1.59 -35.48
C LEU F 182 -12.08 -3.05 -35.24
N SER F 183 -12.09 -3.82 -36.32
CA SER F 183 -12.39 -5.23 -36.26
C SER F 183 -11.52 -6.04 -37.19
N SER F 184 -11.22 -7.28 -36.81
CA SER F 184 -10.42 -8.15 -37.65
C SER F 184 -11.08 -9.52 -37.73
N SER F 185 -11.07 -10.10 -38.93
CA SER F 185 -11.66 -11.40 -39.16
C SER F 185 -10.65 -12.42 -39.64
N VAL F 186 -11.00 -13.69 -39.51
CA VAL F 186 -10.12 -14.75 -39.98
C VAL F 186 -11.01 -15.70 -40.76
N THR F 187 -10.41 -16.77 -41.28
CA THR F 187 -11.16 -17.75 -42.03
C THR F 187 -10.29 -18.97 -42.13
N VAL F 188 -10.87 -20.14 -41.87
CA VAL F 188 -10.12 -21.41 -41.89
C VAL F 188 -10.97 -22.63 -42.24
N PRO F 189 -10.31 -23.79 -42.42
CA PRO F 189 -11.01 -25.02 -42.75
C PRO F 189 -11.98 -25.35 -41.61
N SER F 190 -13.24 -25.59 -41.97
CA SER F 190 -14.25 -25.89 -40.97
C SER F 190 -13.75 -27.01 -40.07
N SER F 191 -12.86 -27.81 -40.63
CA SER F 191 -12.24 -28.92 -39.89
C SER F 191 -11.49 -28.37 -38.69
N THR F 192 -10.45 -27.60 -38.98
CA THR F 192 -9.56 -26.97 -38.00
C THR F 192 -10.21 -26.28 -36.78
N TRP F 193 -11.45 -25.84 -36.90
CA TRP F 193 -12.11 -25.19 -35.78
C TRP F 193 -13.49 -25.78 -35.54
N PRO F 194 -13.88 -25.93 -34.27
CA PRO F 194 -13.09 -25.58 -33.10
C PRO F 194 -12.28 -26.76 -32.62
N SER F 195 -12.07 -27.73 -33.51
CA SER F 195 -11.27 -28.89 -33.15
C SER F 195 -9.94 -28.34 -32.63
N GLU F 196 -9.36 -27.42 -33.38
CA GLU F 196 -8.12 -26.80 -32.97
C GLU F 196 -8.54 -25.47 -32.34
N THR F 197 -7.58 -24.77 -31.77
CA THR F 197 -7.90 -23.51 -31.12
C THR F 197 -7.44 -22.27 -31.85
N VAL F 198 -8.28 -21.24 -31.82
CA VAL F 198 -7.99 -19.98 -32.46
C VAL F 198 -8.18 -18.84 -31.48
N THR F 199 -7.29 -17.86 -31.55
CA THR F 199 -7.37 -16.74 -30.63
C THR F 199 -6.69 -15.49 -31.21
N CYS F 200 -7.32 -14.34 -31.03
CA CYS F 200 -6.75 -13.08 -31.53
C CYS F 200 -5.98 -12.39 -30.43
N ASN F 201 -4.80 -11.89 -30.78
CA ASN F 201 -3.93 -11.21 -29.85
C ASN F 201 -3.93 -9.75 -30.24
N VAL F 202 -4.64 -8.95 -29.47
CA VAL F 202 -4.71 -7.54 -29.76
C VAL F 202 -3.80 -6.77 -28.80
N ALA F 203 -3.00 -5.86 -29.36
CA ALA F 203 -2.09 -5.06 -28.57
C ALA F 203 -2.26 -3.57 -28.83
N HIS F 204 -2.29 -2.81 -27.74
CA HIS F 204 -2.43 -1.36 -27.75
C HIS F 204 -1.32 -0.85 -26.85
N PRO F 205 -0.13 -0.66 -27.43
CA PRO F 205 1.08 -0.20 -26.74
C PRO F 205 0.74 1.09 -26.01
N ALA F 206 0.07 1.99 -26.72
CA ALA F 206 -0.33 3.27 -26.19
C ALA F 206 -0.82 3.20 -24.73
N SER F 207 -1.69 2.23 -24.42
CA SER F 207 -2.20 2.07 -23.06
C SER F 207 -1.48 0.95 -22.32
N SER F 208 -0.37 0.49 -22.90
CA SER F 208 0.42 -0.57 -22.29
C SER F 208 -0.48 -1.76 -21.95
N THR F 209 -1.34 -2.12 -22.90
CA THR F 209 -2.27 -3.21 -22.72
C THR F 209 -2.14 -4.23 -23.84
N LYS F 210 -2.40 -5.48 -23.49
CA LYS F 210 -2.36 -6.56 -24.46
C LYS F 210 -3.44 -7.52 -24.04
N VAL F 211 -4.29 -7.90 -25.00
CA VAL F 211 -5.38 -8.80 -24.71
C VAL F 211 -5.47 -9.95 -25.70
N ASP F 212 -5.86 -11.10 -25.17
CA ASP F 212 -6.02 -12.29 -25.97
C ASP F 212 -7.41 -12.85 -25.71
N LYS F 213 -8.18 -13.01 -26.78
CA LYS F 213 -9.51 -13.56 -26.70
C LYS F 213 -9.52 -14.85 -27.49
N LYS F 214 -9.90 -15.94 -26.85
CA LYS F 214 -9.97 -17.20 -27.55
C LYS F 214 -11.37 -17.26 -28.15
N ILE F 215 -11.44 -17.45 -29.44
CA ILE F 215 -12.74 -17.53 -30.07
C ILE F 215 -13.24 -18.94 -29.82
N VAL F 216 -14.29 -19.03 -29.04
CA VAL F 216 -14.89 -20.31 -28.71
C VAL F 216 -16.32 -20.32 -29.18
N PRO F 217 -16.76 -21.45 -29.76
CA PRO F 217 -18.11 -21.65 -30.27
C PRO F 217 -19.14 -21.20 -29.26
N ARG F 218 -19.91 -20.19 -29.64
CA ARG F 218 -20.93 -19.66 -28.75
C ARG F 218 -22.03 -20.70 -28.57
N ASP F 219 -22.34 -21.00 -27.31
CA ASP F 219 -23.36 -21.99 -26.97
C ASP F 219 -24.54 -21.37 -26.23
N CYS F 220 -25.72 -21.98 -26.40
CA CYS F 220 -26.94 -21.50 -25.75
C CYS F 220 -27.71 -22.70 -25.17
N GLY G 1 -20.04 -64.93 -22.11
CA GLY G 1 -20.58 -66.01 -21.25
C GLY G 1 -20.28 -65.74 -19.79
N VAL G 2 -21.02 -66.37 -18.90
CA VAL G 2 -20.83 -66.20 -17.46
C VAL G 2 -21.16 -67.51 -16.75
N PHE G 3 -20.21 -68.43 -16.76
CA PHE G 3 -20.37 -69.74 -16.14
C PHE G 3 -19.80 -69.88 -14.72
N ASN G 4 -20.69 -70.08 -13.74
CA ASN G 4 -20.25 -70.26 -12.37
C ASN G 4 -19.70 -71.67 -12.16
N TYR G 5 -18.96 -71.90 -11.08
CA TYR G 5 -18.40 -73.21 -10.79
C TYR G 5 -18.05 -73.30 -9.31
N GLU G 6 -19.06 -73.39 -8.44
CA GLU G 6 -18.81 -73.49 -6.99
C GLU G 6 -17.90 -74.66 -6.57
N THR G 7 -17.53 -74.64 -5.29
CA THR G 7 -16.64 -75.67 -4.72
C THR G 7 -16.76 -75.61 -3.20
N GLU G 8 -16.24 -76.64 -2.53
CA GLU G 8 -16.24 -76.69 -1.08
C GLU G 8 -15.13 -77.56 -0.55
N THR G 9 -14.84 -77.38 0.73
CA THR G 9 -13.79 -78.13 1.38
C THR G 9 -13.82 -77.83 2.86
N THR G 10 -13.20 -78.70 3.64
CA THR G 10 -13.18 -78.55 5.08
C THR G 10 -11.79 -78.33 5.63
N SER G 11 -11.76 -77.88 6.88
CA SER G 11 -10.51 -77.66 7.57
C SER G 11 -10.77 -77.68 9.06
N VAL G 12 -9.69 -78.00 9.76
CA VAL G 12 -9.71 -78.09 11.21
C VAL G 12 -9.73 -76.69 11.84
N ILE G 13 -8.91 -75.80 11.28
CA ILE G 13 -8.76 -74.42 11.73
C ILE G 13 -10.10 -73.70 11.85
N PRO G 14 -10.40 -73.10 13.01
CA PRO G 14 -11.69 -72.41 13.12
C PRO G 14 -11.75 -71.31 12.06
N ALA G 15 -12.93 -71.14 11.45
CA ALA G 15 -13.12 -70.11 10.42
C ALA G 15 -12.38 -68.84 10.77
N ALA G 16 -12.77 -68.23 11.88
CA ALA G 16 -12.16 -67.01 12.38
C ALA G 16 -10.69 -66.96 11.98
N ARG G 17 -9.88 -67.73 12.68
CA ARG G 17 -8.45 -67.78 12.43
C ARG G 17 -8.06 -68.06 10.97
N LEU G 18 -8.60 -69.13 10.41
CA LEU G 18 -8.27 -69.47 9.04
C LEU G 18 -8.50 -68.28 8.10
N PHE G 19 -9.53 -67.50 8.39
CA PHE G 19 -9.84 -66.35 7.56
C PHE G 19 -8.69 -65.36 7.59
N LYS G 20 -8.38 -64.92 8.79
CA LYS G 20 -7.29 -63.99 9.01
C LYS G 20 -6.10 -64.52 8.24
N ALA G 21 -5.70 -65.71 8.62
CA ALA G 21 -4.56 -66.36 7.99
C ALA G 21 -4.61 -66.44 6.47
N PHE G 22 -5.36 -67.40 5.96
CA PHE G 22 -5.49 -67.68 4.53
C PHE G 22 -5.87 -66.53 3.61
N ILE G 23 -6.73 -65.64 4.08
CA ILE G 23 -7.17 -64.53 3.28
C ILE G 23 -6.46 -63.22 3.59
N LEU G 24 -6.84 -62.62 4.71
CA LEU G 24 -6.27 -61.35 5.14
C LEU G 24 -4.77 -61.24 4.95
N ASP G 25 -3.98 -62.09 5.61
CA ASP G 25 -2.54 -61.99 5.46
C ASP G 25 -1.97 -63.00 4.46
N GLY G 26 -2.85 -63.84 3.96
CA GLY G 26 -2.43 -64.87 3.03
C GLY G 26 -1.50 -64.49 1.92
N ASP G 27 -1.73 -63.34 1.32
CA ASP G 27 -0.93 -62.93 0.17
C ASP G 27 0.55 -62.65 0.39
N ASN G 28 1.06 -62.95 1.58
CA ASN G 28 2.50 -62.75 1.88
C ASN G 28 2.97 -64.04 2.55
N LEU G 29 1.98 -64.81 2.95
CA LEU G 29 2.17 -66.09 3.61
C LEU G 29 2.42 -67.14 2.54
N PHE G 30 1.73 -67.00 1.42
CA PHE G 30 1.87 -67.95 0.33
C PHE G 30 3.27 -68.15 -0.21
N PRO G 31 4.00 -67.07 -0.51
CA PRO G 31 5.35 -67.34 -1.04
C PRO G 31 6.21 -68.03 0.02
N LYS G 32 5.77 -67.92 1.26
CA LYS G 32 6.49 -68.53 2.38
C LYS G 32 6.20 -70.04 2.40
N VAL G 33 4.94 -70.39 2.61
CA VAL G 33 4.53 -71.79 2.68
C VAL G 33 4.36 -72.55 1.35
N ALA G 34 4.02 -71.89 0.26
CA ALA G 34 3.81 -72.60 -0.99
C ALA G 34 4.68 -72.13 -2.18
N PRO G 35 5.98 -71.95 -1.95
CA PRO G 35 7.03 -71.49 -2.87
C PRO G 35 7.00 -71.96 -4.31
N GLN G 36 6.45 -73.15 -4.54
CA GLN G 36 6.41 -73.71 -5.89
C GLN G 36 5.17 -73.25 -6.67
N ALA G 37 4.22 -72.65 -5.95
CA ALA G 37 2.99 -72.17 -6.56
C ALA G 37 3.09 -70.67 -6.81
N ILE G 38 3.29 -69.94 -5.71
CA ILE G 38 3.41 -68.49 -5.72
C ILE G 38 4.81 -68.03 -5.38
N SER G 39 5.41 -67.33 -6.32
CA SER G 39 6.75 -66.78 -6.16
C SER G 39 6.69 -65.58 -5.21
N SER G 40 5.96 -64.54 -5.63
CA SER G 40 5.81 -63.30 -4.85
C SER G 40 4.55 -62.53 -5.23
N VAL G 41 4.02 -61.77 -4.28
CA VAL G 41 2.81 -60.97 -4.50
C VAL G 41 3.10 -59.49 -4.18
N GLU G 42 2.67 -58.58 -5.05
CA GLU G 42 2.90 -57.15 -4.77
C GLU G 42 1.70 -56.26 -5.09
N ASN G 43 1.52 -55.20 -4.30
CA ASN G 43 0.42 -54.26 -4.47
C ASN G 43 0.65 -53.18 -5.53
N ILE G 44 0.34 -53.51 -6.77
CA ILE G 44 0.45 -52.60 -7.92
C ILE G 44 -0.20 -51.23 -7.67
N GLU G 45 -1.33 -51.21 -6.95
CA GLU G 45 -2.04 -49.98 -6.59
C GLU G 45 -2.82 -50.22 -5.30
N GLY G 46 -2.74 -49.31 -4.35
CA GLY G 46 -3.49 -49.49 -3.13
C GLY G 46 -2.61 -50.02 -2.03
N ASN G 47 -3.10 -49.90 -0.80
CA ASN G 47 -2.35 -50.33 0.34
C ASN G 47 -2.82 -51.68 0.91
N GLY G 48 -3.44 -52.50 0.09
CA GLY G 48 -3.87 -53.79 0.59
C GLY G 48 -5.29 -53.91 1.11
N GLY G 49 -5.99 -52.80 1.29
CA GLY G 49 -7.36 -52.90 1.75
C GLY G 49 -8.26 -53.07 0.53
N PRO G 50 -9.59 -52.95 0.70
CA PRO G 50 -10.54 -53.11 -0.40
C PRO G 50 -10.10 -52.31 -1.63
N GLY G 51 -10.25 -52.90 -2.81
CA GLY G 51 -9.87 -52.23 -4.03
C GLY G 51 -8.44 -52.51 -4.44
N THR G 52 -7.57 -52.82 -3.49
CA THR G 52 -6.17 -53.07 -3.83
C THR G 52 -5.96 -53.97 -5.06
N ILE G 53 -5.02 -53.60 -5.92
CA ILE G 53 -4.68 -54.40 -7.12
C ILE G 53 -3.31 -55.07 -6.91
N LYS G 54 -3.33 -56.41 -6.91
CA LYS G 54 -2.12 -57.22 -6.69
C LYS G 54 -1.57 -57.93 -7.93
N LYS G 55 -0.26 -57.98 -8.04
CA LYS G 55 0.39 -58.67 -9.13
C LYS G 55 1.03 -59.90 -8.47
N ILE G 56 0.43 -61.07 -8.72
CA ILE G 56 0.90 -62.33 -8.20
C ILE G 56 1.84 -62.99 -9.19
N SER G 57 3.08 -63.21 -8.76
CA SER G 57 4.12 -63.82 -9.61
C SER G 57 4.31 -65.31 -9.34
N PHE G 58 4.61 -66.04 -10.41
CA PHE G 58 4.81 -67.48 -10.36
C PHE G 58 6.24 -67.94 -10.61
N PRO G 59 6.65 -69.03 -9.94
CA PRO G 59 8.00 -69.57 -10.09
C PRO G 59 8.21 -69.97 -11.55
N GLU G 60 9.37 -69.61 -12.09
CA GLU G 60 9.69 -69.91 -13.48
C GLU G 60 9.46 -71.39 -13.73
N GLY G 61 8.68 -71.69 -14.76
CA GLY G 61 8.38 -73.08 -15.07
C GLY G 61 6.90 -73.34 -15.20
N LEU G 62 6.12 -72.85 -14.24
CA LEU G 62 4.67 -73.03 -14.27
C LEU G 62 4.10 -72.49 -15.59
N PRO G 63 2.79 -72.70 -15.82
CA PRO G 63 2.19 -72.21 -17.08
C PRO G 63 2.26 -70.71 -17.29
N PHE G 64 1.88 -69.94 -16.26
CA PHE G 64 1.88 -68.48 -16.34
C PHE G 64 2.96 -67.83 -15.51
N LYS G 65 3.37 -66.63 -15.93
CA LYS G 65 4.37 -65.88 -15.20
C LYS G 65 3.75 -65.08 -14.05
N TYR G 66 2.66 -64.36 -14.34
CA TYR G 66 1.99 -63.53 -13.34
C TYR G 66 0.48 -63.47 -13.58
N VAL G 67 -0.21 -62.77 -12.68
CA VAL G 67 -1.64 -62.59 -12.77
C VAL G 67 -2.04 -61.47 -11.81
N LYS G 68 -2.97 -60.61 -12.23
CA LYS G 68 -3.40 -59.51 -11.38
C LYS G 68 -4.85 -59.69 -10.95
N ASP G 69 -5.06 -59.72 -9.64
CA ASP G 69 -6.40 -59.85 -9.09
C ASP G 69 -6.74 -58.49 -8.51
N ARG G 70 -7.97 -58.32 -8.05
CA ARG G 70 -8.39 -57.06 -7.50
C ARG G 70 -9.35 -57.25 -6.35
N VAL G 71 -8.90 -56.95 -5.15
CA VAL G 71 -9.76 -57.11 -3.98
C VAL G 71 -11.00 -56.32 -4.28
N ASP G 72 -12.17 -56.95 -4.18
CA ASP G 72 -13.42 -56.26 -4.47
C ASP G 72 -14.25 -55.94 -3.27
N GLU G 73 -14.30 -56.85 -2.34
CA GLU G 73 -15.08 -56.60 -1.15
C GLU G 73 -14.51 -57.49 -0.07
N VAL G 74 -14.57 -57.03 1.18
CA VAL G 74 -14.05 -57.81 2.27
C VAL G 74 -14.90 -57.70 3.53
N ASP G 75 -15.79 -58.66 3.75
CA ASP G 75 -16.59 -58.60 4.96
C ASP G 75 -15.78 -59.23 6.06
N HIS G 76 -15.47 -58.44 7.07
CA HIS G 76 -14.66 -58.95 8.16
C HIS G 76 -15.42 -59.85 9.11
N THR G 77 -16.57 -59.40 9.58
CA THR G 77 -17.34 -60.21 10.52
C THR G 77 -17.77 -61.58 9.96
N ASN G 78 -18.22 -61.62 8.71
CA ASN G 78 -18.68 -62.85 8.11
C ASN G 78 -17.65 -63.65 7.32
N PHE G 79 -16.41 -63.20 7.31
CA PHE G 79 -15.35 -63.90 6.59
C PHE G 79 -15.65 -64.11 5.11
N LYS G 80 -16.35 -63.16 4.49
CA LYS G 80 -16.64 -63.25 3.06
C LYS G 80 -15.61 -62.37 2.36
N TYR G 81 -15.07 -62.84 1.27
CA TYR G 81 -14.05 -62.09 0.57
C TYR G 81 -14.15 -62.31 -0.93
N ASN G 82 -14.34 -61.23 -1.68
CA ASN G 82 -14.47 -61.33 -3.12
C ASN G 82 -13.32 -60.65 -3.80
N TYR G 83 -12.98 -61.11 -5.00
CA TYR G 83 -11.91 -60.51 -5.76
C TYR G 83 -12.04 -60.94 -7.21
N SER G 84 -11.23 -60.35 -8.09
CA SER G 84 -11.33 -60.65 -9.51
C SER G 84 -10.01 -60.80 -10.24
N VAL G 85 -9.88 -61.86 -11.01
CA VAL G 85 -8.66 -62.02 -11.79
C VAL G 85 -8.93 -61.10 -12.96
N ILE G 86 -7.97 -60.25 -13.32
CA ILE G 86 -8.24 -59.31 -14.39
C ILE G 86 -7.17 -59.14 -15.44
N GLU G 87 -5.99 -59.71 -15.22
CA GLU G 87 -4.97 -59.58 -16.24
C GLU G 87 -3.94 -60.68 -16.09
N GLY G 88 -3.39 -61.10 -17.23
CA GLY G 88 -2.39 -62.15 -17.25
C GLY G 88 -2.91 -63.53 -16.82
N GLY G 89 -2.33 -64.58 -17.41
CA GLY G 89 -2.74 -65.93 -17.06
C GLY G 89 -3.95 -66.40 -17.84
N PRO G 90 -4.95 -66.99 -17.16
CA PRO G 90 -6.17 -67.49 -17.80
C PRO G 90 -6.89 -66.40 -18.59
N ILE G 91 -6.59 -65.16 -18.25
CA ILE G 91 -7.21 -64.03 -18.91
C ILE G 91 -6.68 -63.82 -20.33
N GLY G 92 -7.60 -63.54 -21.25
CA GLY G 92 -7.21 -63.31 -22.63
C GLY G 92 -8.04 -64.08 -23.64
N ASP G 93 -8.41 -63.40 -24.73
CA ASP G 93 -9.19 -64.00 -25.81
C ASP G 93 -10.51 -64.59 -25.32
N THR G 94 -10.46 -65.87 -25.01
CA THR G 94 -11.61 -66.62 -24.54
C THR G 94 -12.16 -66.09 -23.21
N LEU G 95 -11.25 -65.74 -22.28
CA LEU G 95 -11.64 -65.24 -20.97
C LEU G 95 -11.42 -63.74 -20.82
N GLU G 96 -12.40 -63.07 -20.21
CA GLU G 96 -12.34 -61.62 -19.96
C GLU G 96 -11.80 -61.39 -18.55
N LYS G 97 -12.55 -61.85 -17.55
CA LYS G 97 -12.17 -61.70 -16.16
C LYS G 97 -12.87 -62.77 -15.33
N ILE G 98 -12.27 -63.18 -14.22
CA ILE G 98 -12.87 -64.17 -13.34
C ILE G 98 -13.22 -63.56 -12.00
N SER G 99 -14.49 -63.61 -11.65
CA SER G 99 -14.90 -63.07 -10.36
C SER G 99 -14.84 -64.24 -9.44
N ASN G 100 -14.46 -64.01 -8.19
CA ASN G 100 -14.38 -65.10 -7.24
C ASN G 100 -14.91 -64.65 -5.91
N GLU G 101 -15.41 -65.61 -5.16
CA GLU G 101 -15.93 -65.31 -3.85
C GLU G 101 -15.60 -66.46 -2.92
N ILE G 102 -15.01 -66.14 -1.78
CA ILE G 102 -14.64 -67.15 -0.81
C ILE G 102 -15.29 -66.82 0.51
N LYS G 103 -16.08 -67.75 1.01
CA LYS G 103 -16.75 -67.54 2.26
C LYS G 103 -16.29 -68.67 3.19
N ILE G 104 -16.04 -68.34 4.46
CA ILE G 104 -15.61 -69.33 5.43
C ILE G 104 -16.57 -69.42 6.60
N VAL G 105 -17.13 -70.62 6.77
CA VAL G 105 -18.12 -70.93 7.81
C VAL G 105 -17.60 -71.86 8.90
N ALA G 106 -17.85 -71.49 10.15
CA ALA G 106 -17.41 -72.27 11.29
C ALA G 106 -18.36 -73.43 11.63
N THR G 107 -17.89 -74.65 11.42
CA THR G 107 -18.68 -75.85 11.72
C THR G 107 -18.70 -76.05 13.24
N PRO G 108 -19.78 -76.65 13.77
CA PRO G 108 -19.98 -76.92 15.20
C PRO G 108 -18.84 -77.63 15.92
N ASP G 109 -18.13 -78.48 15.18
CA ASP G 109 -17.01 -79.23 15.72
C ASP G 109 -15.76 -78.38 15.91
N GLY G 110 -15.86 -77.08 15.60
CA GLY G 110 -14.71 -76.20 15.74
C GLY G 110 -14.01 -75.90 14.42
N GLY G 111 -13.95 -76.88 13.53
CA GLY G 111 -13.32 -76.71 12.24
C GLY G 111 -14.00 -75.69 11.34
N SER G 112 -13.96 -75.91 10.04
CA SER G 112 -14.59 -74.95 9.13
C SER G 112 -14.72 -75.44 7.69
N ILE G 113 -15.45 -74.67 6.90
CA ILE G 113 -15.70 -74.96 5.49
C ILE G 113 -15.50 -73.74 4.59
N LEU G 114 -14.89 -73.97 3.43
CA LEU G 114 -14.62 -72.90 2.48
C LEU G 114 -15.40 -73.03 1.18
N LYS G 115 -16.47 -72.26 1.03
CA LYS G 115 -17.23 -72.29 -0.21
C LYS G 115 -16.47 -71.41 -1.22
N ILE G 116 -16.58 -71.69 -2.51
CA ILE G 116 -15.81 -70.92 -3.51
C ILE G 116 -16.39 -70.78 -4.94
N SER G 117 -16.93 -69.60 -5.28
CA SER G 117 -17.50 -69.38 -6.62
C SER G 117 -16.43 -69.08 -7.64
N ASN G 118 -16.82 -69.03 -8.92
CA ASN G 118 -15.85 -68.78 -9.97
C ASN G 118 -16.47 -68.36 -11.30
N LYS G 119 -17.26 -67.29 -11.29
CA LYS G 119 -17.89 -66.86 -12.54
C LYS G 119 -16.81 -66.49 -13.55
N TYR G 120 -16.73 -67.26 -14.63
CA TYR G 120 -15.76 -66.97 -15.67
C TYR G 120 -16.46 -66.17 -16.76
N HIS G 121 -16.21 -64.86 -16.78
CA HIS G 121 -16.79 -64.01 -17.81
C HIS G 121 -16.03 -64.31 -19.10
N THR G 122 -16.70 -64.99 -20.01
CA THR G 122 -16.11 -65.38 -21.27
C THR G 122 -16.54 -64.45 -22.38
N LYS G 123 -15.75 -64.45 -23.45
CA LYS G 123 -16.04 -63.60 -24.60
C LYS G 123 -17.24 -64.12 -25.37
N GLY G 124 -18.32 -63.35 -25.34
CA GLY G 124 -19.55 -63.72 -26.03
C GLY G 124 -20.07 -65.02 -25.47
N ASP G 125 -19.49 -66.13 -25.93
CA ASP G 125 -19.93 -67.43 -25.46
C ASP G 125 -18.97 -68.59 -25.70
N HIS G 126 -17.67 -68.31 -25.84
CA HIS G 126 -16.73 -69.42 -26.02
C HIS G 126 -16.84 -70.18 -24.69
N GLU G 127 -16.30 -71.41 -24.65
CA GLU G 127 -16.40 -72.22 -23.42
C GLU G 127 -15.21 -72.20 -22.46
N VAL G 128 -15.50 -72.64 -21.24
CA VAL G 128 -14.54 -72.74 -20.15
C VAL G 128 -13.77 -74.05 -20.27
N LYS G 129 -12.58 -74.01 -20.86
CA LYS G 129 -11.79 -75.23 -21.01
C LYS G 129 -11.63 -75.91 -19.66
N ALA G 130 -12.24 -77.07 -19.49
CA ALA G 130 -12.17 -77.84 -18.25
C ALA G 130 -10.77 -77.80 -17.67
N GLU G 131 -9.82 -77.41 -18.54
CA GLU G 131 -8.43 -77.27 -18.15
C GLU G 131 -8.34 -76.39 -16.92
N GLN G 132 -8.79 -75.16 -17.10
CA GLN G 132 -8.79 -74.18 -16.05
C GLN G 132 -9.54 -74.62 -14.81
N VAL G 133 -10.82 -74.91 -14.97
CA VAL G 133 -11.63 -75.31 -13.82
C VAL G 133 -10.88 -76.34 -12.98
N LYS G 134 -9.98 -77.06 -13.65
CA LYS G 134 -9.16 -78.09 -13.02
C LYS G 134 -8.05 -77.48 -12.16
N ALA G 135 -7.18 -76.68 -12.79
CA ALA G 135 -6.08 -76.03 -12.09
C ALA G 135 -6.58 -75.16 -10.93
N SER G 136 -7.54 -74.28 -11.21
CA SER G 136 -8.10 -73.40 -10.20
C SER G 136 -8.44 -74.15 -8.93
N LYS G 137 -8.84 -75.41 -9.08
CA LYS G 137 -9.22 -76.26 -7.96
C LYS G 137 -8.02 -76.78 -7.18
N GLU G 138 -6.98 -77.15 -7.91
CA GLU G 138 -5.74 -77.68 -7.34
C GLU G 138 -4.88 -76.54 -6.78
N MET G 139 -4.80 -75.46 -7.56
CA MET G 139 -4.07 -74.28 -7.15
C MET G 139 -4.56 -73.94 -5.75
N GLY G 140 -5.80 -73.50 -5.66
CA GLY G 140 -6.37 -73.16 -4.36
C GLY G 140 -6.38 -74.33 -3.39
N GLU G 141 -6.29 -75.54 -3.90
CA GLU G 141 -6.30 -76.71 -3.05
C GLU G 141 -5.03 -76.79 -2.20
N THR G 142 -3.90 -76.92 -2.89
CA THR G 142 -2.62 -77.01 -2.23
C THR G 142 -2.48 -75.87 -1.21
N LEU G 143 -2.75 -74.65 -1.67
CA LEU G 143 -2.65 -73.46 -0.83
C LEU G 143 -3.38 -73.62 0.49
N LEU G 144 -4.67 -73.94 0.44
CA LEU G 144 -5.38 -74.12 1.70
C LEU G 144 -4.62 -75.14 2.53
N ARG G 145 -4.10 -76.17 1.86
CA ARG G 145 -3.36 -77.19 2.58
C ARG G 145 -2.08 -76.64 3.21
N ALA G 146 -1.20 -76.06 2.38
CA ALA G 146 0.05 -75.48 2.84
C ALA G 146 -0.15 -74.57 4.07
N VAL G 147 -1.28 -73.88 4.11
CA VAL G 147 -1.57 -73.00 5.23
C VAL G 147 -2.06 -73.79 6.44
N GLU G 148 -2.90 -74.80 6.20
CA GLU G 148 -3.42 -75.61 7.30
C GLU G 148 -2.25 -76.18 8.10
N SER G 149 -1.31 -76.77 7.37
CA SER G 149 -0.12 -77.35 7.98
C SER G 149 0.59 -76.29 8.81
N TYR G 150 1.09 -75.25 8.13
CA TYR G 150 1.78 -74.15 8.80
C TYR G 150 1.00 -73.70 10.02
N LEU G 151 -0.26 -73.34 9.82
CA LEU G 151 -1.09 -72.89 10.92
C LEU G 151 -1.03 -73.85 12.09
N LEU G 152 -0.99 -75.14 11.78
CA LEU G 152 -0.94 -76.18 12.81
C LEU G 152 0.36 -76.19 13.57
N ALA G 153 1.45 -76.25 12.82
CA ALA G 153 2.80 -76.28 13.38
C ALA G 153 3.13 -75.03 14.19
N HIS G 154 2.43 -73.92 13.95
CA HIS G 154 2.70 -72.69 14.66
C HIS G 154 1.47 -72.16 15.39
N SER G 155 0.97 -73.02 16.28
CA SER G 155 -0.21 -72.77 17.10
C SER G 155 -0.42 -71.37 17.72
N ASP G 156 0.66 -70.62 17.93
CA ASP G 156 0.53 -69.27 18.53
C ASP G 156 0.29 -68.16 17.51
N ALA G 157 0.40 -68.52 16.24
CA ALA G 157 0.21 -67.61 15.13
C ALA G 157 -1.24 -67.16 14.98
N TYR G 158 -1.42 -66.16 14.11
CA TYR G 158 -2.73 -65.57 13.79
C TYR G 158 -3.78 -65.72 14.89
N ASN G 159 -3.43 -65.20 16.07
CA ASN G 159 -4.31 -65.24 17.23
C ASN G 159 -4.06 -66.55 17.99
N ASN H 1 -18.44 -47.60 7.60
CA ASN H 1 -18.18 -46.13 7.65
C ASN H 1 -17.37 -45.75 8.91
N ILE H 2 -16.06 -45.56 8.75
CA ILE H 2 -15.18 -45.17 9.85
C ILE H 2 -15.06 -43.67 10.02
N VAL H 3 -14.52 -43.24 11.17
CA VAL H 3 -14.33 -41.81 11.42
C VAL H 3 -12.93 -41.51 11.93
N LEU H 4 -12.17 -40.79 11.13
CA LEU H 4 -10.81 -40.41 11.49
C LEU H 4 -10.85 -39.08 12.22
N THR H 5 -10.41 -39.07 13.46
CA THR H 5 -10.44 -37.83 14.24
C THR H 5 -9.06 -37.22 14.46
N GLN H 6 -8.91 -35.99 13.98
CA GLN H 6 -7.67 -35.25 14.10
C GLN H 6 -7.72 -34.20 15.18
N SER H 7 -6.60 -34.07 15.90
CA SER H 7 -6.48 -33.09 16.98
C SER H 7 -5.05 -32.69 17.24
N PRO H 8 -4.83 -31.40 17.57
CA PRO H 8 -5.85 -30.35 17.72
C PRO H 8 -6.37 -29.83 16.39
N LYS H 9 -7.29 -28.88 16.44
CA LYS H 9 -7.80 -28.35 15.21
C LYS H 9 -6.66 -27.59 14.51
N SER H 10 -5.71 -27.07 15.28
CA SER H 10 -4.57 -26.34 14.74
C SER H 10 -3.37 -26.31 15.69
N MET H 11 -2.19 -26.09 15.13
CA MET H 11 -0.96 -26.05 15.91
C MET H 11 -0.10 -24.88 15.50
N SER H 12 0.54 -24.24 16.50
CA SER H 12 1.42 -23.12 16.25
C SER H 12 2.76 -23.36 16.90
N VAL H 13 3.79 -23.43 16.07
CA VAL H 13 5.13 -23.67 16.56
C VAL H 13 6.11 -22.84 15.78
N SER H 14 7.32 -22.71 16.28
CA SER H 14 8.31 -21.90 15.64
C SER H 14 9.18 -22.72 14.73
N VAL H 15 9.65 -22.08 13.69
CA VAL H 15 10.49 -22.78 12.74
C VAL H 15 11.78 -23.33 13.35
N GLY H 16 11.88 -24.65 13.38
CA GLY H 16 13.02 -25.37 13.91
C GLY H 16 12.44 -26.38 14.90
N GLU H 17 11.31 -26.00 15.49
CA GLU H 17 10.59 -26.81 16.48
C GLU H 17 10.22 -28.20 16.02
N ARG H 18 9.68 -28.98 16.95
CA ARG H 18 9.26 -30.33 16.64
C ARG H 18 7.77 -30.41 16.89
N VAL H 19 7.07 -31.14 16.03
CA VAL H 19 5.64 -31.27 16.16
C VAL H 19 5.18 -32.66 15.84
N THR H 20 4.03 -33.01 16.41
CA THR H 20 3.41 -34.29 16.18
C THR H 20 1.91 -34.11 16.11
N LEU H 21 1.34 -34.59 15.00
CA LEU H 21 -0.10 -34.54 14.74
C LEU H 21 -0.68 -35.90 15.04
N SER H 22 -1.96 -35.92 15.40
CA SER H 22 -2.65 -37.17 15.74
C SER H 22 -3.88 -37.45 14.89
N CYS H 23 -4.09 -38.74 14.61
CA CYS H 23 -5.26 -39.19 13.88
C CYS H 23 -5.73 -40.42 14.62
N LYS H 24 -6.99 -40.38 15.07
CA LYS H 24 -7.59 -41.49 15.80
C LYS H 24 -8.87 -41.96 15.11
N ALA H 25 -8.90 -43.25 14.76
CA ALA H 25 -10.05 -43.83 14.08
C ALA H 25 -11.03 -44.49 15.04
N SER H 26 -12.29 -44.57 14.63
CA SER H 26 -13.33 -45.17 15.45
C SER H 26 -13.25 -46.70 15.54
N GLU H 27 -12.28 -47.30 14.84
CA GLU H 27 -12.11 -48.75 14.86
C GLU H 27 -10.70 -49.08 14.48
N ASN H 28 -10.44 -50.36 14.30
CA ASN H 28 -9.11 -50.77 13.90
C ASN H 28 -9.13 -50.62 12.39
N VAL H 29 -8.00 -50.14 11.86
CA VAL H 29 -7.87 -49.97 10.43
C VAL H 29 -6.53 -50.56 10.06
N ASP H 30 -5.91 -51.18 11.06
CA ASP H 30 -4.63 -51.83 10.86
C ASP H 30 -3.54 -50.90 10.41
N THR H 31 -3.29 -50.86 9.11
CA THR H 31 -2.24 -49.98 8.60
C THR H 31 -2.64 -49.25 7.34
N TYR H 32 -3.94 -49.29 7.06
CA TYR H 32 -4.50 -48.67 5.87
C TYR H 32 -4.75 -47.19 6.08
N VAL H 33 -3.72 -46.54 6.61
CA VAL H 33 -3.78 -45.12 6.88
C VAL H 33 -2.66 -44.43 6.12
N PHE H 34 -2.89 -43.15 5.81
CA PHE H 34 -1.94 -42.35 5.05
C PHE H 34 -2.17 -40.86 5.28
N TRP H 35 -1.13 -40.06 5.06
CA TRP H 35 -1.19 -38.63 5.31
C TRP H 35 -0.99 -37.74 4.09
N PHE H 36 -1.73 -36.64 4.10
CA PHE H 36 -1.67 -35.64 3.03
C PHE H 36 -1.20 -34.30 3.58
N GLN H 37 -0.48 -33.56 2.74
CA GLN H 37 -0.02 -32.22 3.12
C GLN H 37 -0.58 -31.25 2.09
N GLN H 38 -1.55 -30.44 2.50
CA GLN H 38 -2.14 -29.50 1.55
C GLN H 38 -1.80 -28.04 1.89
N LYS H 39 -0.90 -27.45 1.10
CA LYS H 39 -0.49 -26.08 1.27
C LYS H 39 -1.59 -25.17 0.72
N PRO H 40 -1.55 -23.86 1.02
CA PRO H 40 -2.58 -22.94 0.53
C PRO H 40 -2.59 -22.85 -1.00
N ASP H 41 -3.77 -23.03 -1.58
CA ASP H 41 -3.98 -23.00 -3.03
C ASP H 41 -3.26 -24.12 -3.78
N GLN H 42 -3.41 -25.34 -3.30
CA GLN H 42 -2.79 -26.50 -3.91
C GLN H 42 -3.61 -27.76 -3.64
N SER H 43 -3.66 -28.66 -4.60
CA SER H 43 -4.39 -29.89 -4.37
C SER H 43 -3.59 -30.65 -3.31
N PRO H 44 -4.24 -31.54 -2.53
CA PRO H 44 -3.48 -32.25 -1.52
C PRO H 44 -2.31 -33.00 -2.14
N LYS H 45 -1.32 -33.30 -1.34
CA LYS H 45 -0.15 -34.04 -1.81
C LYS H 45 0.03 -35.21 -0.86
N LEU H 46 0.38 -36.35 -1.43
CA LEU H 46 0.58 -37.55 -0.63
C LEU H 46 1.86 -37.40 0.16
N LEU H 47 1.72 -37.30 1.47
CA LEU H 47 2.86 -37.13 2.35
C LEU H 47 3.39 -38.48 2.80
N LEU H 48 2.65 -39.11 3.69
CA LEU H 48 2.98 -40.42 4.22
C LEU H 48 1.96 -41.41 3.68
N TYR H 49 2.39 -42.28 2.77
CA TYR H 49 1.51 -43.30 2.20
C TYR H 49 1.69 -44.45 3.20
N GLY H 50 0.61 -44.95 3.80
CA GLY H 50 0.81 -45.97 4.83
C GLY H 50 1.56 -45.33 6.01
N PRO H 51 1.15 -45.56 7.28
CA PRO H 51 1.88 -44.92 8.39
C PRO H 51 3.39 -45.09 8.32
N SER H 52 4.12 -44.18 8.94
CA SER H 52 5.58 -44.25 8.95
C SER H 52 6.26 -44.53 7.60
N ASN H 53 5.74 -44.00 6.50
CA ASN H 53 6.36 -44.22 5.20
C ASN H 53 6.36 -43.01 4.27
N ARG H 54 7.52 -42.37 4.13
CA ARG H 54 7.59 -41.19 3.29
C ARG H 54 7.44 -41.47 1.81
N TYR H 55 6.42 -40.86 1.21
CA TYR H 55 6.19 -41.04 -0.22
C TYR H 55 7.32 -40.36 -0.99
N THR H 56 7.46 -40.70 -2.26
CA THR H 56 8.49 -40.11 -3.10
C THR H 56 8.61 -38.62 -2.88
N GLY H 57 9.83 -38.18 -2.54
CA GLY H 57 10.07 -36.76 -2.30
C GLY H 57 10.24 -36.44 -0.83
N VAL H 58 9.10 -36.31 -0.14
CA VAL H 58 9.06 -36.01 1.28
C VAL H 58 10.39 -36.14 2.05
N PRO H 59 10.87 -35.02 2.62
CA PRO H 59 12.13 -34.97 3.38
C PRO H 59 12.05 -35.73 4.71
N ASP H 60 13.18 -36.30 5.11
CA ASP H 60 13.25 -37.10 6.34
C ASP H 60 12.84 -36.41 7.61
N ARG H 61 12.41 -35.17 7.50
CA ARG H 61 11.97 -34.39 8.66
C ARG H 61 10.59 -34.93 9.02
N PHE H 62 10.00 -35.62 8.05
CA PHE H 62 8.67 -36.22 8.18
C PHE H 62 8.72 -37.72 8.52
N THR H 63 7.88 -38.12 9.45
CA THR H 63 7.83 -39.53 9.87
C THR H 63 6.51 -39.74 10.58
N GLY H 64 6.14 -40.99 10.77
CA GLY H 64 4.89 -41.26 11.44
C GLY H 64 4.83 -42.66 11.98
N SER H 65 3.72 -43.00 12.61
CA SER H 65 3.57 -44.33 13.17
C SER H 65 2.19 -44.64 13.75
N GLY H 66 1.98 -45.93 13.98
CA GLY H 66 0.73 -46.38 14.54
C GLY H 66 0.20 -47.57 13.79
N SER H 67 -0.94 -48.02 14.26
CA SER H 67 -1.65 -49.14 13.69
C SER H 67 -2.82 -49.31 14.64
N THR H 68 -3.74 -50.18 14.28
CA THR H 68 -4.91 -50.40 15.12
C THR H 68 -5.84 -49.21 15.09
N THR H 69 -5.59 -48.25 15.97
CA THR H 69 -6.48 -47.11 16.02
C THR H 69 -5.86 -45.71 16.18
N ASP H 70 -4.64 -45.63 16.70
CA ASP H 70 -4.00 -44.32 16.90
C ASP H 70 -2.75 -44.14 16.04
N PHE H 71 -2.69 -43.02 15.32
CA PHE H 71 -1.55 -42.73 14.43
C PHE H 71 -1.06 -41.30 14.58
N THR H 72 0.18 -41.07 14.15
CA THR H 72 0.79 -39.75 14.26
C THR H 72 1.83 -39.39 13.22
N LEU H 73 1.74 -38.14 12.78
CA LEU H 73 2.69 -37.58 11.84
C LEU H 73 3.56 -36.67 12.68
N THR H 74 4.86 -36.71 12.44
CA THR H 74 5.74 -35.85 13.23
C THR H 74 6.83 -35.20 12.39
N ILE H 75 7.04 -33.92 12.64
CA ILE H 75 8.09 -33.23 11.93
C ILE H 75 9.09 -32.91 13.03
N SER H 76 10.31 -33.39 12.80
CA SER H 76 11.41 -33.20 13.73
C SER H 76 11.61 -31.72 14.00
N SER H 77 11.88 -30.98 12.92
CA SER H 77 12.10 -29.53 13.00
C SER H 77 11.40 -28.76 11.86
N VAL H 78 10.16 -28.34 12.15
CA VAL H 78 9.32 -27.60 11.21
C VAL H 78 10.04 -26.50 10.43
N GLN H 79 9.67 -26.30 9.16
CA GLN H 79 10.29 -25.26 8.35
C GLN H 79 9.21 -24.26 8.03
N ALA H 80 9.57 -23.18 7.34
CA ALA H 80 8.56 -22.18 7.00
C ALA H 80 7.65 -22.69 5.87
N GLU H 81 8.13 -23.69 5.14
CA GLU H 81 7.41 -24.28 4.01
C GLU H 81 6.32 -25.19 4.52
N ASP H 82 6.71 -26.04 5.46
CA ASP H 82 5.84 -27.03 6.07
C ASP H 82 4.56 -26.44 6.62
N LEU H 83 4.37 -25.16 6.37
CA LEU H 83 3.15 -24.52 6.78
C LEU H 83 2.10 -25.12 5.85
N ALA H 84 1.11 -25.81 6.43
CA ALA H 84 0.09 -26.42 5.59
C ALA H 84 -1.04 -26.99 6.40
N ASP H 85 -2.00 -27.61 5.70
CA ASP H 85 -3.10 -28.27 6.37
C ASP H 85 -2.80 -29.75 6.14
N TYR H 86 -2.63 -30.48 7.24
CA TYR H 86 -2.29 -31.90 7.19
C TYR H 86 -3.50 -32.82 7.36
N HIS H 87 -3.61 -33.79 6.44
CA HIS H 87 -4.75 -34.70 6.42
C HIS H 87 -4.54 -36.19 6.64
N CYS H 88 -5.65 -36.83 7.01
CA CYS H 88 -5.72 -38.26 7.27
C CYS H 88 -6.74 -39.04 6.48
N GLY H 89 -6.34 -40.23 6.04
CA GLY H 89 -7.23 -41.07 5.29
C GLY H 89 -7.00 -42.55 5.52
N GLN H 90 -8.09 -43.31 5.47
CA GLN H 90 -8.05 -44.75 5.65
C GLN H 90 -8.73 -45.41 4.48
N SER H 91 -8.28 -46.61 4.14
CA SER H 91 -8.86 -47.36 3.04
C SER H 91 -8.98 -48.79 3.53
N TYR H 92 -9.35 -48.90 4.80
CA TYR H 92 -9.54 -50.17 5.43
C TYR H 92 -10.91 -50.63 4.96
N SER H 93 -11.93 -49.86 5.29
CA SER H 93 -13.29 -50.18 4.86
C SER H 93 -13.72 -49.18 3.78
N TYR H 94 -14.74 -49.51 3.00
CA TYR H 94 -15.27 -48.54 2.04
C TYR H 94 -16.42 -48.06 2.96
N PRO H 95 -16.75 -46.77 2.97
CA PRO H 95 -16.18 -45.70 2.18
C PRO H 95 -14.92 -45.25 2.85
N TYR H 96 -14.00 -44.88 1.98
CA TYR H 96 -12.76 -44.35 2.43
C TYR H 96 -13.18 -43.04 3.10
N THR H 97 -12.56 -42.72 4.23
CA THR H 97 -12.91 -41.50 4.91
C THR H 97 -11.64 -40.71 5.25
N PHE H 98 -11.80 -39.44 5.64
CA PHE H 98 -10.65 -38.61 6.00
C PHE H 98 -10.73 -37.93 7.37
N GLY H 99 -9.58 -37.52 7.88
CA GLY H 99 -9.55 -36.79 9.14
C GLY H 99 -10.01 -35.38 8.80
N GLY H 100 -10.48 -34.64 9.80
CA GLY H 100 -10.94 -33.29 9.52
C GLY H 100 -9.83 -32.34 9.10
N GLY H 101 -8.58 -32.76 9.32
CA GLY H 101 -7.46 -31.91 8.98
C GLY H 101 -7.03 -31.13 10.22
N THR H 102 -5.75 -30.81 10.29
CA THR H 102 -5.20 -30.06 11.41
C THR H 102 -4.17 -29.07 10.84
N LYS H 103 -4.51 -27.78 10.88
CA LYS H 103 -3.67 -26.74 10.31
C LYS H 103 -2.41 -26.41 11.09
N LEU H 104 -1.27 -26.48 10.41
CA LEU H 104 0.01 -26.17 11.03
C LEU H 104 0.33 -24.70 10.77
N GLU H 105 0.52 -23.91 11.84
CA GLU H 105 0.82 -22.48 11.73
C GLU H 105 2.13 -22.10 12.41
N ILE H 106 3.02 -21.44 11.68
CA ILE H 106 4.31 -21.00 12.22
C ILE H 106 4.29 -19.69 13.04
N LYS H 107 5.04 -19.70 14.14
CA LYS H 107 5.16 -18.53 15.00
C LYS H 107 6.54 -17.89 14.76
N ARG H 108 6.57 -16.57 14.72
CA ARG H 108 7.83 -15.84 14.48
C ARG H 108 7.91 -14.50 15.24
N ALA H 109 9.00 -13.77 14.98
CA ALA H 109 9.22 -12.47 15.61
C ALA H 109 8.22 -11.46 15.05
N ASP H 110 7.64 -10.61 15.89
CA ASP H 110 6.68 -9.62 15.37
C ASP H 110 7.33 -8.72 14.31
N ALA H 111 6.48 -8.14 13.46
CA ALA H 111 6.95 -7.24 12.41
C ALA H 111 5.81 -6.30 12.10
N ALA H 112 6.15 -5.06 11.75
CA ALA H 112 5.13 -4.09 11.44
C ALA H 112 4.89 -4.08 9.93
N PRO H 113 3.65 -3.82 9.53
CA PRO H 113 3.30 -3.79 8.11
C PRO H 113 4.15 -2.84 7.29
N THR H 114 3.95 -2.88 5.99
CA THR H 114 4.65 -2.02 5.07
C THR H 114 3.52 -1.52 4.20
N VAL H 115 3.01 -0.35 4.59
CA VAL H 115 1.88 0.28 3.92
C VAL H 115 2.19 0.99 2.62
N SER H 116 1.19 1.00 1.74
CA SER H 116 1.32 1.63 0.45
C SER H 116 -0.08 1.94 0.00
N ILE H 117 -0.34 3.21 -0.28
CA ILE H 117 -1.66 3.59 -0.71
C ILE H 117 -1.60 3.91 -2.20
N PHE H 118 -2.68 3.60 -2.90
CA PHE H 118 -2.76 3.82 -4.33
C PHE H 118 -4.05 4.51 -4.73
N PRO H 119 -3.94 5.64 -5.45
CA PRO H 119 -5.07 6.42 -5.92
C PRO H 119 -5.62 5.78 -7.20
N PRO H 120 -6.95 5.82 -7.38
CA PRO H 120 -7.61 5.24 -8.55
C PRO H 120 -6.78 5.44 -9.82
N SER H 121 -6.64 4.40 -10.63
CA SER H 121 -5.87 4.57 -11.86
C SER H 121 -6.74 5.32 -12.85
N SER H 122 -6.07 6.10 -13.70
CA SER H 122 -6.74 6.88 -14.72
C SER H 122 -7.82 6.03 -15.40
N GLU H 123 -7.40 4.87 -15.90
CA GLU H 123 -8.32 3.96 -16.57
C GLU H 123 -9.61 3.79 -15.81
N GLN H 124 -9.50 3.28 -14.58
CA GLN H 124 -10.70 3.03 -13.80
C GLN H 124 -11.65 4.22 -13.80
N LEU H 125 -11.08 5.42 -13.82
CA LEU H 125 -11.85 6.66 -13.80
C LEU H 125 -12.65 6.89 -15.08
N THR H 126 -12.04 6.54 -16.19
CA THR H 126 -12.66 6.69 -17.48
C THR H 126 -13.95 5.87 -17.58
N SER H 127 -14.29 5.13 -16.54
CA SER H 127 -15.50 4.32 -16.56
C SER H 127 -16.44 4.73 -15.43
N GLY H 128 -16.09 5.84 -14.79
CA GLY H 128 -16.91 6.34 -13.70
C GLY H 128 -16.62 5.63 -12.40
N GLY H 129 -15.58 4.80 -12.41
CA GLY H 129 -15.23 4.07 -11.20
C GLY H 129 -14.11 4.74 -10.43
N ALA H 130 -14.02 4.47 -9.12
CA ALA H 130 -12.97 5.06 -8.29
C ALA H 130 -12.52 4.19 -7.10
N SER H 131 -11.40 3.51 -7.24
CA SER H 131 -10.91 2.66 -6.16
C SER H 131 -9.54 3.01 -5.63
N VAL H 132 -9.48 3.20 -4.32
CA VAL H 132 -8.22 3.52 -3.66
C VAL H 132 -7.88 2.28 -2.88
N VAL H 133 -6.70 1.73 -3.14
CA VAL H 133 -6.30 0.53 -2.44
C VAL H 133 -5.16 0.84 -1.51
N CYS H 134 -4.87 -0.08 -0.61
CA CYS H 134 -3.77 0.10 0.30
C CYS H 134 -3.33 -1.27 0.79
N PHE H 135 -2.02 -1.52 0.68
CA PHE H 135 -1.46 -2.79 1.11
C PHE H 135 -0.65 -2.64 2.39
N LEU H 136 -0.95 -3.51 3.35
CA LEU H 136 -0.23 -3.54 4.62
C LEU H 136 0.39 -4.90 4.48
N ASN H 137 1.66 -4.91 4.09
CA ASN H 137 2.34 -6.17 3.85
C ASN H 137 3.42 -6.63 4.79
N ASN H 138 3.43 -7.94 4.99
CA ASN H 138 4.42 -8.58 5.80
C ASN H 138 4.47 -8.21 7.27
N PHE H 139 3.37 -8.38 7.96
CA PHE H 139 3.38 -8.10 9.38
C PHE H 139 3.36 -9.38 10.19
N TYR H 140 2.95 -9.26 11.46
CA TYR H 140 2.85 -10.38 12.41
C TYR H 140 2.78 -9.80 13.81
N PRO H 141 1.74 -10.16 14.58
CA PRO H 141 0.61 -11.07 14.35
C PRO H 141 -0.31 -10.76 13.18
N LYS H 142 -1.26 -11.67 12.96
CA LYS H 142 -2.24 -11.56 11.90
C LYS H 142 -3.18 -10.42 12.19
N ASP H 143 -3.40 -10.15 13.48
CA ASP H 143 -4.30 -9.08 13.87
C ASP H 143 -3.78 -7.68 13.57
N ILE H 144 -4.56 -6.96 12.77
CA ILE H 144 -4.24 -5.60 12.39
C ILE H 144 -5.54 -4.92 11.98
N ASN H 145 -5.56 -3.60 12.15
CA ASN H 145 -6.73 -2.80 11.82
C ASN H 145 -6.43 -1.68 10.83
N VAL H 146 -7.42 -1.40 9.99
CA VAL H 146 -7.31 -0.38 8.98
C VAL H 146 -8.43 0.63 9.07
N LYS H 147 -8.07 1.90 8.99
CA LYS H 147 -9.05 2.98 9.04
C LYS H 147 -8.81 3.88 7.85
N TRP H 148 -9.89 4.37 7.26
CA TRP H 148 -9.74 5.28 6.14
C TRP H 148 -10.29 6.64 6.53
N LYS H 149 -9.62 7.70 6.05
CA LYS H 149 -10.04 9.07 6.32
C LYS H 149 -10.01 9.93 5.05
N ILE H 150 -11.19 10.31 4.59
CA ILE H 150 -11.34 11.18 3.42
C ILE H 150 -11.37 12.60 3.98
N ASP H 151 -10.22 13.27 4.01
CA ASP H 151 -10.14 14.61 4.54
C ASP H 151 -10.35 14.56 6.06
N GLY H 152 -9.50 13.80 6.74
CA GLY H 152 -9.59 13.69 8.19
C GLY H 152 -10.82 13.09 8.86
N SER H 153 -11.86 12.78 8.09
CA SER H 153 -13.06 12.18 8.69
C SER H 153 -13.11 10.69 8.36
N GLU H 154 -13.63 9.89 9.28
CA GLU H 154 -13.71 8.46 9.07
C GLU H 154 -14.53 8.06 7.86
N ARG H 155 -14.33 6.81 7.45
CA ARG H 155 -15.03 6.26 6.32
C ARG H 155 -15.12 4.75 6.51
N GLN H 156 -16.36 4.26 6.62
CA GLN H 156 -16.63 2.84 6.82
C GLN H 156 -17.26 2.22 5.59
N ASN H 157 -17.86 3.06 4.76
CA ASN H 157 -18.55 2.61 3.56
C ASN H 157 -17.63 2.32 2.37
N GLY H 158 -18.01 1.34 1.55
CA GLY H 158 -17.25 0.99 0.36
C GLY H 158 -15.84 0.45 0.51
N VAL H 159 -15.45 0.14 1.74
CA VAL H 159 -14.10 -0.39 2.01
C VAL H 159 -14.18 -1.90 2.16
N LEU H 160 -13.23 -2.60 1.55
CA LEU H 160 -13.18 -4.05 1.61
C LEU H 160 -11.77 -4.57 1.85
N ASN H 161 -11.68 -5.58 2.71
CA ASN H 161 -10.40 -6.16 3.07
C ASN H 161 -10.25 -7.65 2.80
N SER H 162 -9.04 -8.14 2.99
CA SER H 162 -8.74 -9.55 2.81
C SER H 162 -7.25 -9.77 3.10
N TRP H 163 -6.97 -10.83 3.84
CA TRP H 163 -5.60 -11.20 4.19
C TRP H 163 -5.18 -12.42 3.39
N THR H 164 -3.88 -12.63 3.31
CA THR H 164 -3.35 -13.79 2.61
C THR H 164 -3.21 -14.85 3.70
N ASP H 165 -2.32 -15.80 3.49
CA ASP H 165 -2.06 -16.84 4.48
C ASP H 165 -0.61 -16.72 4.76
N GLN H 166 -0.26 -16.88 6.03
CA GLN H 166 1.12 -16.82 6.47
C GLN H 166 1.91 -17.37 5.29
N ASP H 167 2.80 -16.60 4.69
CA ASP H 167 3.50 -17.16 3.55
C ASP H 167 4.63 -18.11 3.96
N SER H 168 5.21 -18.77 2.98
CA SER H 168 6.23 -19.77 3.26
C SER H 168 7.66 -19.32 3.39
N LYS H 169 7.94 -18.07 3.08
CA LYS H 169 9.31 -17.60 3.18
C LYS H 169 9.66 -16.92 4.48
N ASP H 170 8.68 -16.25 5.08
CA ASP H 170 8.93 -15.54 6.32
C ASP H 170 7.80 -15.65 7.30
N SER H 171 6.83 -16.49 6.99
CA SER H 171 5.70 -16.67 7.89
C SER H 171 4.94 -15.38 8.27
N THR H 172 5.06 -14.33 7.45
CA THR H 172 4.33 -13.09 7.75
C THR H 172 2.98 -13.11 7.06
N TYR H 173 2.18 -12.08 7.28
CA TYR H 173 0.89 -11.98 6.63
C TYR H 173 0.85 -10.71 5.80
N SER H 174 -0.28 -10.46 5.17
CA SER H 174 -0.46 -9.28 4.37
C SER H 174 -1.95 -9.10 4.23
N MET H 175 -2.36 -7.84 4.14
CA MET H 175 -3.76 -7.54 4.01
C MET H 175 -3.92 -6.42 3.03
N SER H 176 -5.11 -6.32 2.46
CA SER H 176 -5.36 -5.25 1.52
C SER H 176 -6.78 -4.78 1.66
N SER H 177 -6.90 -3.53 2.06
CA SER H 177 -8.21 -2.91 2.18
C SER H 177 -8.24 -1.99 0.99
N THR H 178 -9.41 -1.87 0.39
CA THR H 178 -9.51 -1.03 -0.77
C THR H 178 -10.81 -0.28 -0.72
N LEU H 179 -10.68 1.04 -0.83
CA LEU H 179 -11.79 1.98 -0.80
C LEU H 179 -12.30 2.21 -2.20
N THR H 180 -13.59 1.93 -2.39
CA THR H 180 -14.19 2.10 -3.70
C THR H 180 -15.40 3.00 -3.63
N LEU H 181 -15.50 3.92 -4.59
CA LEU H 181 -16.63 4.86 -4.66
C LEU H 181 -16.83 5.51 -6.05
N THR H 182 -17.82 6.39 -6.15
CA THR H 182 -18.16 7.07 -7.40
C THR H 182 -17.14 8.12 -7.76
N LYS H 183 -16.77 8.15 -9.04
CA LYS H 183 -15.81 9.12 -9.54
C LYS H 183 -16.12 10.49 -8.96
N ASP H 184 -17.39 10.89 -9.07
CA ASP H 184 -17.84 12.18 -8.56
C ASP H 184 -17.50 12.30 -7.09
N GLU H 185 -17.97 11.35 -6.28
CA GLU H 185 -17.72 11.35 -4.86
C GLU H 185 -16.21 11.36 -4.59
N TYR H 186 -15.47 10.74 -5.49
CA TYR H 186 -14.02 10.70 -5.33
C TYR H 186 -13.45 12.10 -5.37
N GLU H 187 -13.87 12.88 -6.37
CA GLU H 187 -13.37 14.24 -6.52
C GLU H 187 -13.96 15.26 -5.55
N ARG H 188 -15.10 14.94 -4.93
CA ARG H 188 -15.68 15.89 -3.98
C ARG H 188 -14.77 15.96 -2.77
N HIS H 189 -13.63 15.28 -2.85
CA HIS H 189 -12.69 15.28 -1.73
C HIS H 189 -11.24 15.39 -2.14
N ASN H 190 -10.43 15.81 -1.18
CA ASN H 190 -9.01 16.09 -1.37
C ASN H 190 -8.00 15.06 -0.98
N SER H 191 -7.74 14.98 0.33
CA SER H 191 -6.75 14.05 0.85
C SER H 191 -7.33 12.70 1.26
N TYR H 192 -6.70 11.64 0.75
CA TYR H 192 -7.10 10.28 1.06
C TYR H 192 -5.99 9.69 1.89
N THR H 193 -6.36 9.16 3.04
CA THR H 193 -5.37 8.58 3.93
C THR H 193 -5.67 7.15 4.40
N CYS H 194 -4.62 6.40 4.69
CA CYS H 194 -4.74 5.01 5.12
C CYS H 194 -4.17 4.79 6.53
N GLU H 195 -5.03 4.35 7.44
CA GLU H 195 -4.68 4.12 8.84
C GLU H 195 -4.36 2.68 9.25
N ALA H 196 -3.12 2.42 9.66
CA ALA H 196 -2.71 1.07 10.05
C ALA H 196 -2.35 0.92 11.51
N THR H 197 -3.32 0.48 12.31
CA THR H 197 -3.08 0.29 13.74
C THR H 197 -2.77 -1.17 14.04
N HIS H 198 -1.49 -1.47 14.15
CA HIS H 198 -1.09 -2.85 14.41
C HIS H 198 -0.99 -3.14 15.90
N LYS H 199 0.17 -3.65 16.31
CA LYS H 199 0.41 -4.02 17.70
C LYS H 199 1.90 -3.91 17.98
N THR H 200 2.64 -3.35 17.03
CA THR H 200 4.09 -3.17 17.17
C THR H 200 4.45 -1.69 17.46
N SER H 201 3.42 -0.87 17.62
CA SER H 201 3.58 0.57 17.95
C SER H 201 2.21 1.16 18.31
N THR H 202 2.14 1.90 19.42
CA THR H 202 0.89 2.52 19.85
C THR H 202 0.60 3.66 18.90
N SER H 203 1.63 4.02 18.14
CA SER H 203 1.58 5.08 17.15
C SER H 203 1.45 4.46 15.75
N PRO H 204 0.22 4.40 15.22
CA PRO H 204 -0.12 3.84 13.91
C PRO H 204 0.65 4.33 12.71
N ILE H 205 0.84 3.42 11.76
CA ILE H 205 1.53 3.71 10.52
C ILE H 205 0.48 4.33 9.60
N VAL H 206 0.83 5.45 9.00
CA VAL H 206 -0.09 6.15 8.11
C VAL H 206 0.52 6.44 6.74
N LYS H 207 -0.34 6.39 5.72
CA LYS H 207 0.07 6.67 4.36
C LYS H 207 -1.11 7.31 3.66
N SER H 208 -0.83 8.36 2.90
CA SER H 208 -1.90 9.05 2.20
C SER H 208 -1.39 9.93 1.06
N PHE H 209 -2.33 10.36 0.23
CA PHE H 209 -2.00 11.22 -0.89
C PHE H 209 -3.05 12.30 -0.92
N ASN H 210 -2.78 13.35 -1.70
CA ASN H 210 -3.69 14.48 -1.84
C ASN H 210 -4.13 14.56 -3.30
N ARG H 211 -5.39 14.19 -3.54
CA ARG H 211 -5.96 14.18 -4.89
C ARG H 211 -5.61 15.43 -5.67
N ASN H 212 -5.52 16.55 -4.96
CA ASN H 212 -5.23 17.85 -5.55
C ASN H 212 -3.76 18.05 -5.88
N GLU H 213 -2.89 17.59 -4.99
CA GLU H 213 -1.45 17.72 -5.14
C GLU H 213 -0.91 16.87 -6.30
N CYS H 214 -1.83 16.21 -6.98
CA CYS H 214 -1.49 15.35 -8.13
C CYS H 214 -0.49 15.96 -9.11
N GLN I 1 6.12 -39.01 -16.91
CA GLN I 1 4.69 -38.64 -17.00
C GLN I 1 3.71 -39.69 -16.54
N VAL I 2 2.60 -39.20 -16.04
CA VAL I 2 1.45 -39.97 -15.59
C VAL I 2 0.63 -38.82 -15.07
N GLN I 3 -0.36 -38.41 -15.85
CA GLN I 3 -1.17 -37.25 -15.52
C GLN I 3 -2.68 -37.37 -15.61
N LEU I 4 -3.36 -36.59 -14.78
CA LEU I 4 -4.82 -36.56 -14.74
C LEU I 4 -5.26 -35.14 -15.08
N GLN I 5 -5.63 -34.94 -16.34
CA GLN I 5 -6.05 -33.63 -16.80
C GLN I 5 -7.54 -33.31 -16.65
N GLN I 6 -7.83 -32.20 -15.96
CA GLN I 6 -9.21 -31.79 -15.80
C GLN I 6 -9.44 -30.26 -15.78
N PRO I 7 -10.47 -29.79 -16.50
CA PRO I 7 -10.84 -28.38 -16.59
C PRO I 7 -10.72 -27.67 -15.26
N GLY I 8 -10.36 -26.40 -15.32
CA GLY I 8 -10.23 -25.64 -14.09
C GLY I 8 -11.54 -25.19 -13.49
N THR I 9 -12.51 -24.87 -14.35
CA THR I 9 -13.79 -24.40 -13.86
C THR I 9 -14.99 -24.90 -14.62
N GLU I 10 -16.13 -24.88 -13.94
CA GLU I 10 -17.41 -25.29 -14.52
C GLU I 10 -18.47 -24.44 -13.85
N LEU I 11 -19.27 -23.74 -14.65
CA LEU I 11 -20.35 -22.92 -14.11
C LEU I 11 -21.61 -23.60 -14.56
N VAL I 12 -22.57 -23.73 -13.65
CA VAL I 12 -23.79 -24.39 -14.03
C VAL I 12 -25.00 -23.82 -13.31
N ARG I 13 -26.09 -23.71 -14.06
CA ARG I 13 -27.33 -23.20 -13.52
C ARG I 13 -27.88 -24.23 -12.56
N PRO I 14 -28.30 -23.81 -11.36
CA PRO I 14 -28.85 -24.80 -10.43
C PRO I 14 -29.81 -25.76 -11.16
N GLY I 15 -29.70 -27.04 -10.84
CA GLY I 15 -30.54 -28.03 -11.47
C GLY I 15 -30.19 -28.29 -12.93
N ALA I 16 -28.91 -28.19 -13.25
CA ALA I 16 -28.47 -28.47 -14.60
C ALA I 16 -27.48 -29.63 -14.46
N SER I 17 -27.31 -30.41 -15.51
CA SER I 17 -26.38 -31.52 -15.39
C SER I 17 -24.95 -31.04 -15.54
N VAL I 18 -24.10 -31.49 -14.62
CA VAL I 18 -22.70 -31.12 -14.61
C VAL I 18 -21.81 -32.30 -14.93
N ILE I 19 -20.96 -32.16 -15.93
CA ILE I 19 -20.06 -33.25 -16.25
C ILE I 19 -18.61 -32.91 -15.98
N LEU I 20 -17.97 -33.75 -15.18
CA LEU I 20 -16.58 -33.54 -14.86
C LEU I 20 -15.77 -34.55 -15.62
N SER I 21 -14.91 -34.07 -16.51
CA SER I 21 -14.08 -34.96 -17.28
C SER I 21 -12.70 -35.00 -16.64
N CYS I 22 -12.03 -36.14 -16.80
CA CYS I 22 -10.70 -36.32 -16.26
C CYS I 22 -10.00 -37.21 -17.25
N LYS I 23 -9.00 -36.69 -17.94
CA LYS I 23 -8.31 -37.48 -18.95
C LYS I 23 -6.94 -37.97 -18.54
N ALA I 24 -6.78 -39.29 -18.52
CA ALA I 24 -5.53 -39.95 -18.14
C ALA I 24 -4.50 -39.88 -19.25
N SER I 25 -3.26 -40.19 -18.90
CA SER I 25 -2.14 -40.21 -19.84
C SER I 25 -0.91 -40.65 -19.07
N GLY I 26 0.05 -41.25 -19.76
CA GLY I 26 1.27 -41.68 -19.09
C GLY I 26 1.21 -43.06 -18.47
N TYR I 27 0.04 -43.70 -18.50
CA TYR I 27 -0.09 -45.03 -17.92
C TYR I 27 -1.23 -45.79 -18.61
N THR I 28 -1.33 -47.09 -18.34
CA THR I 28 -2.41 -47.87 -18.96
C THR I 28 -3.72 -47.67 -18.22
N PHE I 29 -4.53 -46.77 -18.78
CA PHE I 29 -5.81 -46.38 -18.23
C PHE I 29 -6.65 -47.45 -17.54
N THR I 30 -6.83 -48.58 -18.23
CA THR I 30 -7.63 -49.70 -17.75
C THR I 30 -7.02 -50.55 -16.67
N SER I 31 -5.78 -50.25 -16.29
CA SER I 31 -5.12 -51.03 -15.27
C SER I 31 -5.24 -50.38 -13.91
N TYR I 32 -5.79 -49.16 -13.85
CA TYR I 32 -5.87 -48.44 -12.58
C TYR I 32 -7.20 -47.83 -12.21
N TRP I 33 -7.47 -47.78 -10.91
CA TRP I 33 -8.67 -47.17 -10.38
C TRP I 33 -8.59 -45.65 -10.53
N ILE I 34 -9.75 -45.00 -10.37
CA ILE I 34 -9.87 -43.54 -10.39
C ILE I 34 -10.74 -43.20 -9.19
N ASN I 35 -10.17 -42.47 -8.25
CA ASN I 35 -10.92 -42.11 -7.07
C ASN I 35 -11.25 -40.65 -7.09
N TRP I 36 -12.53 -40.37 -6.94
CA TRP I 36 -12.99 -39.00 -6.95
C TRP I 36 -13.23 -38.48 -5.56
N VAL I 37 -12.58 -37.37 -5.24
CA VAL I 37 -12.78 -36.75 -3.96
C VAL I 37 -13.19 -35.31 -4.20
N LYS I 38 -14.18 -34.88 -3.42
CA LYS I 38 -14.74 -33.54 -3.51
C LYS I 38 -14.34 -32.73 -2.28
N GLN I 39 -14.11 -31.43 -2.47
CA GLN I 39 -13.71 -30.59 -1.36
C GLN I 39 -14.30 -29.18 -1.49
N ARG I 40 -14.98 -28.74 -0.44
CA ARG I 40 -15.58 -27.43 -0.44
C ARG I 40 -14.63 -26.43 0.20
N PRO I 41 -14.69 -25.16 -0.25
CA PRO I 41 -13.83 -24.09 0.27
C PRO I 41 -13.52 -24.22 1.77
N GLY I 42 -12.23 -24.38 2.08
CA GLY I 42 -11.81 -24.52 3.46
C GLY I 42 -12.64 -25.57 4.19
N GLN I 43 -12.54 -26.81 3.71
CA GLN I 43 -13.29 -27.91 4.29
C GLN I 43 -12.48 -29.19 4.14
N GLY I 44 -12.89 -30.21 4.89
CA GLY I 44 -12.22 -31.50 4.80
C GLY I 44 -12.51 -32.12 3.45
N LEU I 45 -11.78 -33.18 3.15
CA LEU I 45 -11.96 -33.88 1.89
C LEU I 45 -13.11 -34.87 2.04
N GLU I 46 -13.66 -35.32 0.92
CA GLU I 46 -14.75 -36.25 0.96
C GLU I 46 -14.61 -37.28 -0.13
N TRP I 47 -14.45 -38.55 0.23
CA TRP I 47 -14.33 -39.56 -0.81
C TRP I 47 -15.68 -39.65 -1.51
N VAL I 48 -15.66 -39.51 -2.83
CA VAL I 48 -16.91 -39.58 -3.56
C VAL I 48 -17.23 -41.02 -3.93
N GLY I 49 -16.30 -41.69 -4.59
CA GLY I 49 -16.52 -43.06 -5.00
C GLY I 49 -15.39 -43.39 -5.95
N ASN I 50 -15.29 -44.64 -6.37
CA ASN I 50 -14.20 -45.02 -7.28
C ASN I 50 -14.74 -45.79 -8.46
N ILE I 51 -13.90 -45.99 -9.44
CA ILE I 51 -14.34 -46.73 -10.60
C ILE I 51 -13.12 -47.25 -11.32
N PHE I 52 -13.12 -48.56 -11.54
CA PHE I 52 -12.04 -49.20 -12.23
C PHE I 52 -12.49 -49.21 -13.67
N PRO I 53 -11.68 -48.65 -14.57
CA PRO I 53 -12.12 -48.69 -15.99
C PRO I 53 -12.10 -50.15 -16.41
N SER I 54 -12.01 -50.43 -17.71
CA SER I 54 -11.99 -51.84 -18.16
C SER I 54 -13.34 -52.53 -17.95
N ASP I 55 -13.72 -52.81 -16.71
CA ASP I 55 -14.99 -53.46 -16.47
C ASP I 55 -15.94 -52.48 -15.78
N SER I 56 -15.52 -51.23 -15.73
CA SER I 56 -16.29 -50.16 -15.10
C SER I 56 -16.93 -50.48 -13.75
N TYR I 57 -16.23 -51.27 -12.94
CA TYR I 57 -16.71 -51.62 -11.59
C TYR I 57 -16.67 -50.33 -10.75
N THR I 58 -17.66 -50.13 -9.88
CA THR I 58 -17.68 -48.89 -9.10
C THR I 58 -18.18 -49.04 -7.67
N ASN I 59 -17.76 -48.12 -6.81
CA ASN I 59 -18.18 -48.10 -5.41
C ASN I 59 -18.50 -46.66 -5.11
N TYR I 60 -19.68 -46.40 -4.54
CA TYR I 60 -20.06 -45.02 -4.23
C TYR I 60 -20.15 -44.79 -2.74
N ASN I 61 -19.73 -43.60 -2.32
CA ASN I 61 -19.84 -43.23 -0.91
C ASN I 61 -21.34 -43.05 -0.82
N GLN I 62 -21.94 -43.37 0.32
CA GLN I 62 -23.38 -43.25 0.43
C GLN I 62 -23.91 -41.87 0.06
N LYS I 63 -23.38 -40.83 0.71
CA LYS I 63 -23.79 -39.44 0.50
C LYS I 63 -24.08 -39.06 -0.93
N PHE I 64 -23.42 -39.72 -1.89
CA PHE I 64 -23.61 -39.38 -3.29
C PHE I 64 -24.34 -40.42 -4.09
N LYS I 65 -24.60 -41.55 -3.47
CA LYS I 65 -25.28 -42.67 -4.12
C LYS I 65 -26.05 -42.27 -5.38
N ASP I 66 -27.07 -41.46 -5.18
CA ASP I 66 -27.93 -41.05 -6.29
C ASP I 66 -27.72 -39.64 -6.85
N LYS I 67 -26.74 -38.91 -6.34
CA LYS I 67 -26.45 -37.58 -6.89
C LYS I 67 -25.48 -37.72 -8.04
N ALA I 68 -24.36 -38.40 -7.74
CA ALA I 68 -23.27 -38.61 -8.67
C ALA I 68 -23.32 -39.89 -9.49
N THR I 69 -22.53 -39.90 -10.57
CA THR I 69 -22.47 -41.04 -11.47
C THR I 69 -21.15 -41.09 -12.25
N LEU I 70 -20.28 -42.00 -11.80
CA LEU I 70 -18.98 -42.17 -12.42
C LEU I 70 -19.11 -43.06 -13.64
N THR I 71 -18.28 -42.82 -14.64
CA THR I 71 -18.29 -43.61 -15.86
C THR I 71 -16.96 -43.34 -16.54
N VAL I 72 -16.67 -44.08 -17.61
CA VAL I 72 -15.41 -43.90 -18.31
C VAL I 72 -15.56 -44.17 -19.79
N ASP I 73 -14.60 -43.71 -20.58
CA ASP I 73 -14.63 -43.97 -22.00
C ASP I 73 -13.29 -44.52 -22.41
N LYS I 74 -13.16 -45.82 -22.24
CA LYS I 74 -11.92 -46.51 -22.55
C LYS I 74 -11.21 -46.02 -23.80
N SER I 75 -11.94 -45.77 -24.89
CA SER I 75 -11.30 -45.32 -26.12
C SER I 75 -10.42 -44.10 -25.93
N SER I 76 -11.01 -43.01 -25.45
CA SER I 76 -10.30 -41.74 -25.22
C SER I 76 -9.66 -41.74 -23.83
N SER I 77 -9.62 -42.92 -23.22
CA SER I 77 -9.03 -43.09 -21.91
C SER I 77 -9.25 -41.92 -20.97
N THR I 78 -10.50 -41.66 -20.64
CA THR I 78 -10.82 -40.58 -19.71
C THR I 78 -12.06 -40.97 -18.90
N ALA I 79 -12.14 -40.47 -17.67
CA ALA I 79 -13.26 -40.79 -16.79
C ALA I 79 -14.09 -39.58 -16.49
N TYR I 80 -15.38 -39.81 -16.24
CA TYR I 80 -16.27 -38.71 -15.98
C TYR I 80 -17.09 -38.90 -14.74
N MET I 81 -17.19 -37.84 -13.96
CA MET I 81 -18.04 -37.85 -12.79
C MET I 81 -19.16 -36.91 -13.16
N GLN I 82 -20.39 -37.39 -13.00
CA GLN I 82 -21.54 -36.60 -13.38
C GLN I 82 -22.40 -36.26 -12.18
N VAL I 83 -22.71 -34.99 -12.01
CA VAL I 83 -23.54 -34.60 -10.90
C VAL I 83 -24.90 -34.21 -11.42
N ASN I 84 -25.92 -34.64 -10.70
CA ASN I 84 -27.28 -34.37 -11.12
C ASN I 84 -27.96 -33.38 -10.17
N SER I 85 -28.76 -32.51 -10.77
CA SER I 85 -29.50 -31.49 -10.03
C SER I 85 -28.65 -30.79 -8.98
N PRO I 86 -27.64 -30.05 -9.46
CA PRO I 86 -26.69 -29.28 -8.66
C PRO I 86 -27.38 -28.23 -7.79
N THR I 87 -26.66 -27.78 -6.76
CA THR I 87 -27.17 -26.77 -5.83
C THR I 87 -25.92 -26.21 -5.16
N SER I 88 -26.06 -25.10 -4.45
CA SER I 88 -24.91 -24.48 -3.80
C SER I 88 -24.10 -25.49 -2.97
N GLU I 89 -24.79 -26.49 -2.41
CA GLU I 89 -24.11 -27.51 -1.60
C GLU I 89 -23.12 -28.24 -2.49
N ASP I 90 -23.33 -28.15 -3.81
CA ASP I 90 -22.47 -28.80 -4.78
C ASP I 90 -21.31 -27.97 -5.30
N SER I 91 -21.40 -26.66 -5.22
CA SER I 91 -20.28 -25.84 -5.67
C SER I 91 -19.10 -26.25 -4.81
N ALA I 92 -18.04 -26.71 -5.46
CA ALA I 92 -16.82 -27.14 -4.80
C ALA I 92 -15.80 -27.55 -5.86
N VAL I 93 -14.66 -28.05 -5.41
CA VAL I 93 -13.64 -28.50 -6.34
C VAL I 93 -13.58 -30.03 -6.28
N TYR I 94 -13.48 -30.63 -7.46
CA TYR I 94 -13.47 -32.08 -7.60
C TYR I 94 -12.18 -32.63 -8.22
N TYR I 95 -11.47 -33.45 -7.45
CA TYR I 95 -10.25 -34.05 -7.95
C TYR I 95 -10.45 -35.48 -8.32
N CYS I 96 -9.86 -35.89 -9.42
CA CYS I 96 -9.92 -37.28 -9.81
C CYS I 96 -8.50 -37.69 -9.43
N THR I 97 -8.34 -38.89 -8.90
CA THR I 97 -7.01 -39.32 -8.48
C THR I 97 -6.72 -40.73 -8.88
N ARG I 98 -5.45 -41.08 -8.81
CA ARG I 98 -4.96 -42.39 -9.17
C ARG I 98 -3.93 -42.73 -8.12
N GLY I 99 -3.91 -43.97 -7.65
CA GLY I 99 -2.95 -44.35 -6.65
C GLY I 99 -1.70 -44.87 -7.30
N ALA I 100 -1.01 -45.75 -6.58
CA ALA I 100 0.21 -46.36 -7.09
C ALA I 100 0.71 -47.38 -6.09
N ARG I 101 1.82 -48.03 -6.47
CA ARG I 101 2.47 -49.06 -5.68
C ARG I 101 2.36 -48.87 -4.18
N ASP I 102 1.38 -49.52 -3.58
CA ASP I 102 1.16 -49.48 -2.14
C ASP I 102 0.32 -48.39 -1.52
N THR I 103 -0.39 -47.63 -2.34
CA THR I 103 -1.31 -46.58 -1.86
C THR I 103 -2.28 -46.13 -2.87
N TRP I 104 -3.05 -45.18 -2.37
CA TRP I 104 -4.07 -44.54 -3.14
C TRP I 104 -3.69 -43.07 -3.14
N PHE I 105 -4.27 -42.28 -4.03
CA PHE I 105 -4.01 -40.86 -4.02
C PHE I 105 -2.57 -40.43 -4.18
N ALA I 106 -1.85 -41.14 -5.04
CA ALA I 106 -0.47 -40.78 -5.27
C ALA I 106 -0.48 -39.67 -6.30
N TYR I 107 -1.44 -39.71 -7.21
CA TYR I 107 -1.50 -38.68 -8.23
C TYR I 107 -2.81 -37.95 -8.19
N TRP I 108 -2.77 -36.64 -8.37
CA TRP I 108 -4.00 -35.85 -8.33
C TRP I 108 -4.25 -35.02 -9.57
N GLY I 109 -5.52 -34.92 -9.96
CA GLY I 109 -5.85 -34.10 -11.10
C GLY I 109 -5.74 -32.69 -10.58
N GLN I 110 -5.76 -31.73 -11.51
CA GLN I 110 -5.66 -30.33 -11.14
C GLN I 110 -6.78 -29.90 -10.16
N GLY I 111 -7.97 -30.44 -10.39
CA GLY I 111 -9.14 -30.12 -9.59
C GLY I 111 -10.02 -29.20 -10.42
N THR I 112 -11.33 -29.44 -10.44
CA THR I 112 -12.21 -28.56 -11.20
C THR I 112 -13.11 -27.80 -10.24
N LEU I 113 -13.25 -26.50 -10.49
CA LEU I 113 -14.08 -25.70 -9.62
C LEU I 113 -15.44 -25.54 -10.22
N VAL I 114 -16.43 -26.15 -9.59
CA VAL I 114 -17.78 -26.02 -10.09
C VAL I 114 -18.43 -24.93 -9.27
N THR I 115 -19.14 -24.07 -10.00
CA THR I 115 -19.85 -22.96 -9.43
C THR I 115 -21.27 -23.18 -9.97
N VAL I 116 -22.23 -23.32 -9.06
CA VAL I 116 -23.64 -23.49 -9.44
C VAL I 116 -24.29 -22.14 -9.19
N SER I 117 -24.69 -21.47 -10.27
CA SER I 117 -25.29 -20.15 -10.15
C SER I 117 -25.98 -19.70 -11.42
N VAL I 118 -26.90 -18.78 -11.23
CA VAL I 118 -27.67 -18.20 -12.32
C VAL I 118 -26.83 -17.06 -12.90
N ALA I 119 -25.97 -16.51 -12.04
CA ALA I 119 -25.07 -15.43 -12.40
C ALA I 119 -24.40 -15.70 -13.74
N LYS I 120 -24.23 -14.64 -14.52
CA LYS I 120 -23.64 -14.77 -15.84
C LYS I 120 -22.14 -14.56 -15.78
N THR I 121 -21.42 -15.37 -16.53
CA THR I 121 -19.98 -15.26 -16.56
C THR I 121 -19.56 -13.92 -17.22
N THR I 122 -18.72 -13.16 -16.51
CA THR I 122 -18.26 -11.89 -17.03
C THR I 122 -16.76 -11.75 -16.83
N PRO I 123 -16.04 -11.28 -17.86
CA PRO I 123 -14.58 -11.12 -17.78
C PRO I 123 -14.19 -10.01 -16.84
N PRO I 124 -12.94 -10.05 -16.36
CA PRO I 124 -12.41 -9.05 -15.44
C PRO I 124 -11.94 -7.78 -16.14
N SER I 125 -11.80 -6.72 -15.35
CA SER I 125 -11.28 -5.45 -15.83
C SER I 125 -10.05 -5.28 -14.98
N VAL I 126 -8.91 -5.19 -15.61
CA VAL I 126 -7.70 -5.06 -14.84
C VAL I 126 -7.08 -3.66 -14.93
N PHE I 127 -7.03 -3.00 -13.80
CA PHE I 127 -6.50 -1.65 -13.71
C PHE I 127 -5.16 -1.70 -12.98
N PRO I 128 -4.11 -1.14 -13.62
CA PRO I 128 -2.77 -1.14 -13.03
C PRO I 128 -2.66 -0.18 -11.86
N LEU I 129 -1.80 -0.50 -10.90
CA LEU I 129 -1.62 0.35 -9.74
C LEU I 129 -0.15 0.72 -9.58
N ALA I 130 0.19 1.94 -9.98
CA ALA I 130 1.56 2.46 -9.88
C ALA I 130 1.57 3.46 -8.72
N PRO I 131 2.76 3.77 -8.17
CA PRO I 131 2.79 4.73 -7.07
C PRO I 131 2.46 6.11 -7.62
N GLY I 132 1.71 6.90 -6.87
CA GLY I 132 1.37 8.22 -7.35
C GLY I 132 2.57 9.14 -7.59
N SER I 133 2.37 10.20 -8.36
CA SER I 133 3.46 11.17 -8.63
C SER I 133 3.79 11.73 -7.26
N ALA I 134 2.72 12.00 -6.51
CA ALA I 134 2.82 12.51 -5.15
C ALA I 134 3.34 11.38 -4.25
N ALA I 135 4.40 10.71 -4.70
CA ALA I 135 5.01 9.60 -3.95
C ALA I 135 6.51 9.79 -3.78
N GLN I 136 7.04 9.30 -2.66
CA GLN I 136 8.46 9.43 -2.38
C GLN I 136 9.27 8.16 -2.27
N THR I 137 10.52 8.29 -2.70
CA THR I 137 11.50 7.21 -2.72
C THR I 137 11.61 6.39 -1.44
N ASN I 138 11.91 5.11 -1.60
CA ASN I 138 12.14 4.14 -0.51
C ASN I 138 13.28 3.26 -0.97
N SER I 139 13.66 2.28 -0.16
CA SER I 139 14.73 1.40 -0.56
C SER I 139 14.17 0.44 -1.62
N MET I 140 12.91 0.06 -1.39
CA MET I 140 12.19 -0.85 -2.24
C MET I 140 11.02 -0.10 -2.85
N VAL I 141 10.38 -0.74 -3.82
CA VAL I 141 9.23 -0.15 -4.47
C VAL I 141 8.17 -1.21 -4.66
N THR I 142 6.92 -0.87 -4.41
CA THR I 142 5.86 -1.85 -4.59
C THR I 142 4.78 -1.37 -5.55
N LEU I 143 4.43 -2.25 -6.48
CA LEU I 143 3.41 -1.97 -7.47
C LEU I 143 2.25 -2.93 -7.25
N GLY I 144 1.64 -3.36 -8.34
CA GLY I 144 0.53 -4.26 -8.23
C GLY I 144 -0.62 -3.71 -9.03
N CYS I 145 -1.57 -4.55 -9.39
CA CYS I 145 -2.70 -4.09 -10.14
C CYS I 145 -3.93 -4.77 -9.57
N LEU I 146 -5.11 -4.32 -9.94
CA LEU I 146 -6.29 -4.94 -9.40
C LEU I 146 -7.25 -5.45 -10.46
N VAL I 147 -7.76 -6.65 -10.22
CA VAL I 147 -8.70 -7.31 -11.13
C VAL I 147 -10.09 -7.13 -10.54
N LYS I 148 -10.95 -6.46 -11.31
CA LYS I 148 -12.28 -6.18 -10.80
C LYS I 148 -13.46 -6.66 -11.65
N GLY I 149 -14.57 -6.91 -10.96
CA GLY I 149 -15.83 -7.32 -11.58
C GLY I 149 -15.91 -8.47 -12.58
N TYR I 150 -15.40 -9.64 -12.20
CA TYR I 150 -15.45 -10.80 -13.10
C TYR I 150 -16.22 -11.93 -12.43
N PHE I 151 -16.53 -12.92 -13.26
CA PHE I 151 -17.26 -14.08 -12.78
C PHE I 151 -17.21 -15.18 -13.84
N PRO I 152 -17.04 -16.43 -13.40
CA PRO I 152 -16.93 -16.84 -12.01
C PRO I 152 -15.49 -16.98 -11.58
N GLU I 153 -15.30 -17.58 -10.41
CA GLU I 153 -13.97 -17.85 -9.93
C GLU I 153 -13.48 -18.99 -10.85
N PRO I 154 -12.16 -19.14 -11.04
CA PRO I 154 -11.07 -18.36 -10.46
C PRO I 154 -10.37 -17.54 -11.51
N VAL I 155 -9.33 -16.85 -11.06
CA VAL I 155 -8.49 -16.03 -11.90
C VAL I 155 -7.06 -16.22 -11.43
N THR I 156 -6.15 -16.31 -12.38
CA THR I 156 -4.76 -16.50 -12.05
C THR I 156 -3.99 -15.28 -12.54
N VAL I 157 -3.06 -14.84 -11.71
CA VAL I 157 -2.26 -13.69 -12.08
C VAL I 157 -0.79 -13.95 -11.80
N THR I 158 0.06 -13.45 -12.68
CA THR I 158 1.48 -13.60 -12.51
C THR I 158 2.15 -12.33 -12.98
N TRP I 159 3.37 -12.10 -12.49
CA TRP I 159 4.11 -10.92 -12.89
C TRP I 159 5.26 -11.25 -13.81
N ASN I 160 5.31 -10.52 -14.91
CA ASN I 160 6.34 -10.72 -15.91
C ASN I 160 6.31 -12.17 -16.29
N SER I 161 5.12 -12.64 -16.63
CA SER I 161 4.92 -14.02 -17.02
C SER I 161 5.54 -15.04 -16.08
N GLY I 162 5.45 -14.82 -14.77
CA GLY I 162 6.00 -15.77 -13.83
C GLY I 162 7.44 -15.56 -13.38
N SER I 163 8.21 -14.75 -14.10
CA SER I 163 9.60 -14.48 -13.73
C SER I 163 9.64 -13.97 -12.29
N LEU I 164 8.76 -13.03 -11.99
CA LEU I 164 8.65 -12.48 -10.65
C LEU I 164 7.75 -13.33 -9.80
N SER I 165 8.33 -14.01 -8.81
CA SER I 165 7.54 -14.87 -7.93
C SER I 165 7.77 -14.49 -6.47
N SER I 166 8.95 -13.93 -6.20
CA SER I 166 9.30 -13.52 -4.84
C SER I 166 8.85 -12.08 -4.66
N GLY I 167 8.10 -11.82 -3.58
CA GLY I 167 7.64 -10.48 -3.31
C GLY I 167 6.27 -10.14 -3.88
N VAL I 168 5.59 -11.16 -4.37
CA VAL I 168 4.26 -10.97 -4.93
C VAL I 168 3.27 -11.44 -3.91
N HIS I 169 2.16 -10.73 -3.77
CA HIS I 169 1.12 -11.12 -2.84
C HIS I 169 -0.17 -10.95 -3.59
N THR I 170 -0.87 -12.04 -3.84
CA THR I 170 -2.16 -11.97 -4.53
C THR I 170 -3.21 -12.24 -3.48
N PHE I 171 -4.20 -11.39 -3.43
CA PHE I 171 -5.20 -11.55 -2.40
C PHE I 171 -6.43 -12.30 -2.81
N PRO I 172 -7.00 -13.05 -1.86
CA PRO I 172 -8.20 -13.84 -2.11
C PRO I 172 -9.33 -12.90 -2.56
N ALA I 173 -10.01 -13.30 -3.62
CA ALA I 173 -11.09 -12.50 -4.15
C ALA I 173 -12.24 -12.32 -3.17
N VAL I 174 -13.08 -11.33 -3.47
CA VAL I 174 -14.26 -11.01 -2.68
C VAL I 174 -15.43 -10.91 -3.65
N LEU I 175 -16.58 -11.43 -3.22
CA LEU I 175 -17.75 -11.42 -4.07
C LEU I 175 -18.63 -10.23 -3.83
N GLN I 176 -18.67 -9.33 -4.81
CA GLN I 176 -19.49 -8.13 -4.73
C GLN I 176 -20.70 -8.37 -5.64
N SER I 177 -21.87 -8.49 -5.01
CA SER I 177 -23.09 -8.74 -5.74
C SER I 177 -22.84 -9.45 -7.06
N ASP I 178 -22.54 -10.73 -6.98
CA ASP I 178 -22.30 -11.56 -8.17
C ASP I 178 -21.12 -11.21 -9.04
N LEU I 179 -20.12 -10.53 -8.48
CA LEU I 179 -18.92 -10.19 -9.23
C LEU I 179 -17.72 -10.16 -8.33
N TYR I 180 -16.77 -11.03 -8.63
CA TYR I 180 -15.57 -11.09 -7.82
C TYR I 180 -14.61 -9.99 -8.18
N THR I 181 -13.69 -9.75 -7.28
CA THR I 181 -12.69 -8.73 -7.49
C THR I 181 -11.53 -8.97 -6.52
N LEU I 182 -10.32 -9.02 -7.07
CA LEU I 182 -9.15 -9.24 -6.24
C LEU I 182 -8.01 -8.38 -6.73
N SER I 183 -6.94 -8.35 -5.95
CA SER I 183 -5.79 -7.52 -6.25
C SER I 183 -4.48 -8.22 -5.92
N SER I 184 -3.44 -7.91 -6.68
CA SER I 184 -2.14 -8.50 -6.43
C SER I 184 -1.07 -7.43 -6.45
N SER I 185 -0.13 -7.51 -5.53
CA SER I 185 0.95 -6.54 -5.44
C SER I 185 2.30 -7.17 -5.63
N VAL I 186 3.30 -6.35 -5.93
CA VAL I 186 4.66 -6.84 -6.09
C VAL I 186 5.54 -5.88 -5.31
N THR I 187 6.84 -6.13 -5.31
CA THR I 187 7.76 -5.27 -4.62
C THR I 187 9.13 -5.61 -5.15
N VAL I 188 9.92 -4.57 -5.47
CA VAL I 188 11.26 -4.75 -6.04
C VAL I 188 12.24 -3.62 -5.70
N PRO I 189 13.51 -3.81 -6.09
CA PRO I 189 14.53 -2.80 -5.84
C PRO I 189 14.14 -1.53 -6.60
N SER I 190 14.12 -0.40 -5.89
CA SER I 190 13.75 0.87 -6.49
C SER I 190 14.56 1.07 -7.76
N SER I 191 15.74 0.44 -7.79
CA SER I 191 16.62 0.50 -8.94
C SER I 191 15.91 -0.07 -10.16
N THR I 192 15.63 -1.36 -10.09
CA THR I 192 14.96 -2.15 -11.13
C THR I 192 13.74 -1.53 -11.82
N TRP I 193 13.04 -0.63 -11.14
CA TRP I 193 11.87 -0.02 -11.75
C TRP I 193 11.91 1.50 -11.62
N PRO I 194 11.48 2.22 -12.66
CA PRO I 194 10.97 1.68 -13.91
C PRO I 194 12.08 1.53 -14.92
N SER I 195 13.32 1.49 -14.44
CA SER I 195 14.45 1.32 -15.33
C SER I 195 14.15 0.06 -16.15
N GLU I 196 13.75 -1.01 -15.45
CA GLU I 196 13.40 -2.23 -16.12
C GLU I 196 11.89 -2.22 -16.20
N THR I 197 11.32 -3.19 -16.89
CA THR I 197 9.88 -3.23 -17.04
C THR I 197 9.17 -4.30 -16.24
N VAL I 198 8.01 -3.93 -15.71
CA VAL I 198 7.19 -4.83 -14.92
C VAL I 198 5.77 -4.86 -15.46
N THR I 199 5.18 -6.04 -15.46
CA THR I 199 3.83 -6.17 -15.98
C THR I 199 3.12 -7.40 -15.40
N CYS I 200 1.85 -7.24 -15.04
CA CYS I 200 1.08 -8.35 -14.49
C CYS I 200 0.28 -9.03 -15.59
N ASN I 201 0.30 -10.36 -15.56
CA ASN I 201 -0.41 -11.15 -16.55
C ASN I 201 -1.57 -11.81 -15.83
N VAL I 202 -2.75 -11.29 -16.07
CA VAL I 202 -3.92 -11.84 -15.44
C VAL I 202 -4.69 -12.70 -16.43
N ALA I 203 -5.07 -13.90 -15.99
CA ALA I 203 -5.81 -14.83 -16.82
C ALA I 203 -7.08 -15.31 -16.15
N HIS I 204 -8.16 -15.30 -16.94
CA HIS I 204 -9.49 -15.74 -16.52
C HIS I 204 -9.95 -16.70 -17.59
N PRO I 205 -9.58 -17.98 -17.46
CA PRO I 205 -9.90 -19.05 -18.40
C PRO I 205 -11.41 -19.07 -18.62
N ALA I 206 -12.13 -18.98 -17.51
CA ALA I 206 -13.59 -18.98 -17.51
C ALA I 206 -14.18 -18.15 -18.67
N SER I 207 -13.66 -16.94 -18.88
CA SER I 207 -14.16 -16.08 -19.96
C SER I 207 -13.24 -16.11 -21.17
N SER I 208 -12.30 -17.06 -21.16
CA SER I 208 -11.35 -17.21 -22.26
C SER I 208 -10.68 -15.87 -22.54
N THR I 209 -10.26 -15.20 -21.47
CA THR I 209 -9.61 -13.91 -21.55
C THR I 209 -8.27 -13.92 -20.85
N LYS I 210 -7.35 -13.12 -21.38
CA LYS I 210 -6.03 -12.98 -20.79
C LYS I 210 -5.64 -11.54 -21.02
N VAL I 211 -5.19 -10.89 -19.95
CA VAL I 211 -4.81 -9.50 -20.04
C VAL I 211 -3.45 -9.23 -19.41
N ASP I 212 -2.73 -8.31 -20.04
CA ASP I 212 -1.43 -7.90 -19.54
C ASP I 212 -1.41 -6.39 -19.42
N LYS I 213 -1.10 -5.93 -18.22
CA LYS I 213 -1.01 -4.51 -17.96
C LYS I 213 0.42 -4.20 -17.56
N LYS I 214 1.04 -3.28 -18.26
CA LYS I 214 2.40 -2.91 -17.93
C LYS I 214 2.27 -1.80 -16.91
N ILE I 215 2.90 -1.99 -15.75
CA ILE I 215 2.82 -0.95 -14.75
C ILE I 215 3.84 0.09 -15.15
N VAL I 216 3.33 1.26 -15.48
CA VAL I 216 4.19 2.35 -15.89
C VAL I 216 3.96 3.52 -14.96
N PRO I 217 5.06 4.19 -14.55
CA PRO I 217 5.04 5.35 -13.66
C PRO I 217 3.99 6.33 -14.09
N ARG I 218 3.01 6.55 -13.21
CA ARG I 218 1.93 7.48 -13.51
C ARG I 218 2.47 8.89 -13.53
N ASP I 219 2.20 9.60 -14.63
CA ASP I 219 2.67 10.97 -14.82
C ASP I 219 1.52 11.97 -14.90
N CYS I 220 1.79 13.21 -14.48
CA CYS I 220 0.79 14.27 -14.50
C CYS I 220 1.42 15.56 -15.04
N GLY J 1 17.32 -22.47 5.99
CA GLY J 1 16.78 -23.55 6.84
C GLY J 1 17.18 -23.33 8.29
N VAL J 2 16.45 -23.95 9.21
CA VAL J 2 16.72 -23.83 10.64
C VAL J 2 16.36 -25.15 11.34
N PHE J 3 17.28 -26.12 11.24
CA PHE J 3 17.07 -27.43 11.84
C PHE J 3 17.70 -27.65 13.22
N ASN J 4 16.86 -27.83 14.23
CA ASN J 4 17.35 -28.07 15.59
C ASN J 4 17.85 -29.53 15.72
N TYR J 5 18.63 -29.82 16.74
CA TYR J 5 19.13 -31.17 16.96
C TYR J 5 19.55 -31.33 18.42
N GLU J 6 18.59 -31.39 19.34
CA GLU J 6 18.92 -31.54 20.77
C GLU J 6 19.78 -32.77 21.11
N THR J 7 20.23 -32.83 22.36
CA THR J 7 21.09 -33.91 22.86
C THR J 7 21.06 -33.89 24.38
N GLU J 8 21.55 -34.96 24.98
CA GLU J 8 21.62 -35.07 26.43
C GLU J 8 22.72 -36.01 26.87
N THR J 9 23.08 -35.89 28.14
CA THR J 9 24.13 -36.72 28.70
C THR J 9 24.20 -36.45 30.19
N THR J 10 24.81 -37.38 30.90
CA THR J 10 24.92 -37.28 32.35
C THR J 10 26.35 -37.16 32.82
N SER J 11 26.47 -36.76 34.08
CA SER J 11 27.76 -36.61 34.70
C SER J 11 27.60 -36.68 36.20
N VAL J 12 28.69 -37.07 36.84
CA VAL J 12 28.75 -37.21 38.28
C VAL J 12 28.85 -35.84 38.95
N ILE J 13 29.69 -34.96 38.36
CA ILE J 13 29.94 -33.62 38.85
C ILE J 13 28.66 -32.83 39.06
N PRO J 14 28.46 -32.25 40.25
CA PRO J 14 27.22 -31.48 40.46
C PRO J 14 27.15 -30.35 39.43
N ALA J 15 25.95 -30.10 38.90
CA ALA J 15 25.77 -29.02 37.91
C ALA J 15 26.61 -27.81 38.25
N ALA J 16 26.31 -27.22 39.40
CA ALA J 16 27.01 -26.05 39.90
C ALA J 16 28.45 -26.06 39.41
N ARG J 17 29.26 -26.90 40.04
CA ARG J 17 30.67 -27.02 39.70
C ARG J 17 30.96 -27.28 38.22
N LEU J 18 30.32 -28.31 37.65
CA LEU J 18 30.56 -28.62 36.25
C LEU J 18 30.35 -27.39 35.37
N PHE J 19 29.38 -26.56 35.74
CA PHE J 19 29.09 -25.36 34.96
C PHE J 19 30.29 -24.45 34.96
N LYS J 20 30.69 -24.06 36.16
CA LYS J 20 31.84 -23.19 36.33
C LYS J 20 32.95 -23.78 35.48
N ALA J 21 33.31 -25.00 35.80
CA ALA J 21 34.38 -25.68 35.09
C ALA J 21 34.24 -25.72 33.57
N PHE J 22 33.40 -26.62 33.08
CA PHE J 22 33.18 -26.85 31.65
C PHE J 22 32.82 -25.64 30.78
N ILE J 23 32.04 -24.73 31.35
CA ILE J 23 31.62 -23.56 30.59
C ILE J 23 32.42 -22.31 30.89
N LEU J 24 32.13 -21.72 32.05
CA LEU J 24 32.80 -20.50 32.48
C LEU J 24 34.29 -20.48 32.21
N ASP J 25 35.06 -21.39 32.80
CA ASP J 25 36.50 -21.37 32.57
C ASP J 25 36.96 -22.37 31.52
N GLY J 26 36.00 -23.15 31.04
CA GLY J 26 36.30 -24.16 30.07
C GLY J 26 37.20 -23.80 28.90
N ASP J 27 36.98 -22.62 28.34
CA ASP J 27 37.75 -22.23 27.17
C ASP J 27 39.26 -22.04 27.31
N ASN J 28 39.82 -22.40 28.46
CA ASN J 28 41.26 -22.29 28.68
C ASN J 28 41.71 -23.62 29.29
N LEU J 29 40.70 -24.36 29.72
CA LEU J 29 40.86 -25.66 30.34
C LEU J 29 40.98 -26.69 29.23
N PHE J 30 40.24 -26.48 28.14
CA PHE J 30 40.26 -27.40 27.03
C PHE J 30 41.62 -27.65 26.40
N PRO J 31 42.39 -26.61 26.09
CA PRO J 31 43.69 -26.95 25.47
C PRO J 31 44.56 -27.71 26.46
N LYS J 32 44.20 -27.62 27.73
CA LYS J 32 44.95 -28.30 28.78
C LYS J 32 44.58 -29.78 28.79
N VAL J 33 43.32 -30.07 29.05
CA VAL J 33 42.82 -31.45 29.11
C VAL J 33 42.54 -32.16 27.78
N ALA J 34 42.17 -31.44 26.73
CA ALA J 34 41.86 -32.10 25.46
C ALA J 34 42.67 -31.64 24.25
N PRO J 35 44.00 -31.54 24.40
CA PRO J 35 45.03 -31.12 23.44
C PRO J 35 44.89 -31.55 21.98
N GLN J 36 44.26 -32.69 21.76
CA GLN J 36 44.11 -33.20 20.39
C GLN J 36 42.86 -32.65 19.70
N ALA J 37 41.99 -32.03 20.48
CA ALA J 37 40.75 -31.45 19.96
C ALA J 37 40.93 -29.95 19.75
N ILE J 38 41.23 -29.28 20.86
CA ILE J 38 41.42 -27.83 20.89
C ILE J 38 42.86 -27.47 21.16
N SER J 39 43.45 -26.76 20.20
CA SER J 39 44.82 -26.30 20.30
C SER J 39 44.89 -25.12 21.29
N SER J 40 44.19 -24.03 20.94
CA SER J 40 44.17 -22.81 21.76
C SER J 40 42.93 -21.97 21.48
N VAL J 41 42.50 -21.21 22.48
CA VAL J 41 41.33 -20.33 22.36
C VAL J 41 41.73 -18.89 22.68
N GLU J 42 41.30 -17.92 21.88
CA GLU J 42 41.63 -16.52 22.17
C GLU J 42 40.46 -15.55 21.96
N ASN J 43 40.39 -14.51 22.78
CA ASN J 43 39.33 -13.51 22.70
C ASN J 43 39.56 -12.40 21.66
N ILE J 44 39.15 -12.68 20.43
CA ILE J 44 39.26 -11.75 19.30
C ILE J 44 38.70 -10.35 19.63
N GLU J 45 37.63 -10.29 20.40
CA GLU J 45 37.01 -9.03 20.85
C GLU J 45 36.29 -9.27 22.17
N GLY J 46 36.47 -8.38 23.14
CA GLY J 46 35.78 -8.57 24.40
C GLY J 46 36.69 -9.18 25.43
N ASN J 47 36.28 -9.07 26.69
CA ASN J 47 37.07 -9.58 27.77
C ASN J 47 36.56 -10.91 28.33
N GLY J 48 35.85 -11.68 27.52
CA GLY J 48 35.37 -12.96 28.01
C GLY J 48 33.98 -13.01 28.62
N GLY J 49 33.36 -11.87 28.86
CA GLY J 49 32.00 -11.90 29.40
C GLY J 49 31.03 -11.99 28.24
N PRO J 50 29.73 -11.80 28.49
CA PRO J 50 28.71 -11.86 27.42
C PRO J 50 29.13 -11.06 26.19
N GLY J 51 28.87 -11.61 25.01
CA GLY J 51 29.22 -10.92 23.80
C GLY J 51 30.60 -11.26 23.30
N THR J 52 31.50 -11.65 24.19
CA THR J 52 32.87 -11.97 23.76
C THR J 52 32.96 -12.84 22.50
N ILE J 53 33.87 -12.50 21.58
CA ILE J 53 34.09 -13.27 20.35
C ILE J 53 35.43 -14.04 20.47
N LYS J 54 35.34 -15.37 20.42
CA LYS J 54 36.51 -16.25 20.55
C LYS J 54 36.93 -16.95 19.27
N LYS J 55 38.25 -17.07 19.07
CA LYS J 55 38.80 -17.76 17.93
C LYS J 55 39.39 -19.04 18.51
N ILE J 56 38.71 -20.17 18.26
CA ILE J 56 39.14 -21.48 18.73
C ILE J 56 39.99 -22.15 17.67
N SER J 57 41.23 -22.46 18.02
CA SER J 57 42.17 -23.09 17.10
C SER J 57 42.30 -24.60 17.32
N PHE J 58 42.50 -25.30 16.20
CA PHE J 58 42.61 -26.77 16.21
C PHE J 58 44.00 -27.29 15.86
N PRO J 59 44.39 -28.42 16.48
CA PRO J 59 45.70 -29.04 16.23
C PRO J 59 45.80 -29.40 14.75
N GLU J 60 46.94 -29.08 14.15
CA GLU J 60 47.16 -29.36 12.74
C GLU J 60 46.85 -30.83 12.47
N GLY J 61 45.99 -31.05 11.48
CA GLY J 61 45.60 -32.41 11.14
C GLY J 61 44.09 -32.58 11.09
N LEU J 62 43.40 -32.07 12.11
CA LEU J 62 41.94 -32.17 12.16
C LEU J 62 41.32 -31.56 10.89
N PRO J 63 40.00 -31.69 10.72
CA PRO J 63 39.35 -31.12 9.53
C PRO J 63 39.50 -29.62 9.34
N PHE J 64 39.22 -28.86 10.41
CA PHE J 64 39.30 -27.41 10.37
C PHE J 64 40.47 -26.85 11.17
N LYS J 65 40.91 -25.66 10.75
CA LYS J 65 42.00 -24.99 11.44
C LYS J 65 41.49 -24.19 12.64
N TYR J 66 40.43 -23.40 12.44
CA TYR J 66 39.86 -22.57 13.50
C TYR J 66 38.35 -22.42 13.35
N VAL J 67 37.75 -21.72 14.31
CA VAL J 67 36.33 -21.45 14.31
C VAL J 67 36.05 -20.34 15.31
N LYS J 68 35.15 -19.42 14.97
CA LYS J 68 34.83 -18.32 15.88
C LYS J 68 33.41 -18.42 16.39
N ASP J 69 33.26 -18.49 17.71
CA ASP J 69 31.96 -18.56 18.33
C ASP J 69 31.72 -17.20 18.98
N ARG J 70 30.53 -16.98 19.50
CA ARG J 70 30.22 -15.72 20.11
C ARG J 70 29.31 -15.89 21.31
N VAL J 71 29.85 -15.65 22.50
CA VAL J 71 29.05 -15.79 23.70
C VAL J 71 27.84 -14.94 23.49
N ASP J 72 26.65 -15.50 23.65
CA ASP J 72 25.43 -14.73 23.45
C ASP J 72 24.68 -14.39 24.70
N GLU J 73 24.63 -15.33 25.62
CA GLU J 73 23.94 -15.08 26.85
C GLU J 73 24.51 -16.03 27.87
N VAL J 74 24.55 -15.61 29.13
CA VAL J 74 25.09 -16.44 30.18
C VAL J 74 24.32 -16.32 31.48
N ASP J 75 23.39 -17.24 31.73
CA ASP J 75 22.66 -17.18 32.99
C ASP J 75 23.50 -17.88 34.01
N HIS J 76 23.90 -17.15 35.03
CA HIS J 76 24.74 -17.73 36.05
C HIS J 76 23.99 -18.62 37.02
N THR J 77 22.89 -18.12 37.57
CA THR J 77 22.13 -18.91 38.52
C THR J 77 21.59 -20.24 37.95
N ASN J 78 21.07 -20.21 36.73
CA ASN J 78 20.51 -21.41 36.12
C ASN J 78 21.44 -22.24 35.25
N PHE J 79 22.71 -21.85 35.19
CA PHE J 79 23.67 -22.59 34.38
C PHE J 79 23.29 -22.73 32.92
N LYS J 80 22.61 -21.73 32.37
CA LYS J 80 22.24 -21.76 30.96
C LYS J 80 23.27 -20.91 30.23
N TYR J 81 23.73 -21.38 29.08
CA TYR J 81 24.75 -20.66 28.35
C TYR J 81 24.55 -20.83 26.86
N ASN J 82 24.39 -19.72 26.15
CA ASN J 82 24.17 -19.77 24.71
C ASN J 82 25.31 -19.14 23.99
N TYR J 83 25.56 -19.58 22.77
CA TYR J 83 26.61 -19.01 21.96
C TYR J 83 26.39 -19.39 20.50
N SER J 84 27.16 -18.82 19.59
CA SER J 84 26.96 -19.08 18.17
C SER J 84 28.23 -19.27 17.36
N VAL J 85 28.26 -20.31 16.56
CA VAL J 85 29.42 -20.51 15.71
C VAL J 85 29.15 -19.54 14.58
N ILE J 86 30.13 -18.74 14.19
CA ILE J 86 29.85 -17.75 13.16
C ILE J 86 30.87 -17.62 12.05
N GLU J 87 32.02 -18.25 12.18
CA GLU J 87 32.99 -18.14 11.12
C GLU J 87 33.96 -19.31 11.18
N GLY J 88 34.42 -19.73 10.00
CA GLY J 88 35.36 -20.83 9.90
C GLY J 88 34.79 -22.18 10.30
N GLY J 89 35.27 -23.24 9.67
CA GLY J 89 34.80 -24.59 10.00
C GLY J 89 33.52 -24.97 9.27
N PRO J 90 32.53 -25.51 10.00
CA PRO J 90 31.25 -25.93 9.42
C PRO J 90 30.55 -24.78 8.71
N ILE J 91 30.94 -23.56 9.06
CA ILE J 91 30.34 -22.38 8.46
C ILE J 91 30.81 -22.15 7.03
N GLY J 92 29.86 -21.80 6.16
CA GLY J 92 30.19 -21.55 4.76
C GLY J 92 29.25 -22.24 3.79
N ASP J 93 28.87 -21.51 2.74
CA ASP J 93 27.99 -22.02 1.69
C ASP J 93 26.67 -22.56 2.24
N THR J 94 26.66 -23.85 2.51
CA THR J 94 25.50 -24.54 3.04
C THR J 94 25.06 -24.03 4.42
N LEU J 95 26.03 -23.76 5.28
CA LEU J 95 25.76 -23.28 6.63
C LEU J 95 26.08 -21.80 6.82
N GLU J 96 25.15 -21.09 7.49
CA GLU J 96 25.32 -19.66 7.78
C GLU J 96 25.95 -19.50 9.17
N LYS J 97 25.23 -19.95 10.19
CA LYS J 97 25.71 -19.88 11.56
C LYS J 97 24.98 -20.92 12.39
N ILE J 98 25.63 -21.40 13.46
CA ILE J 98 25.01 -22.38 14.34
C ILE J 98 24.78 -21.79 15.72
N SER J 99 23.53 -21.77 16.15
CA SER J 99 23.23 -21.26 17.46
C SER J 99 23.27 -22.47 18.34
N ASN J 100 23.72 -22.30 19.58
CA ASN J 100 23.80 -23.40 20.50
C ASN J 100 23.37 -22.97 21.86
N GLU J 101 22.86 -23.92 22.61
CA GLU J 101 22.44 -23.64 23.97
C GLU J 101 22.76 -24.83 24.84
N ILE J 102 23.43 -24.58 25.95
CA ILE J 102 23.79 -25.64 26.87
C ILE J 102 23.24 -25.32 28.24
N LYS J 103 22.43 -26.21 28.75
CA LYS J 103 21.83 -26.01 30.05
C LYS J 103 22.27 -27.19 30.92
N ILE J 104 22.62 -26.91 32.18
CA ILE J 104 23.05 -27.96 33.09
C ILE J 104 22.15 -28.03 34.31
N VAL J 105 21.53 -29.20 34.48
CA VAL J 105 20.59 -29.49 35.57
C VAL J 105 21.11 -30.49 36.60
N ALA J 106 20.95 -30.13 37.87
CA ALA J 106 21.42 -30.98 38.96
C ALA J 106 20.42 -32.08 39.32
N THR J 107 20.80 -33.33 39.06
CA THR J 107 19.97 -34.48 39.36
C THR J 107 20.02 -34.73 40.89
N PRO J 108 18.94 -35.28 41.46
CA PRO J 108 18.80 -35.58 42.89
C PRO J 108 19.94 -36.38 43.51
N ASP J 109 20.55 -37.24 42.72
CA ASP J 109 21.66 -38.08 43.18
C ASP J 109 22.97 -37.30 43.31
N GLY J 110 22.93 -35.99 43.05
CA GLY J 110 24.13 -35.18 43.15
C GLY J 110 24.77 -34.87 41.80
N GLY J 111 24.73 -35.84 40.87
CA GLY J 111 25.30 -35.65 39.55
C GLY J 111 24.63 -34.57 38.73
N SER J 112 24.56 -34.76 37.42
CA SER J 112 23.96 -33.74 36.58
C SER J 112 23.71 -34.18 35.12
N ILE J 113 22.98 -33.33 34.40
CA ILE J 113 22.63 -33.57 32.99
C ILE J 113 22.86 -32.33 32.13
N LEU J 114 23.38 -32.56 30.93
CA LEU J 114 23.66 -31.48 29.99
C LEU J 114 22.81 -31.53 28.75
N LYS J 115 21.78 -30.69 28.68
CA LYS J 115 20.94 -30.64 27.49
C LYS J 115 21.70 -29.78 26.45
N ILE J 116 21.50 -30.01 25.16
CA ILE J 116 22.26 -29.26 24.13
C ILE J 116 21.59 -29.04 22.75
N SER J 117 21.12 -27.82 22.48
CA SER J 117 20.48 -27.53 21.18
C SER J 117 21.51 -27.26 20.10
N ASN J 118 21.06 -27.15 18.86
CA ASN J 118 21.98 -26.92 17.75
C ASN J 118 21.30 -26.42 16.47
N LYS J 119 20.57 -25.31 16.55
CA LYS J 119 19.90 -24.80 15.36
C LYS J 119 20.94 -24.46 14.30
N TYR J 120 20.92 -25.21 13.20
CA TYR J 120 21.85 -24.95 12.11
C TYR J 120 21.14 -24.07 11.08
N HIS J 121 21.45 -22.78 11.09
CA HIS J 121 20.86 -21.86 10.12
C HIS J 121 21.53 -22.16 8.78
N THR J 122 20.77 -22.79 7.89
CA THR J 122 21.27 -23.16 6.58
C THR J 122 20.84 -22.17 5.53
N LYS J 123 21.56 -22.18 4.42
CA LYS J 123 21.26 -21.29 3.32
C LYS J 123 19.99 -21.72 2.59
N GLY J 124 18.95 -20.89 2.72
CA GLY J 124 17.67 -21.17 2.09
C GLY J 124 17.09 -22.46 2.63
N ASP J 125 17.58 -23.58 2.11
CA ASP J 125 17.10 -24.86 2.57
C ASP J 125 17.98 -26.06 2.25
N HIS J 126 19.29 -25.86 2.03
CA HIS J 126 20.15 -27.01 1.78
C HIS J 126 20.08 -27.81 3.08
N GLU J 127 20.54 -29.06 3.07
CA GLU J 127 20.47 -29.91 4.26
C GLU J 127 21.72 -29.98 5.16
N VAL J 128 21.47 -30.44 6.39
CA VAL J 128 22.49 -30.63 7.41
C VAL J 128 23.16 -31.98 7.20
N LYS J 129 24.32 -31.98 6.55
CA LYS J 129 25.02 -33.23 6.32
C LYS J 129 25.22 -33.96 7.65
N ALA J 130 24.55 -35.11 7.81
CA ALA J 130 24.65 -35.92 9.03
C ALA J 130 26.09 -35.96 9.53
N GLU J 131 27.00 -35.61 8.63
CA GLU J 131 28.42 -35.55 8.93
C GLU J 131 28.62 -34.72 10.16
N GLN J 132 28.24 -33.46 10.05
CA GLN J 132 28.36 -32.51 11.13
C GLN J 132 27.65 -32.95 12.39
N VAL J 133 26.34 -33.16 12.31
CA VAL J 133 25.59 -33.55 13.49
C VAL J 133 26.32 -34.64 14.25
N LYS J 134 27.15 -35.39 13.52
CA LYS J 134 27.94 -36.49 14.06
C LYS J 134 29.13 -35.96 14.88
N ALA J 135 30.00 -35.20 14.22
CA ALA J 135 31.18 -34.62 14.87
C ALA J 135 30.80 -33.78 16.08
N SER J 136 29.87 -32.83 15.88
CA SER J 136 29.42 -31.95 16.95
C SER J 136 29.11 -32.72 18.22
N LYS J 137 28.62 -33.95 18.05
CA LYS J 137 28.26 -34.81 19.17
C LYS J 137 29.47 -35.42 19.86
N GLU J 138 30.46 -35.83 19.06
CA GLU J 138 31.69 -36.44 19.55
C GLU J 138 32.63 -35.38 20.08
N MET J 139 32.73 -34.28 19.34
CA MET J 139 33.56 -33.14 19.73
C MET J 139 33.17 -32.83 21.17
N GLY J 140 31.95 -32.33 21.35
CA GLY J 140 31.49 -32.00 22.69
C GLY J 140 31.46 -33.19 23.63
N GLU J 141 31.46 -34.38 23.06
CA GLU J 141 31.43 -35.58 23.89
C GLU J 141 32.74 -35.75 24.65
N THR J 142 33.82 -35.93 23.89
CA THR J 142 35.12 -36.11 24.49
C THR J 142 35.38 -35.02 25.52
N LEU J 143 35.16 -33.76 25.11
CA LEU J 143 35.37 -32.60 25.98
C LEU J 143 34.72 -32.76 27.33
N LEU J 144 33.40 -33.01 27.36
CA LEU J 144 32.76 -33.19 28.65
C LEU J 144 33.50 -34.27 29.40
N ARG J 145 33.92 -35.31 28.68
CA ARG J 145 34.64 -36.40 29.31
C ARG J 145 35.99 -35.93 29.88
N ALA J 146 36.85 -35.38 29.02
CA ALA J 146 38.16 -34.88 29.44
C ALA J 146 38.08 -34.00 30.69
N VAL J 147 37.00 -33.25 30.82
CA VAL J 147 36.83 -32.39 31.99
C VAL J 147 36.35 -33.19 33.19
N GLU J 148 35.45 -34.14 32.98
CA GLU J 148 34.95 -34.96 34.08
C GLU J 148 36.12 -35.61 34.79
N SER J 149 36.98 -36.24 33.99
CA SER J 149 38.17 -36.89 34.52
C SER J 149 38.98 -35.90 35.34
N TYR J 150 39.50 -34.88 34.66
CA TYR J 150 40.30 -33.84 35.32
C TYR J 150 39.62 -33.39 36.60
N LEU J 151 38.37 -32.95 36.47
CA LEU J 151 37.63 -32.49 37.63
C LEU J 151 37.70 -33.49 38.77
N LEU J 152 37.64 -34.77 38.43
CA LEU J 152 37.68 -35.83 39.41
C LEU J 152 39.03 -35.95 40.10
N ALA J 153 40.08 -36.05 39.29
CA ALA J 153 41.44 -36.16 39.76
C ALA J 153 41.90 -34.96 40.59
N HIS J 154 41.24 -33.81 40.42
CA HIS J 154 41.62 -32.61 41.15
C HIS J 154 40.47 -32.05 41.96
N SER J 155 39.98 -32.89 42.85
CA SER J 155 38.86 -32.61 43.75
C SER J 155 38.76 -31.22 44.42
N ASP J 156 39.89 -30.52 44.59
CA ASP J 156 39.89 -29.20 45.24
C ASP J 156 39.64 -28.04 44.27
N ALA J 157 39.67 -28.38 42.98
CA ALA J 157 39.46 -27.42 41.90
C ALA J 157 38.03 -26.88 41.85
N TYR J 158 37.86 -25.85 41.03
CA TYR J 158 36.57 -25.19 40.79
C TYR J 158 35.59 -25.30 41.94
N ASN J 159 36.02 -24.83 43.11
CA ASN J 159 35.21 -24.87 44.32
C ASN J 159 35.43 -26.21 45.03
N ASN K 1 21.53 -5.89 36.37
CA ASN K 1 21.93 -4.46 36.44
C ASN K 1 22.83 -4.16 37.65
N ILE K 2 24.14 -4.08 37.42
CA ILE K 2 25.09 -3.81 38.49
C ILE K 2 25.36 -2.31 38.68
N VAL K 3 25.99 -1.95 39.80
CA VAL K 3 26.32 -0.55 40.06
C VAL K 3 27.75 -0.38 40.50
N LEU K 4 28.54 0.30 39.67
CA LEU K 4 29.95 0.55 39.96
C LEU K 4 30.05 1.86 40.70
N THR K 5 30.55 1.81 41.93
CA THR K 5 30.67 3.03 42.72
C THR K 5 32.10 3.53 42.88
N GLN K 6 32.33 4.75 42.42
CA GLN K 6 33.64 5.38 42.46
C GLN K 6 33.74 6.42 43.57
N SER K 7 34.89 6.42 44.24
CA SER K 7 35.15 7.37 45.32
C SER K 7 36.62 7.65 45.50
N PRO K 8 36.96 8.91 45.85
CA PRO K 8 36.04 10.04 46.06
C PRO K 8 35.50 10.64 44.76
N LYS K 9 34.67 11.65 44.87
CA LYS K 9 34.15 12.25 43.67
C LYS K 9 35.31 12.91 42.92
N SER K 10 36.34 13.33 43.66
CA SER K 10 37.52 13.98 43.06
C SER K 10 38.76 13.90 43.95
N MET K 11 39.92 14.02 43.34
CA MET K 11 41.19 13.95 44.06
C MET K 11 42.13 15.05 43.62
N SER K 12 42.85 15.61 44.58
CA SER K 12 43.82 16.67 44.30
C SER K 12 45.17 16.30 44.88
N VAL K 13 46.15 16.15 44.00
CA VAL K 13 47.48 15.78 44.42
C VAL K 13 48.49 16.54 43.59
N SER K 14 49.72 16.56 44.04
CA SER K 14 50.76 17.30 43.35
C SER K 14 51.50 16.44 42.40
N VAL K 15 51.98 17.04 41.33
CA VAL K 15 52.70 16.28 40.33
C VAL K 15 53.98 15.63 40.87
N GLY K 16 53.95 14.29 40.87
CA GLY K 16 55.05 13.47 41.35
C GLY K 16 54.45 12.50 42.35
N GLU K 17 53.37 12.97 43.00
CA GLU K 17 52.65 12.22 44.01
C GLU K 17 52.14 10.86 43.55
N ARG K 18 51.58 10.11 44.50
CA ARG K 18 51.02 8.81 44.19
C ARG K 18 49.55 8.85 44.52
N VAL K 19 48.75 8.19 43.69
CA VAL K 19 47.32 8.19 43.90
C VAL K 19 46.73 6.84 43.58
N THR K 20 45.58 6.58 44.20
CA THR K 20 44.84 5.37 43.99
C THR K 20 43.36 5.66 44.00
N LEU K 21 42.71 5.26 42.91
CA LEU K 21 41.27 5.44 42.72
C LEU K 21 40.58 4.12 43.05
N SER K 22 39.32 4.20 43.46
CA SER K 22 38.56 3.02 43.81
C SER K 22 37.26 2.86 43.04
N CYS K 23 36.94 1.60 42.75
CA CYS K 23 35.69 1.25 42.07
C CYS K 23 35.15 0.06 42.83
N LYS K 24 33.92 0.19 43.33
CA LYS K 24 33.27 -0.88 44.09
C LYS K 24 31.92 -1.22 43.46
N ALA K 25 31.76 -2.50 43.10
CA ALA K 25 30.53 -2.97 42.46
C ALA K 25 29.56 -3.56 43.47
N SER K 26 28.27 -3.53 43.12
CA SER K 26 27.22 -4.05 43.99
C SER K 26 27.18 -5.58 44.04
N GLU K 27 28.06 -6.24 43.31
CA GLU K 27 28.11 -7.70 43.29
C GLU K 27 29.46 -8.15 42.83
N ASN K 28 29.60 -9.45 42.62
CA ASN K 28 30.86 -9.96 42.14
C ASN K 28 30.79 -9.78 40.64
N VAL K 29 31.92 -9.40 40.05
CA VAL K 29 31.99 -9.20 38.61
C VAL K 29 33.26 -9.91 38.18
N ASP K 30 33.87 -10.57 39.14
CA ASP K 30 35.07 -11.34 38.86
C ASP K 30 36.21 -10.50 38.36
N THR K 31 36.41 -10.46 37.06
CA THR K 31 37.50 -9.66 36.51
C THR K 31 37.10 -8.87 35.27
N TYR K 32 35.79 -8.81 35.06
CA TYR K 32 35.23 -8.12 33.91
C TYR K 32 35.12 -6.63 34.16
N VAL K 33 36.23 -6.07 34.64
CA VAL K 33 36.30 -4.66 34.93
C VAL K 33 37.43 -4.04 34.12
N PHE K 34 37.30 -2.75 33.84
CA PHE K 34 38.28 -2.02 33.04
C PHE K 34 38.18 -0.52 33.31
N TRP K 35 39.28 0.19 33.05
CA TRP K 35 39.35 1.62 33.30
C TRP K 35 39.55 2.51 32.10
N PHE K 36 38.92 3.67 32.16
CA PHE K 36 39.02 4.68 31.11
C PHE K 36 39.62 5.96 31.64
N GLN K 37 40.37 6.66 30.78
CA GLN K 37 40.97 7.94 31.15
C GLN K 37 40.43 8.97 30.17
N GLN K 38 39.55 9.85 30.63
CA GLN K 38 39.00 10.86 29.74
C GLN K 38 39.47 12.28 30.07
N LYS K 39 40.37 12.80 29.24
CA LYS K 39 40.92 14.15 29.40
C LYS K 39 39.87 15.14 28.93
N PRO K 40 40.04 16.43 29.25
CA PRO K 40 39.06 17.45 28.82
C PRO K 40 38.99 17.57 27.30
N ASP K 41 37.77 17.50 26.77
CA ASP K 41 37.49 17.57 25.33
C ASP K 41 38.07 16.42 24.54
N GLN K 42 37.83 15.20 25.01
CA GLN K 42 38.33 13.99 24.35
C GLN K 42 37.43 12.82 24.65
N SER K 43 37.25 11.94 23.68
CA SER K 43 36.43 10.76 23.92
C SER K 43 37.21 9.93 24.94
N PRO K 44 36.51 9.09 25.74
CA PRO K 44 37.27 8.28 26.70
C PRO K 44 38.34 7.46 26.00
N LYS K 45 39.35 7.05 26.75
CA LYS K 45 40.42 6.23 26.21
C LYS K 45 40.54 5.03 27.14
N LEU K 46 40.77 3.87 26.53
CA LEU K 46 40.90 2.66 27.31
C LEU K 46 42.24 2.68 28.03
N LEU K 47 42.17 2.76 29.34
CA LEU K 47 43.37 2.82 30.16
C LEU K 47 43.80 1.42 30.57
N LEU K 48 43.05 0.85 31.49
CA LEU K 48 43.30 -0.49 31.98
C LEU K 48 42.16 -1.39 31.49
N TYR K 49 42.47 -2.28 30.54
CA TYR K 49 41.48 -3.21 30.01
C TYR K 49 41.61 -4.38 30.98
N GLY K 50 40.53 -4.80 31.64
CA GLY K 50 40.69 -5.86 32.63
C GLY K 50 41.55 -5.30 33.78
N PRO K 51 41.19 -5.52 35.07
CA PRO K 51 42.02 -4.97 36.15
C PRO K 51 43.51 -5.26 35.99
N SER K 52 44.35 -4.43 36.59
CA SER K 52 45.79 -4.61 36.52
C SER K 52 46.38 -4.93 35.15
N ASN K 53 45.85 -4.33 34.08
CA ASN K 53 46.38 -4.59 32.74
C ASN K 53 46.44 -3.37 31.83
N ARG K 54 47.63 -2.83 31.64
CA ARG K 54 47.77 -1.64 30.81
C ARG K 54 47.52 -1.88 29.34
N TYR K 55 46.52 -1.18 28.80
CA TYR K 55 46.21 -1.31 27.38
C TYR K 55 47.35 -0.72 26.56
N THR K 56 47.39 -1.04 25.28
CA THR K 56 48.43 -0.54 24.40
C THR K 56 48.69 0.94 24.63
N GLY K 57 49.96 1.27 24.91
CA GLY K 57 50.33 2.66 25.15
C GLY K 57 50.60 2.94 26.61
N VAL K 58 49.52 3.15 27.37
CA VAL K 58 49.57 3.43 28.80
C VAL K 58 50.92 3.18 29.49
N PRO K 59 51.53 4.24 30.05
CA PRO K 59 52.82 4.18 30.75
C PRO K 59 52.74 3.40 32.07
N ASP K 60 53.84 2.73 32.41
CA ASP K 60 53.91 1.90 33.61
C ASP K 60 53.62 2.61 34.92
N ARG K 61 53.29 3.89 34.84
CA ARG K 61 52.97 4.67 36.02
C ARG K 61 51.58 4.25 36.46
N PHE K 62 50.88 3.62 35.51
CA PHE K 62 49.52 3.14 35.69
C PHE K 62 49.46 1.63 36.02
N THR K 63 48.62 1.29 36.99
CA THR K 63 48.48 -0.11 37.38
C THR K 63 47.18 -0.22 38.16
N GLY K 64 46.72 -1.45 38.36
CA GLY K 64 45.48 -1.62 39.08
C GLY K 64 45.34 -3.02 39.62
N SER K 65 44.22 -3.28 40.29
CA SER K 65 44.00 -4.61 40.84
C SER K 65 42.62 -4.80 41.49
N GLY K 66 42.32 -6.07 41.71
CA GLY K 66 41.07 -6.43 42.33
C GLY K 66 40.39 -7.55 41.59
N SER K 67 39.25 -7.92 42.12
CA SER K 67 38.42 -8.96 41.57
C SER K 67 37.28 -9.05 42.57
N THR K 68 36.27 -9.83 42.25
CA THR K 68 35.15 -9.98 43.15
C THR K 68 34.32 -8.70 43.19
N THR K 69 34.69 -7.77 44.06
CA THR K 69 33.90 -6.57 44.18
C THR K 69 34.64 -5.24 44.32
N ASP K 70 35.90 -5.27 44.78
CA ASP K 70 36.65 -4.02 44.96
C ASP K 70 37.87 -3.93 44.04
N PHE K 71 37.99 -2.80 43.32
CA PHE K 71 39.10 -2.59 42.38
C PHE K 71 39.73 -1.21 42.53
N THR K 72 40.96 -1.08 42.04
CA THR K 72 41.68 0.18 42.14
C THR K 72 42.69 0.47 41.05
N LEU K 73 42.69 1.74 40.63
CA LEU K 73 43.63 2.22 39.64
C LEU K 73 44.62 3.03 40.44
N THR K 74 45.90 2.89 40.16
CA THR K 74 46.88 3.66 40.90
C THR K 74 47.98 4.23 40.01
N ILE K 75 48.31 5.48 40.27
CA ILE K 75 49.38 6.10 39.53
C ILE K 75 50.46 6.31 40.56
N SER K 76 51.62 5.74 40.27
CA SER K 76 52.78 5.82 41.15
C SER K 76 53.11 7.27 41.42
N SER K 77 53.40 8.01 40.34
CA SER K 77 53.74 9.43 40.44
C SER K 77 53.04 10.27 39.34
N VAL K 78 51.87 10.80 39.69
CA VAL K 78 51.04 11.62 38.81
C VAL K 78 51.83 12.66 38.00
N GLN K 79 51.41 12.92 36.76
CA GLN K 79 52.07 13.92 35.93
C GLN K 79 51.07 15.01 35.68
N ALA K 80 51.48 16.07 34.99
CA ALA K 80 50.54 17.15 34.72
C ALA K 80 49.54 16.75 33.63
N GLU K 81 49.88 15.72 32.85
CA GLU K 81 49.06 15.22 31.76
C GLU K 81 47.93 14.39 32.31
N ASP K 82 48.29 13.50 33.23
CA ASP K 82 47.38 12.58 33.87
C ASP K 82 46.17 13.25 34.48
N LEU K 83 46.09 14.55 34.27
CA LEU K 83 44.95 15.30 34.74
C LEU K 83 43.81 14.79 33.86
N ALA K 84 42.79 14.18 34.47
CA ALA K 84 41.68 13.66 33.69
C ALA K 84 40.54 13.18 34.56
N ASP K 85 39.51 12.66 33.90
CA ASP K 85 38.40 12.08 34.62
C ASP K 85 38.55 10.59 34.35
N TYR K 86 38.71 9.83 35.43
CA TYR K 86 38.93 8.39 35.33
C TYR K 86 37.65 7.57 35.55
N HIS K 87 37.42 6.63 34.63
CA HIS K 87 36.20 5.81 34.65
C HIS K 87 36.29 4.30 34.85
N CYS K 88 35.15 3.76 35.27
CA CYS K 88 34.98 2.34 35.51
C CYS K 88 33.85 1.67 34.76
N GLY K 89 34.13 0.45 34.29
CA GLY K 89 33.13 -0.30 33.57
C GLY K 89 33.25 -1.79 33.78
N GLN K 90 32.10 -2.46 33.77
CA GLN K 90 32.03 -3.91 33.93
C GLN K 90 31.23 -4.48 32.78
N SER K 91 31.56 -5.71 32.41
CA SER K 91 30.86 -6.39 31.34
C SER K 91 30.64 -7.81 31.81
N TYR K 92 30.33 -7.91 33.10
CA TYR K 92 30.06 -9.18 33.72
C TYR K 92 28.64 -9.50 33.30
N SER K 93 27.70 -8.65 33.70
CA SER K 93 26.30 -8.86 33.34
C SER K 93 25.91 -7.81 32.30
N TYR K 94 24.83 -8.03 31.56
CA TYR K 94 24.33 -6.99 30.64
C TYR K 94 23.29 -6.44 31.64
N PRO K 95 23.05 -5.14 31.67
CA PRO K 95 23.67 -4.11 30.88
C PRO K 95 25.01 -3.78 31.48
N TYR K 96 25.91 -3.48 30.57
CA TYR K 96 27.21 -3.04 30.97
C TYR K 96 26.94 -1.72 31.67
N THR K 97 27.63 -1.48 32.76
CA THR K 97 27.43 -0.23 33.48
C THR K 97 28.78 0.43 33.77
N PHE K 98 28.74 1.70 34.19
CA PHE K 98 29.97 2.42 34.49
C PHE K 98 30.02 3.09 35.87
N GLY K 99 31.23 3.39 36.33
CA GLY K 99 31.38 4.09 37.59
C GLY K 99 31.02 5.55 37.30
N GLY K 100 30.66 6.30 38.33
CA GLY K 100 30.31 7.69 38.10
C GLY K 100 31.48 8.55 37.63
N GLY K 101 32.70 8.03 37.78
CA GLY K 101 33.88 8.79 37.39
C GLY K 101 34.43 9.49 38.62
N THR K 102 35.74 9.71 38.62
CA THR K 102 36.40 10.40 39.73
C THR K 102 37.49 11.29 39.11
N LYS K 103 37.26 12.60 39.19
CA LYS K 103 38.15 13.58 38.59
C LYS K 103 39.47 13.80 39.31
N LEU K 104 40.57 13.63 38.57
CA LEU K 104 41.90 13.83 39.12
C LEU K 104 42.34 15.28 38.87
N GLU K 105 42.64 16.02 39.94
CA GLU K 105 43.06 17.42 39.84
C GLU K 105 44.42 17.69 40.45
N ILE K 106 45.33 18.29 39.68
CA ILE K 106 46.68 18.59 40.16
C ILE K 106 46.81 19.88 40.99
N LYS K 107 47.62 19.80 42.05
CA LYS K 107 47.87 20.94 42.93
C LYS K 107 49.29 21.45 42.63
N ARG K 108 49.44 22.79 42.60
CA ARG K 108 50.73 23.40 42.30
C ARG K 108 50.96 24.72 43.08
N ALA K 109 52.09 25.36 42.77
CA ALA K 109 52.46 26.63 43.41
C ALA K 109 51.52 27.72 42.90
N ASP K 110 51.06 28.61 43.78
CA ASP K 110 50.17 29.68 43.33
C ASP K 110 50.83 30.54 42.25
N ALA K 111 50.00 31.20 41.45
CA ALA K 111 50.49 32.07 40.39
C ALA K 111 49.42 33.13 40.16
N ALA K 112 49.84 34.33 39.80
CA ALA K 112 48.89 35.40 39.56
C ALA K 112 48.59 35.45 38.06
N PRO K 113 47.35 35.81 37.73
CA PRO K 113 46.93 35.90 36.33
C PRO K 113 47.82 36.79 35.49
N THR K 114 47.54 36.78 34.19
CA THR K 114 48.27 37.60 33.26
C THR K 114 47.15 38.22 32.45
N VAL K 115 46.75 39.41 32.88
CA VAL K 115 45.65 40.15 32.27
C VAL K 115 45.96 40.85 30.97
N SER K 116 44.93 40.96 30.14
CA SER K 116 45.05 41.61 28.86
C SER K 116 43.65 42.04 28.48
N ILE K 117 43.49 43.32 28.23
CA ILE K 117 42.18 43.83 27.88
C ILE K 117 42.20 44.17 26.40
N PHE K 118 41.06 43.96 25.75
CA PHE K 118 40.92 44.22 24.33
C PHE K 118 39.68 45.01 24.00
N PRO K 119 39.85 46.14 23.29
CA PRO K 119 38.78 47.02 22.88
C PRO K 119 38.10 46.46 21.63
N PRO K 120 36.77 46.61 21.52
CA PRO K 120 36.01 46.10 20.37
C PRO K 120 36.79 46.26 19.08
N SER K 121 36.80 45.23 18.23
CA SER K 121 37.50 45.35 16.98
C SER K 121 36.66 46.19 16.04
N SER K 122 37.35 46.92 15.17
CA SER K 122 36.70 47.77 14.19
C SER K 122 35.53 47.03 13.56
N GLU K 123 35.82 45.85 13.03
CA GLU K 123 34.80 45.05 12.39
C GLU K 123 33.53 44.95 13.23
N GLN K 124 33.65 44.42 14.43
CA GLN K 124 32.48 44.26 15.27
C GLN K 124 31.63 45.53 15.32
N LEU K 125 32.31 46.67 15.30
CA LEU K 125 31.64 47.96 15.37
C LEU K 125 30.80 48.29 14.14
N THR K 126 31.33 47.89 12.99
CA THR K 126 30.65 48.13 11.74
C THR K 126 29.29 47.43 11.70
N SER K 127 28.95 46.70 12.75
CA SER K 127 27.67 46.00 12.78
C SER K 127 26.83 46.48 13.95
N GLY K 128 27.31 47.53 14.60
CA GLY K 128 26.59 48.09 15.73
C GLY K 128 26.88 47.32 17.01
N GLY K 129 27.85 46.41 16.94
CA GLY K 129 28.19 45.63 18.11
C GLY K 129 29.39 46.20 18.84
N ALA K 130 29.53 45.90 20.13
CA ALA K 130 30.68 46.38 20.92
C ALA K 130 31.10 45.45 22.07
N SER K 131 32.15 44.67 21.86
CA SER K 131 32.61 43.77 22.90
C SER K 131 34.04 43.99 23.36
N VAL K 132 34.19 44.16 24.66
CA VAL K 132 35.49 44.36 25.27
C VAL K 132 35.77 43.09 26.03
N VAL K 133 36.88 42.44 25.70
CA VAL K 133 37.22 41.20 26.36
C VAL K 133 38.44 41.40 27.22
N CYS K 134 38.68 40.44 28.10
CA CYS K 134 39.83 40.51 28.96
C CYS K 134 40.19 39.11 29.41
N PHE K 135 41.45 38.74 29.22
CA PHE K 135 41.94 37.42 29.60
C PHE K 135 42.80 37.49 30.84
N LEU K 136 42.48 36.63 31.80
CA LEU K 136 43.26 36.51 33.03
C LEU K 136 43.77 35.09 32.84
N ASN K 137 45.01 34.99 32.39
CA ASN K 137 45.55 33.69 32.10
C ASN K 137 46.63 33.13 32.97
N ASN K 138 46.54 31.81 33.16
CA ASN K 138 47.53 31.07 33.91
C ASN K 138 47.68 31.42 35.36
N PHE K 139 46.59 31.32 36.12
CA PHE K 139 46.70 31.58 37.54
C PHE K 139 46.62 30.29 38.33
N TYR K 140 46.29 30.42 39.62
CA TYR K 140 46.14 29.29 40.56
C TYR K 140 46.18 29.85 41.97
N PRO K 141 45.17 29.57 42.79
CA PRO K 141 43.94 28.77 42.62
C PRO K 141 43.00 29.17 41.50
N LYS K 142 41.98 28.35 41.32
CA LYS K 142 40.96 28.56 40.30
C LYS K 142 40.12 29.78 40.66
N ASP K 143 40.01 30.03 41.96
CA ASP K 143 39.21 31.16 42.41
C ASP K 143 39.83 32.53 42.10
N ILE K 144 39.07 33.32 41.35
CA ILE K 144 39.49 34.66 40.98
C ILE K 144 38.24 35.46 40.65
N ASN K 145 38.34 36.76 40.83
CA ASN K 145 37.23 37.67 40.56
C ASN K 145 37.58 38.78 39.59
N VAL K 146 36.57 39.15 38.80
CA VAL K 146 36.72 40.18 37.79
C VAL K 146 35.68 41.27 37.96
N LYS K 147 36.14 42.51 37.88
CA LYS K 147 35.27 43.67 38.00
C LYS K 147 35.53 44.57 36.80
N TRP K 148 34.47 45.17 36.28
CA TRP K 148 34.64 46.07 35.15
C TRP K 148 34.22 47.47 35.59
N LYS K 149 34.95 48.47 35.10
CA LYS K 149 34.67 49.87 35.39
C LYS K 149 34.71 50.75 34.15
N ILE K 150 33.54 51.24 33.75
CA ILE K 150 33.42 52.12 32.61
C ILE K 150 33.52 53.54 33.18
N ASP K 151 34.72 54.11 33.16
CA ASP K 151 34.95 55.43 33.71
C ASP K 151 34.82 55.36 35.22
N GLY K 152 35.63 54.53 35.86
CA GLY K 152 35.60 54.41 37.31
C GLY K 152 34.36 53.90 38.02
N SER K 153 33.25 53.69 37.31
CA SER K 153 32.04 53.19 37.96
C SER K 153 31.85 51.72 37.62
N GLU K 154 31.31 50.95 38.55
CA GLU K 154 31.10 49.52 38.34
C GLU K 154 30.19 49.21 37.16
N ARG K 155 30.27 47.96 36.72
CA ARG K 155 29.46 47.50 35.62
C ARG K 155 29.25 46.00 35.80
N GLN K 156 27.98 45.61 35.97
CA GLN K 156 27.60 44.21 36.17
C GLN K 156 26.86 43.67 34.96
N ASN K 157 26.30 44.57 34.17
CA ASN K 157 25.51 44.20 33.00
C ASN K 157 26.35 43.85 31.77
N GLY K 158 25.83 42.93 30.95
CA GLY K 158 26.50 42.54 29.72
C GLY K 158 27.87 41.88 29.79
N VAL K 159 28.30 41.51 30.99
CA VAL K 159 29.59 40.86 31.18
C VAL K 159 29.41 39.36 31.33
N LEU K 160 30.26 38.60 30.65
CA LEU K 160 30.19 37.14 30.69
C LEU K 160 31.55 36.51 30.85
N ASN K 161 31.60 35.48 31.69
CA ASN K 161 32.84 34.78 31.99
C ASN K 161 32.85 33.29 31.68
N SER K 162 34.03 32.69 31.80
CA SER K 162 34.19 31.28 31.59
C SER K 162 35.66 30.92 31.80
N TRP K 163 35.89 29.82 32.52
CA TRP K 163 37.25 29.34 32.78
C TRP K 163 37.52 28.11 31.94
N THR K 164 38.80 27.78 31.80
CA THR K 164 39.18 26.60 31.05
C THR K 164 39.29 25.51 32.13
N ASP K 165 40.09 24.49 31.85
CA ASP K 165 40.29 23.42 32.82
C ASP K 165 41.77 23.41 33.04
N GLN K 166 42.16 23.19 34.27
CA GLN K 166 43.57 23.12 34.64
C GLN K 166 44.25 22.54 33.41
N ASP K 167 45.17 23.24 32.78
CA ASP K 167 45.76 22.64 31.59
C ASP K 167 46.83 21.60 31.94
N SER K 168 47.30 20.90 30.92
CA SER K 168 48.24 19.82 31.12
C SER K 168 49.70 20.15 31.19
N LYS K 169 50.07 21.38 30.89
CA LYS K 169 51.49 21.71 30.92
C LYS K 169 51.96 22.35 32.20
N ASP K 170 51.07 23.08 32.86
CA ASP K 170 51.44 23.75 34.10
C ASP K 170 50.36 23.72 35.14
N SER K 171 49.31 22.97 34.87
CA SER K 171 48.21 22.87 35.83
C SER K 171 47.58 24.20 36.25
N THR K 172 47.75 25.26 35.45
CA THR K 172 47.15 26.56 35.79
C THR K 172 45.76 26.66 35.18
N TYR K 173 45.07 27.75 35.45
CA TYR K 173 43.75 27.97 34.88
C TYR K 173 43.79 29.26 34.06
N SER K 174 42.65 29.60 33.49
CA SER K 174 42.54 30.82 32.72
C SER K 174 41.07 31.13 32.66
N MET K 175 40.75 32.41 32.60
CA MET K 175 39.38 32.83 32.55
C MET K 175 39.26 33.98 31.61
N SER K 176 38.06 34.19 31.10
CA SER K 176 37.86 35.28 30.18
C SER K 176 36.50 35.87 30.40
N SER K 177 36.50 37.13 30.82
CA SER K 177 35.25 37.86 31.02
C SER K 177 35.24 38.80 29.84
N THR K 178 34.07 39.02 29.31
CA THR K 178 33.97 39.87 28.17
C THR K 178 32.74 40.74 28.30
N LEU K 179 32.99 42.05 28.20
CA LEU K 179 31.96 43.08 28.29
C LEU K 179 31.40 43.38 26.92
N THR K 180 30.10 43.22 26.79
CA THR K 180 29.44 43.45 25.52
C THR K 180 28.31 44.45 25.66
N LEU K 181 28.25 45.39 24.72
CA LEU K 181 27.21 46.43 24.71
C LEU K 181 27.00 47.11 23.35
N THR K 182 26.06 48.08 23.32
CA THR K 182 25.73 48.81 22.10
C THR K 182 26.81 49.77 21.69
N LYS K 183 27.11 49.79 20.40
CA LYS K 183 28.13 50.69 19.86
C LYS K 183 27.97 52.07 20.47
N ASP K 184 26.73 52.58 20.43
CA ASP K 184 26.42 53.88 20.98
C ASP K 184 26.85 53.96 22.44
N GLU K 185 26.33 53.04 23.26
CA GLU K 185 26.66 52.98 24.67
C GLU K 185 28.17 52.86 24.85
N TYR K 186 28.82 52.20 23.91
CA TYR K 186 30.25 52.03 24.00
C TYR K 186 30.94 53.38 23.94
N GLU K 187 30.54 54.21 22.98
CA GLU K 187 31.14 55.52 22.82
C GLU K 187 30.69 56.57 23.83
N ARG K 188 29.57 56.35 24.50
CA ARG K 188 29.12 57.32 25.49
C ARG K 188 30.08 57.30 26.67
N HIS K 189 31.17 56.52 26.52
CA HIS K 189 32.15 56.42 27.57
C HIS K 189 33.58 56.41 27.09
N ASN K 190 34.48 56.76 28.02
CA ASN K 190 35.90 56.92 27.76
C ASN K 190 36.84 55.78 28.09
N SER K 191 37.16 55.66 29.37
CA SER K 191 38.09 54.65 29.83
C SER K 191 37.41 53.35 30.26
N TYR K 192 37.92 52.25 29.71
CA TYR K 192 37.43 50.92 30.02
C TYR K 192 38.53 50.24 30.78
N THR K 193 38.17 49.72 31.95
CA THR K 193 39.15 49.04 32.77
C THR K 193 38.75 47.63 33.23
N CYS K 194 39.76 46.78 33.46
CA CYS K 194 39.53 45.40 33.89
C CYS K 194 40.16 45.10 35.25
N GLU K 195 39.31 44.72 36.19
CA GLU K 195 39.71 44.45 37.58
C GLU K 195 39.92 42.97 37.96
N ALA K 196 41.15 42.60 38.29
CA ALA K 196 41.46 41.22 38.64
C ALA K 196 41.88 41.01 40.08
N THR K 197 40.93 40.65 40.93
CA THR K 197 41.21 40.41 42.34
C THR K 197 41.42 38.92 42.61
N HIS K 198 42.68 38.51 42.64
CA HIS K 198 42.96 37.10 42.86
C HIS K 198 43.12 36.77 44.35
N LYS K 199 44.24 36.16 44.69
CA LYS K 199 44.51 35.75 46.06
C LYS K 199 46.02 35.72 46.26
N THR K 200 46.76 36.23 45.27
CA THR K 200 48.23 36.30 45.34
C THR K 200 48.72 37.72 45.64
N SER K 201 47.79 38.64 45.86
CA SER K 201 48.08 40.04 46.20
C SER K 201 46.78 40.74 46.64
N THR K 202 46.84 41.47 47.76
CA THR K 202 45.66 42.18 48.26
C THR K 202 45.42 43.37 47.34
N SER K 203 46.44 43.65 46.54
CA SER K 203 46.44 44.72 45.56
C SER K 203 46.18 44.14 44.17
N PRO K 204 44.93 44.19 43.71
CA PRO K 204 44.46 43.69 42.41
C PRO K 204 45.22 44.14 41.17
N ILE K 205 45.28 43.23 40.21
CA ILE K 205 45.92 43.49 38.93
C ILE K 205 44.89 44.20 38.07
N VAL K 206 45.31 45.31 37.47
CA VAL K 206 44.40 46.09 36.64
C VAL K 206 44.97 46.34 35.24
N LYS K 207 44.06 46.39 34.27
CA LYS K 207 44.43 46.66 32.89
C LYS K 207 43.27 47.41 32.26
N SER K 208 43.60 48.45 31.51
CA SER K 208 42.55 49.23 30.86
C SER K 208 43.08 50.09 29.72
N PHE K 209 42.16 50.60 28.93
CA PHE K 209 42.49 51.45 27.81
C PHE K 209 41.53 52.63 27.84
N ASN K 210 41.85 53.66 27.07
CA ASN K 210 41.04 54.87 27.00
C ASN K 210 40.53 55.01 25.56
N ARG K 211 39.24 54.76 25.38
CA ARG K 211 38.59 54.82 24.06
C ARG K 211 39.01 56.04 23.28
N ASN K 212 39.24 57.13 24.00
CA ASN K 212 39.61 58.42 23.42
C ASN K 212 41.07 58.50 23.01
N GLU K 213 41.94 57.95 23.85
CA GLU K 213 43.38 57.96 23.62
C GLU K 213 43.78 57.10 22.43
N CYS K 214 42.77 56.52 21.78
CA CYS K 214 42.97 55.66 20.61
C CYS K 214 43.97 56.19 19.60
N GLN L 1 45.17 1.16 10.61
CA GLN L 1 43.79 1.67 10.62
C GLN L 1 42.75 0.69 11.12
N VAL L 2 41.72 1.28 11.71
CA VAL L 2 40.54 0.60 12.23
C VAL L 2 39.87 1.81 12.82
N GLN L 3 38.87 2.33 12.11
CA GLN L 3 38.18 3.54 12.54
C GLN L 3 36.66 3.56 12.54
N LEU L 4 36.12 4.37 13.44
CA LEU L 4 34.68 4.53 13.57
C LEU L 4 34.35 5.99 13.30
N GLN L 5 33.92 6.25 12.08
CA GLN L 5 33.58 7.61 11.67
C GLN L 5 32.15 8.06 11.93
N GLN L 6 32.01 9.17 12.67
CA GLN L 6 30.68 9.70 12.93
C GLN L 6 30.60 11.24 13.00
N PRO L 7 29.56 11.82 12.37
CA PRO L 7 29.31 13.25 12.34
C PRO L 7 29.58 13.91 13.66
N GLY L 8 30.06 15.15 13.61
CA GLY L 8 30.34 15.86 14.85
C GLY L 8 29.12 16.41 15.54
N THR L 9 28.13 16.83 14.76
CA THR L 9 26.93 17.41 15.35
C THR L 9 25.64 17.04 14.66
N GLU L 10 24.55 17.13 15.41
CA GLU L 10 23.21 16.86 14.93
C GLU L 10 22.27 17.78 15.69
N LEU L 11 21.49 18.58 14.95
CA LEU L 11 20.54 19.47 15.58
C LEU L 11 19.18 18.92 15.21
N VAL L 12 18.29 18.85 16.18
CA VAL L 12 16.98 18.32 15.88
C VAL L 12 15.88 18.97 16.69
N ARG L 13 14.75 19.19 16.02
CA ARG L 13 13.62 19.80 16.66
C ARG L 13 13.03 18.79 17.63
N PRO L 14 12.73 19.21 18.86
CA PRO L 14 12.16 18.25 19.80
C PRO L 14 11.08 17.42 19.13
N GLY L 15 11.09 16.12 19.41
CA GLY L 15 10.12 15.23 18.81
C GLY L 15 10.34 14.97 17.34
N ALA L 16 11.60 14.96 16.92
CA ALA L 16 11.92 14.69 15.54
C ALA L 16 12.81 13.45 15.58
N SER L 17 12.84 12.68 14.51
CA SER L 17 13.67 11.49 14.55
C SER L 17 15.13 11.84 14.31
N VAL L 18 15.98 11.29 15.14
CA VAL L 18 17.42 11.53 15.07
C VAL L 18 18.17 10.29 14.67
N ILE L 19 18.96 10.38 13.62
CA ILE L 19 19.74 9.22 13.21
C ILE L 19 21.22 9.43 13.38
N LEU L 20 21.83 8.50 14.12
CA LEU L 20 23.26 8.59 14.35
C LEU L 20 23.92 7.53 13.50
N SER L 21 24.76 7.96 12.57
CA SER L 21 25.45 7.02 11.72
C SER L 21 26.86 6.84 12.26
N CYS L 22 27.42 5.66 12.04
CA CYS L 22 28.76 5.32 12.48
C CYS L 22 29.30 4.41 11.42
N LYS L 23 30.30 4.87 10.67
CA LYS L 23 30.84 4.05 9.60
C LYS L 23 32.19 3.42 9.91
N ALA L 24 32.22 2.09 9.89
CA ALA L 24 33.43 1.32 10.17
C ALA L 24 34.38 1.32 8.99
N SER L 25 35.61 0.89 9.25
CA SER L 25 36.67 0.79 8.24
C SER L 25 37.91 0.22 8.91
N GLY L 26 38.75 -0.44 8.13
CA GLY L 26 39.96 -1.00 8.70
C GLY L 26 39.83 -2.38 9.31
N TYR L 27 38.61 -2.91 9.34
CA TYR L 27 38.39 -4.24 9.90
C TYR L 27 37.15 -4.87 9.27
N THR L 28 36.94 -6.17 9.52
CA THR L 28 35.77 -6.83 8.96
C THR L 28 34.52 -6.53 9.79
N PHE L 29 33.78 -5.55 9.32
CA PHE L 29 32.57 -5.06 9.97
C PHE L 29 31.68 -6.08 10.68
N THR L 30 31.35 -7.16 9.97
CA THR L 30 30.48 -8.22 10.50
C THR L 30 31.09 -9.16 11.51
N SER L 31 32.37 -8.98 11.80
CA SER L 31 33.03 -9.84 12.76
C SER L 31 33.06 -9.21 14.14
N TYR L 32 32.64 -7.96 14.27
CA TYR L 32 32.70 -7.27 15.56
C TYR L 32 31.46 -6.55 16.02
N TRP L 33 31.29 -6.51 17.34
CA TRP L 33 30.18 -5.81 17.97
C TRP L 33 30.39 -4.31 17.85
N ILE L 34 29.31 -3.56 18.10
CA ILE L 34 29.33 -2.10 18.12
C ILE L 34 28.58 -1.70 19.38
N ASN L 35 29.28 -1.06 20.30
CA ASN L 35 28.64 -0.66 21.53
C ASN L 35 28.43 0.81 21.57
N TRP L 36 27.19 1.20 21.82
CA TRP L 36 26.87 2.61 21.86
C TRP L 36 26.77 3.11 23.28
N VAL L 37 27.53 4.15 23.57
CA VAL L 37 27.49 4.74 24.89
C VAL L 37 27.19 6.23 24.71
N LYS L 38 26.30 6.72 25.55
CA LYS L 38 25.86 8.12 25.54
C LYS L 38 26.41 8.84 26.76
N GLN L 39 26.73 10.12 26.58
CA GLN L 39 27.28 10.90 27.68
C GLN L 39 26.83 12.35 27.61
N ARG L 40 26.26 12.82 28.72
CA ARG L 40 25.78 14.18 28.80
C ARG L 40 26.86 15.07 29.37
N PRO L 41 26.88 16.36 28.97
CA PRO L 41 27.87 17.33 29.44
C PRO L 41 28.27 17.14 30.91
N GLY L 42 29.55 16.85 31.14
CA GLY L 42 30.06 16.63 32.48
C GLY L 42 29.19 15.63 33.24
N GLN L 43 29.15 14.41 32.73
CA GLN L 43 28.34 13.36 33.34
C GLN L 43 29.01 12.02 33.10
N GLY L 44 28.57 11.02 33.86
CA GLY L 44 29.11 9.69 33.69
C GLY L 44 28.67 9.13 32.36
N LEU L 45 29.27 8.01 31.98
CA LEU L 45 28.95 7.37 30.72
C LEU L 45 27.73 6.48 30.93
N GLU L 46 27.07 6.12 29.84
CA GLU L 46 25.89 5.28 29.94
C GLU L 46 25.87 4.28 28.82
N TRP L 47 25.93 2.99 29.14
CA TRP L 47 25.89 2.00 28.07
C TRP L 47 24.50 2.04 27.46
N VAL L 48 24.44 2.22 26.16
CA VAL L 48 23.14 2.29 25.51
C VAL L 48 22.67 0.88 25.13
N GLY L 49 23.49 0.17 24.39
CA GLY L 49 23.13 -1.17 23.97
C GLY L 49 24.16 -1.57 22.94
N ASN L 50 24.11 -2.81 22.48
CA ASN L 50 25.10 -3.26 21.50
C ASN L 50 24.41 -3.95 20.34
N ILE L 51 25.16 -4.20 19.29
CA ILE L 51 24.58 -4.86 18.14
C ILE L 51 25.68 -5.47 17.34
N PHE L 52 25.54 -6.76 17.09
CA PHE L 52 26.53 -7.49 16.31
C PHE L 52 25.99 -7.41 14.91
N PRO L 53 26.77 -6.90 13.96
CA PRO L 53 26.24 -6.86 12.59
C PRO L 53 26.10 -8.30 12.12
N SER L 54 26.08 -8.57 10.83
CA SER L 54 25.94 -9.95 10.34
C SER L 54 24.54 -10.52 10.62
N ASP L 55 24.22 -10.80 11.88
CA ASP L 55 22.92 -11.34 12.20
C ASP L 55 22.11 -10.30 12.98
N SER L 56 22.65 -9.09 13.02
CA SER L 56 22.02 -7.98 13.71
C SER L 56 21.44 -8.28 15.11
N TYR L 57 22.14 -9.15 15.86
CA TYR L 57 21.71 -9.49 17.22
C TYR L 57 21.93 -8.24 18.09
N THR L 58 21.02 -7.97 19.03
CA THR L 58 21.16 -6.76 19.84
C THR L 58 20.75 -6.91 21.29
N ASN L 59 21.30 -6.05 22.15
CA ASN L 59 20.98 -6.03 23.57
C ASN L 59 20.81 -4.58 23.92
N TYR L 60 19.70 -4.22 24.59
CA TYR L 60 19.48 -2.84 24.94
C TYR L 60 19.51 -2.63 26.45
N ASN L 61 20.06 -1.50 26.86
CA ASN L 61 20.08 -1.15 28.28
C ASN L 61 18.61 -0.85 28.47
N GLN L 62 18.07 -1.15 29.65
CA GLN L 62 16.66 -0.90 29.85
C GLN L 62 16.23 0.54 29.56
N LYS L 63 16.89 1.49 30.19
CA LYS L 63 16.58 2.92 30.04
C LYS L 63 16.25 3.38 28.63
N PHE L 64 16.77 2.69 27.63
CA PHE L 64 16.53 3.08 26.25
C PHE L 64 15.65 2.13 25.48
N LYS L 65 15.33 1.01 26.09
CA LYS L 65 14.52 -0.03 25.47
C LYS L 65 13.70 0.47 24.28
N ASP L 66 12.77 1.38 24.56
CA ASP L 66 11.88 1.89 23.53
C ASP L 66 12.18 3.29 22.99
N LYS L 67 13.25 3.92 23.44
CA LYS L 67 13.63 5.23 22.90
C LYS L 67 14.51 5.03 21.68
N ALA L 68 15.56 4.25 21.89
CA ALA L 68 16.57 3.95 20.88
C ALA L 68 16.35 2.71 20.04
N THR L 69 17.06 2.66 18.90
CA THR L 69 16.96 1.55 17.98
C THR L 69 18.21 1.40 17.11
N LEU L 70 19.02 0.41 17.47
CA LEU L 70 20.25 0.14 16.76
C LEU L 70 19.96 -0.70 15.54
N THR L 71 20.74 -0.51 14.48
CA THR L 71 20.58 -1.25 13.24
C THR L 71 21.87 -1.09 12.48
N VAL L 72 22.03 -1.82 11.39
CA VAL L 72 23.25 -1.73 10.60
C VAL L 72 22.98 -1.95 9.13
N ASP L 73 23.92 -1.55 8.30
CA ASP L 73 23.76 -1.77 6.87
C ASP L 73 25.02 -2.43 6.36
N LYS L 74 25.04 -3.74 6.49
CA LYS L 74 26.19 -4.53 6.07
C LYS L 74 26.87 -4.07 4.78
N SER L 75 26.09 -3.72 3.76
CA SER L 75 26.68 -3.30 2.50
C SER L 75 27.68 -2.17 2.65
N SER L 76 27.21 -1.04 3.19
CA SER L 76 28.06 0.14 3.41
C SER L 76 28.78 0.04 4.74
N SER L 77 28.75 -1.15 5.31
CA SER L 77 29.41 -1.41 6.58
C SER L 77 29.36 -0.24 7.56
N THR L 78 28.16 0.12 7.99
CA THR L 78 28.02 1.19 8.95
C THR L 78 26.81 0.90 9.84
N ALA L 79 26.85 1.36 11.08
CA ALA L 79 25.77 1.12 12.03
C ALA L 79 25.08 2.40 12.41
N TYR L 80 23.80 2.27 12.75
CA TYR L 80 23.03 3.44 13.10
C TYR L 80 22.27 3.29 14.39
N MET L 81 22.31 4.34 15.20
CA MET L 81 21.56 4.37 16.43
C MET L 81 20.51 5.40 16.15
N GLN L 82 19.25 5.04 16.39
CA GLN L 82 18.15 5.94 16.11
C GLN L 82 17.41 6.33 17.36
N VAL L 83 17.23 7.61 17.58
CA VAL L 83 16.52 8.04 18.76
C VAL L 83 15.16 8.56 18.34
N ASN L 84 14.15 8.21 19.13
CA ASN L 84 12.80 8.61 18.82
C ASN L 84 12.29 9.62 19.82
N SER L 85 11.53 10.58 19.30
CA SER L 85 10.94 11.64 20.10
C SER L 85 11.91 12.24 21.11
N PRO L 86 12.95 12.90 20.59
CA PRO L 86 14.02 13.57 21.32
C PRO L 86 13.48 14.63 22.27
N THR L 87 14.31 14.99 23.25
CA THR L 87 13.96 16.01 24.23
C THR L 87 15.30 16.46 24.83
N SER L 88 15.31 17.55 25.57
CA SER L 88 16.56 18.04 26.16
C SER L 88 17.32 16.95 26.91
N GLU L 89 16.59 15.99 27.49
CA GLU L 89 17.22 14.90 28.24
C GLU L 89 18.08 14.10 27.24
N ASP L 90 17.79 14.25 25.95
CA ASP L 90 18.52 13.55 24.91
C ASP L 90 19.71 14.29 24.33
N SER L 91 19.75 15.61 24.45
CA SER L 91 20.90 16.33 23.94
C SER L 91 22.10 15.79 24.71
N ALA L 92 23.06 15.26 23.97
CA ALA L 92 24.27 14.70 24.54
C ALA L 92 25.19 14.23 23.40
N VAL L 93 26.30 13.61 23.76
CA VAL L 93 27.22 13.11 22.75
C VAL L 93 27.13 11.58 22.77
N TYR L 94 27.11 10.99 21.57
CA TYR L 94 26.98 9.56 21.39
C TYR L 94 28.16 8.91 20.68
N TYR L 95 28.84 8.01 21.38
CA TYR L 95 29.97 7.33 20.78
C TYR L 95 29.60 5.92 20.40
N CYS L 96 30.08 5.50 19.25
CA CYS L 96 29.87 4.14 18.83
C CYS L 96 31.27 3.58 19.11
N THR L 97 31.37 2.35 19.60
CA THR L 97 32.67 1.80 19.92
C THR L 97 32.81 0.38 19.47
N ARG L 98 34.05 -0.07 19.44
CA ARG L 98 34.38 -1.42 19.03
C ARG L 98 35.46 -1.87 19.99
N GLY L 99 35.38 -3.12 20.42
CA GLY L 99 36.38 -3.61 21.36
C GLY L 99 37.53 -4.23 20.61
N ALA L 100 38.18 -5.19 21.26
CA ALA L 100 39.30 -5.89 20.65
C ALA L 100 39.78 -6.98 21.59
N ARG L 101 40.79 -7.71 21.12
CA ARG L 101 41.40 -8.81 21.84
C ARG L 101 41.41 -8.66 23.35
N ASP L 102 40.42 -9.24 24.01
CA ASP L 102 40.30 -9.21 25.46
C ASP L 102 39.60 -8.08 26.16
N THR L 103 38.91 -7.23 25.40
CA THR L 103 38.12 -6.13 25.96
C THR L 103 37.14 -5.55 25.04
N TRP L 104 36.49 -4.56 25.61
CA TRP L 104 35.48 -3.80 24.92
C TRP L 104 36.00 -2.37 24.93
N PHE L 105 35.42 -1.51 24.10
CA PHE L 105 35.81 -0.12 24.12
C PHE L 105 37.27 0.18 23.87
N ALA L 106 37.86 -0.56 22.96
CA ALA L 106 39.25 -0.33 22.63
C ALA L 106 39.28 0.81 21.63
N TYR L 107 38.26 0.89 20.78
CA TYR L 107 38.23 1.94 19.79
C TYR L 107 36.98 2.78 19.95
N TRP L 108 37.13 4.09 19.79
CA TRP L 108 35.98 4.98 19.93
C TRP L 108 35.73 5.86 18.73
N GLY L 109 34.45 6.08 18.44
CA GLY L 109 34.12 6.96 17.34
C GLY L 109 34.40 8.36 17.87
N GLN L 110 34.41 9.33 16.97
CA GLN L 110 34.66 10.70 17.36
C GLN L 110 33.65 11.20 18.43
N GLY L 111 32.40 10.78 18.27
CA GLY L 111 31.32 11.18 19.16
C GLY L 111 30.46 12.20 18.42
N THR L 112 29.14 12.08 18.49
CA THR L 112 28.30 13.05 17.80
C THR L 112 27.54 13.87 18.83
N LEU L 113 27.50 15.18 18.62
CA LEU L 113 26.81 16.02 19.57
C LEU L 113 25.43 16.32 19.07
N VAL L 114 24.44 15.77 19.75
CA VAL L 114 23.07 16.05 19.35
C VAL L 114 22.58 17.17 20.24
N THR L 115 21.90 18.10 19.58
CA THR L 115 21.33 19.26 20.23
C THR L 115 19.88 19.19 19.77
N VAL L 116 18.96 19.10 20.75
CA VAL L 116 17.52 19.07 20.46
C VAL L 116 17.02 20.47 20.78
N SER L 117 16.62 21.20 19.75
CA SER L 117 16.14 22.56 19.94
C SER L 117 15.41 23.10 18.73
N VAL L 118 14.59 24.10 19.01
CA VAL L 118 13.81 24.78 17.98
C VAL L 118 14.70 25.85 17.37
N ALA L 119 15.67 26.29 18.18
CA ALA L 119 16.63 27.31 17.78
C ALA L 119 17.19 27.02 16.39
N LYS L 120 17.39 28.07 15.62
CA LYS L 120 17.89 27.93 14.27
C LYS L 120 19.41 28.00 14.23
N THR L 121 19.99 27.15 13.41
CA THR L 121 21.43 27.14 13.28
C THR L 121 21.92 28.44 12.62
N THR L 122 22.86 29.12 13.28
CA THR L 122 23.41 30.36 12.76
C THR L 122 24.94 30.35 12.85
N PRO L 123 25.61 30.78 11.78
CA PRO L 123 27.07 30.80 11.77
C PRO L 123 27.64 31.85 12.71
N PRO L 124 28.91 31.69 13.10
CA PRO L 124 29.58 32.61 14.01
C PRO L 124 30.14 33.85 13.30
N SER L 125 30.41 34.88 14.10
CA SER L 125 31.01 36.10 13.60
C SER L 125 32.30 36.13 14.38
N VAL L 126 33.41 36.14 13.67
CA VAL L 126 34.67 36.15 14.36
C VAL L 126 35.41 37.49 14.24
N PHE L 127 35.60 38.12 15.40
CA PHE L 127 36.24 39.40 15.48
C PHE L 127 37.62 39.22 16.09
N PRO L 128 38.68 39.68 15.40
CA PRO L 128 40.06 39.56 15.90
C PRO L 128 40.32 40.47 17.08
N LEU L 129 41.21 40.05 17.97
CA LEU L 129 41.56 40.86 19.13
C LEU L 129 43.06 41.08 19.20
N ALA L 130 43.47 42.28 18.79
CA ALA L 130 44.89 42.68 18.82
C ALA L 130 45.08 43.65 19.99
N PRO L 131 46.32 43.83 20.46
CA PRO L 131 46.51 44.74 21.59
C PRO L 131 46.27 46.16 21.08
N GLY L 132 45.64 46.99 21.90
CA GLY L 132 45.39 48.36 21.48
C GLY L 132 46.66 49.17 21.18
N SER L 133 46.50 50.27 20.44
CA SER L 133 47.64 51.13 20.12
C SER L 133 48.13 51.64 21.47
N ALA L 134 47.15 51.97 22.31
CA ALA L 134 47.37 52.44 23.66
C ALA L 134 47.85 51.24 24.50
N ALA L 135 48.81 50.49 23.97
CA ALA L 135 49.36 49.31 24.64
C ALA L 135 50.89 49.36 24.72
N GLN L 136 51.44 48.79 25.79
CA GLN L 136 52.89 48.79 25.96
C GLN L 136 53.57 47.44 25.98
N THR L 137 54.80 47.48 25.47
CA THR L 137 55.69 46.33 25.37
C THR L 137 55.81 45.46 26.63
N ASN L 138 55.98 44.15 26.41
CA ASN L 138 56.18 43.16 27.47
C ASN L 138 57.20 42.18 26.91
N SER L 139 57.55 41.15 27.66
CA SER L 139 58.50 40.18 27.17
C SER L 139 57.80 39.31 26.14
N MET L 140 56.53 39.03 26.44
CA MET L 140 55.67 38.22 25.62
C MET L 140 54.54 39.08 25.11
N VAL L 141 53.78 38.53 24.17
CA VAL L 141 52.64 39.24 23.62
C VAL L 141 51.48 38.28 23.47
N THR L 142 50.28 38.73 23.84
CA THR L 142 49.13 37.85 23.71
C THR L 142 48.04 38.45 22.83
N LEU L 143 47.55 37.63 21.90
CA LEU L 143 46.48 38.03 20.99
C LEU L 143 45.26 37.17 21.27
N GLY L 144 44.54 36.84 20.22
CA GLY L 144 43.37 36.03 20.39
C GLY L 144 42.23 36.70 19.68
N CYS L 145 41.19 35.95 19.38
CA CYS L 145 40.04 36.54 18.72
C CYS L 145 38.81 35.95 19.35
N LEU L 146 37.64 36.52 19.08
CA LEU L 146 36.46 35.99 19.69
C LEU L 146 35.38 35.60 18.68
N VAL L 147 34.78 34.45 18.93
CA VAL L 147 33.72 33.90 18.09
C VAL L 147 32.40 34.19 18.77
N LYS L 148 31.55 34.95 18.08
CA LYS L 148 30.29 35.32 18.68
C LYS L 148 29.02 34.99 17.91
N GLY L 149 27.93 34.81 18.66
CA GLY L 149 26.60 34.53 18.13
C GLY L 149 26.35 33.43 17.11
N TYR L 150 26.78 32.21 17.42
CA TYR L 150 26.56 31.09 16.51
C TYR L 150 25.75 30.00 17.21
N PHE L 151 25.29 29.06 16.38
CA PHE L 151 24.50 27.97 16.88
C PHE L 151 24.37 26.90 15.80
N PRO L 152 24.45 25.62 16.19
CA PRO L 152 24.62 25.16 17.58
C PRO L 152 26.07 24.89 17.88
N GLU L 153 26.28 24.24 19.03
CA GLU L 153 27.62 23.83 19.42
C GLU L 153 27.94 22.69 18.44
N PRO L 154 29.22 22.43 18.17
CA PRO L 154 30.40 23.10 18.68
C PRO L 154 31.11 23.87 17.59
N VAL L 155 32.24 24.45 17.99
CA VAL L 155 33.09 25.21 17.11
C VAL L 155 34.53 24.88 17.47
N THR L 156 35.35 24.74 16.45
CA THR L 156 36.74 24.42 16.69
C THR L 156 37.57 25.57 16.17
N VAL L 157 38.60 25.91 16.95
CA VAL L 157 39.48 26.99 16.55
C VAL L 157 40.94 26.59 16.71
N THR L 158 41.77 27.06 15.79
CA THR L 158 43.18 26.76 15.86
C THR L 158 43.93 27.98 15.38
N TRP L 159 45.18 28.08 15.78
CA TRP L 159 46.00 29.21 15.36
C TRP L 159 47.06 28.80 14.35
N ASN L 160 47.11 29.56 13.26
CA ASN L 160 48.04 29.30 12.19
C ASN L 160 47.86 27.85 11.79
N SER L 161 46.60 27.50 11.53
CA SER L 161 46.25 26.16 11.09
C SER L 161 46.84 25.06 11.98
N GLY L 162 46.86 25.27 13.30
CA GLY L 162 47.38 24.23 14.17
C GLY L 162 48.85 24.30 14.54
N SER L 163 49.64 25.06 13.78
CA SER L 163 51.08 25.20 14.06
C SER L 163 51.25 25.65 15.51
N LEU L 164 50.50 26.67 15.88
CA LEU L 164 50.53 27.19 17.23
C LEU L 164 49.61 26.39 18.13
N SER L 165 50.19 25.64 19.06
CA SER L 165 49.39 24.83 19.98
C SER L 165 49.75 25.15 21.42
N SER L 166 50.99 25.59 21.62
CA SER L 166 51.47 25.94 22.96
C SER L 166 51.16 27.40 23.21
N GLY L 167 50.52 27.69 24.34
CA GLY L 167 50.20 29.07 24.67
C GLY L 167 48.83 29.53 24.21
N VAL L 168 48.02 28.60 23.74
CA VAL L 168 46.68 28.93 23.28
C VAL L 168 45.73 28.51 24.36
N HIS L 169 44.71 29.32 24.59
CA HIS L 169 43.69 28.99 25.58
C HIS L 169 42.38 29.30 24.93
N THR L 170 41.57 28.28 24.71
CA THR L 170 40.25 28.49 24.11
C THR L 170 39.25 28.28 25.22
N PHE L 171 38.34 29.22 25.36
CA PHE L 171 37.41 29.12 26.44
C PHE L 171 36.09 28.49 26.10
N PRO L 172 35.52 27.78 27.08
CA PRO L 172 34.23 27.10 26.90
C PRO L 172 33.17 28.15 26.56
N ALA L 173 32.38 27.84 25.53
CA ALA L 173 31.34 28.76 25.10
C ALA L 173 30.29 29.01 26.16
N VAL L 174 29.53 30.08 25.93
CA VAL L 174 28.43 30.47 26.82
C VAL L 174 27.21 30.71 25.93
N LEU L 175 26.06 30.29 26.43
CA LEU L 175 24.84 30.41 25.67
C LEU L 175 24.08 31.68 26.00
N GLN L 176 24.06 32.60 25.04
CA GLN L 176 23.36 33.87 25.19
C GLN L 176 22.07 33.76 24.37
N SER L 177 20.95 33.72 25.07
CA SER L 177 19.66 33.61 24.42
C SER L 177 19.75 32.92 23.07
N ASP L 178 19.94 31.61 23.10
CA ASP L 178 20.02 30.79 21.89
C ASP L 178 21.17 31.05 20.94
N LEU L 179 22.26 31.64 21.45
CA LEU L 179 23.43 31.89 20.62
C LEU L 179 24.68 31.79 21.44
N TYR L 180 25.54 30.85 21.06
CA TYR L 180 26.78 30.66 21.78
C TYR L 180 27.81 31.68 21.37
N THR L 181 28.81 31.81 22.21
CA THR L 181 29.88 32.74 21.95
C THR L 181 31.07 32.36 22.83
N LEU L 182 32.23 32.22 22.21
CA LEU L 182 33.43 31.87 22.95
C LEU L 182 34.61 32.65 22.40
N SER L 183 35.73 32.56 23.11
CA SER L 183 36.93 33.29 22.74
C SER L 183 38.18 32.46 22.96
N SER L 184 39.19 32.70 22.14
CA SER L 184 40.45 31.99 22.29
C SER L 184 41.60 32.96 22.20
N SER L 185 42.60 32.77 23.06
CA SER L 185 43.76 33.65 23.10
C SER L 185 45.04 32.90 22.81
N VAL L 186 46.07 33.64 22.45
CA VAL L 186 47.38 33.04 22.20
C VAL L 186 48.39 33.88 22.92
N THR L 187 49.66 33.52 22.83
CA THR L 187 50.72 34.28 23.47
C THR L 187 51.99 33.84 22.83
N VAL L 188 52.85 34.80 22.48
CA VAL L 188 54.13 34.52 21.82
C VAL L 188 55.23 35.55 22.10
N PRO L 189 56.45 35.26 21.63
CA PRO L 189 57.58 36.17 21.83
C PRO L 189 57.26 37.49 21.13
N SER L 190 57.39 38.58 21.86
CA SER L 190 57.09 39.91 21.31
C SER L 190 57.83 40.08 20.00
N SER L 191 58.93 39.34 19.88
CA SER L 191 59.74 39.35 18.67
C SER L 191 58.90 38.88 17.49
N THR L 192 58.51 37.61 17.55
CA THR L 192 57.70 36.92 16.54
C THR L 192 56.49 37.67 15.95
N TRP L 193 55.92 38.61 16.69
CA TRP L 193 54.78 39.35 16.18
C TRP L 193 54.97 40.85 16.34
N PRO L 194 54.54 41.63 15.34
CA PRO L 194 53.90 41.17 14.12
C PRO L 194 54.92 40.96 13.03
N SER L 195 56.16 40.79 13.43
CA SER L 195 57.22 40.54 12.46
C SER L 195 56.76 39.33 11.63
N GLU L 196 56.31 38.30 12.33
CA GLU L 196 55.80 37.11 11.67
C GLU L 196 54.30 37.27 11.69
N THR L 197 53.60 36.37 11.03
CA THR L 197 52.15 36.47 10.97
C THR L 197 51.41 35.43 11.80
N VAL L 198 50.32 35.89 12.42
CA VAL L 198 49.47 35.05 13.25
C VAL L 198 48.03 35.16 12.81
N THR L 199 47.34 34.04 12.82
CA THR L 199 45.95 34.03 12.40
C THR L 199 45.18 32.87 12.99
N CYS L 200 43.95 33.14 13.44
CA CYS L 200 43.11 32.08 14.02
C CYS L 200 42.19 31.50 12.97
N ASN L 201 42.09 30.18 12.97
CA ASN L 201 41.25 29.48 12.01
C ASN L 201 40.09 28.90 12.80
N VAL L 202 38.95 29.53 12.65
CA VAL L 202 37.77 29.07 13.35
C VAL L 202 36.86 28.31 12.39
N ALA L 203 36.41 27.14 12.85
CA ALA L 203 35.53 26.31 12.04
C ALA L 203 34.27 25.92 12.79
N HIS L 204 33.14 26.05 12.08
CA HIS L 204 31.81 25.73 12.57
C HIS L 204 31.18 24.84 11.52
N PRO L 205 31.46 23.53 11.60
CA PRO L 205 30.97 22.51 10.67
C PRO L 205 29.46 22.64 10.55
N ALA L 206 28.83 22.75 11.71
CA ALA L 206 27.38 22.88 11.80
C ALA L 206 26.79 23.80 10.70
N SER L 207 27.39 24.97 10.48
CA SER L 207 26.90 25.89 9.46
C SER L 207 27.75 25.82 8.20
N SER L 208 28.58 24.78 8.12
CA SER L 208 29.44 24.59 6.95
C SER L 208 30.21 25.86 6.66
N THR L 209 30.76 26.45 7.71
CA THR L 209 31.52 27.70 7.60
C THR L 209 32.89 27.55 8.21
N LYS L 210 33.85 28.27 7.64
CA LYS L 210 35.22 28.28 8.13
C LYS L 210 35.72 29.68 7.90
N VAL L 211 36.29 30.25 8.96
CA VAL L 211 36.79 31.61 8.88
C VAL L 211 38.21 31.74 9.41
N ASP L 212 38.96 32.62 8.75
CA ASP L 212 40.33 32.89 9.16
C ASP L 212 40.50 34.38 9.31
N LYS L 213 40.92 34.79 10.51
CA LYS L 213 41.16 36.19 10.80
C LYS L 213 42.63 36.35 11.10
N LYS L 214 43.29 37.24 10.37
CA LYS L 214 44.70 37.48 10.62
C LYS L 214 44.73 38.56 11.66
N ILE L 215 45.41 38.28 12.77
CA ILE L 215 45.50 39.30 13.80
C ILE L 215 46.59 40.25 13.35
N VAL L 216 46.17 41.48 13.08
CA VAL L 216 47.09 42.50 12.64
C VAL L 216 47.04 43.65 13.61
N PRO L 217 48.21 44.21 13.95
CA PRO L 217 48.35 45.34 14.87
C PRO L 217 47.37 46.44 14.54
N ARG L 218 46.48 46.71 15.49
CA ARG L 218 45.46 47.74 15.28
C ARG L 218 46.14 49.09 15.25
N ASP L 219 45.86 49.86 14.19
CA ASP L 219 46.44 51.18 14.00
C ASP L 219 45.37 52.28 14.02
N CYS L 220 45.78 53.48 14.45
CA CYS L 220 44.89 54.63 14.52
C CYS L 220 45.60 55.87 13.95
#